data_3MQR
# 
_entry.id   3MQR 
# 
_audit_conform.dict_name       mmcif_pdbx.dic 
_audit_conform.dict_version    5.379 
_audit_conform.dict_location   http://mmcif.pdb.org/dictionaries/ascii/mmcif_pdbx.dic 
# 
loop_
_database_2.database_id 
_database_2.database_code 
_database_2.pdbx_database_accession 
_database_2.pdbx_DOI 
PDB   3MQR         pdb_00003mqr 10.2210/pdb3mqr/pdb 
RCSB  RCSB058882   ?            ?                   
WWPDB D_1000058882 ?            ?                   
# 
_pdbx_database_related.db_name        PDB 
_pdbx_database_related.db_id          3MQS 
_pdbx_database_related.details        . 
_pdbx_database_related.content_type   unspecified 
# 
_pdbx_database_status.status_code                     REL 
_pdbx_database_status.entry_id                        3MQR 
_pdbx_database_status.recvd_initial_deposition_date   2010-04-28 
_pdbx_database_status.deposit_site                    RCSB 
_pdbx_database_status.process_site                    RCSB 
_pdbx_database_status.status_code_sf                  REL 
_pdbx_database_status.status_code_mr                  ? 
_pdbx_database_status.SG_entry                        ? 
_pdbx_database_status.pdb_format_compatible           Y 
_pdbx_database_status.status_code_cs                  ? 
_pdbx_database_status.status_code_nmr_data            ? 
_pdbx_database_status.methods_development_category    ? 
# 
_audit_author.name           'Saridakis, V.' 
_audit_author.pdbx_ordinal   1 
# 
_citation.id                        primary 
_citation.title                     'Crystal Structure Of USP7' 
_citation.journal_abbrev            'To be Published' 
_citation.journal_volume            ? 
_citation.page_first                ? 
_citation.page_last                 ? 
_citation.year                      ? 
_citation.journal_id_ASTM           ? 
_citation.country                   ? 
_citation.journal_id_ISSN           ? 
_citation.journal_id_CSD            0353 
_citation.book_publisher            ? 
_citation.pdbx_database_id_PubMed   ? 
_citation.pdbx_database_id_DOI      ? 
# 
loop_
_citation_author.citation_id 
_citation_author.name 
_citation_author.ordinal 
_citation_author.identifier_ORCID 
primary 'Sarkari, F.'      1 ? 
primary 'La Delfa, A.'     2 ? 
primary 'Arrowsmith, C.H.' 3 ? 
primary 'Frappier, L.'     4 ? 
primary 'Sheng, Y.'        5 ? 
primary 'Saridakis, V.'    6 ? 
# 
_cell.entry_id           3MQR 
_cell.length_a           69.760 
_cell.length_b           69.760 
_cell.length_c           45.493 
_cell.angle_alpha        90.00 
_cell.angle_beta         90.00 
_cell.angle_gamma        90.00 
_cell.Z_PDB              4 
_cell.pdbx_unique_axis   ? 
_cell.length_a_esd       ? 
_cell.length_b_esd       ? 
_cell.length_c_esd       ? 
_cell.angle_alpha_esd    ? 
_cell.angle_beta_esd     ? 
_cell.angle_gamma_esd    ? 
# 
_symmetry.entry_id                         3MQR 
_symmetry.space_group_name_H-M             'P 41' 
_symmetry.pdbx_full_space_group_name_H-M   ? 
_symmetry.cell_setting                     ? 
_symmetry.Int_Tables_number                76 
_symmetry.space_group_name_Hall            ? 
# 
loop_
_entity.id 
_entity.type 
_entity.src_method 
_entity.pdbx_description 
_entity.formula_weight 
_entity.pdbx_number_of_molecules 
_entity.pdbx_ec 
_entity.pdbx_mutation 
_entity.pdbx_fragment 
_entity.details 
1 polymer man 'Ubiquitin carboxyl-terminal hydrolase 7' 18133.102 1   3.1.2.15 ? 'UNP residues 54-205' ? 
2 polymer syn 'HdmX Peptide'                            1087.119  1   ?        ? ?                     ? 
3 water   nat water                                     18.015    107 ?        ? ?                     ? 
# 
_entity_name_com.entity_id   1 
_entity_name_com.name        
;Ubiquitin thioesterase 7, Ubiquitin-specific-processing protease 7, Deubiquitinating enzyme 7, Herpesvirus-associated ubiquitin-specific protease
;
# 
loop_
_entity_poly.entity_id 
_entity_poly.type 
_entity_poly.nstd_linkage 
_entity_poly.nstd_monomer 
_entity_poly.pdbx_seq_one_letter_code 
_entity_poly.pdbx_seq_one_letter_code_can 
_entity_poly.pdbx_strand_id 
_entity_poly.pdbx_target_identifier 
1 'polypeptide(L)' no no 
;GSHTAEEDMEDDTSWRSEATFQFTVERFSRLSESVLSPPCFVRNLPWKIMVMPRFYPDRPHQKSVGFFLQCNAESDSTSW
SCHAQAVLKIINYRDDEKSFSRRISHLFFHKENDWGFSNFMAWSEVTDPEKGFIDDDKVTFEVFVQADAPHGVAW
;
;GSHTAEEDMEDDTSWRSEATFQFTVERFSRLSESVLSPPCFVRNLPWKIMVMPRFYPDRPHQKSVGFFLQCNAESDSTSW
SCHAQAVLKIINYRDDEKSFSRRISHLFFHKENDWGFSNFMAWSEVTDPEKGFIDDDKVTFEVFVQADAPHGVAW
;
A ? 
2 'polypeptide(L)' no no LDLAHSSESQ LDLAHSSESQ B ? 
# 
loop_
_entity_poly_seq.entity_id 
_entity_poly_seq.num 
_entity_poly_seq.mon_id 
_entity_poly_seq.hetero 
1 1   GLY n 
1 2   SER n 
1 3   HIS n 
1 4   THR n 
1 5   ALA n 
1 6   GLU n 
1 7   GLU n 
1 8   ASP n 
1 9   MET n 
1 10  GLU n 
1 11  ASP n 
1 12  ASP n 
1 13  THR n 
1 14  SER n 
1 15  TRP n 
1 16  ARG n 
1 17  SER n 
1 18  GLU n 
1 19  ALA n 
1 20  THR n 
1 21  PHE n 
1 22  GLN n 
1 23  PHE n 
1 24  THR n 
1 25  VAL n 
1 26  GLU n 
1 27  ARG n 
1 28  PHE n 
1 29  SER n 
1 30  ARG n 
1 31  LEU n 
1 32  SER n 
1 33  GLU n 
1 34  SER n 
1 35  VAL n 
1 36  LEU n 
1 37  SER n 
1 38  PRO n 
1 39  PRO n 
1 40  CYS n 
1 41  PHE n 
1 42  VAL n 
1 43  ARG n 
1 44  ASN n 
1 45  LEU n 
1 46  PRO n 
1 47  TRP n 
1 48  LYS n 
1 49  ILE n 
1 50  MET n 
1 51  VAL n 
1 52  MET n 
1 53  PRO n 
1 54  ARG n 
1 55  PHE n 
1 56  TYR n 
1 57  PRO n 
1 58  ASP n 
1 59  ARG n 
1 60  PRO n 
1 61  HIS n 
1 62  GLN n 
1 63  LYS n 
1 64  SER n 
1 65  VAL n 
1 66  GLY n 
1 67  PHE n 
1 68  PHE n 
1 69  LEU n 
1 70  GLN n 
1 71  CYS n 
1 72  ASN n 
1 73  ALA n 
1 74  GLU n 
1 75  SER n 
1 76  ASP n 
1 77  SER n 
1 78  THR n 
1 79  SER n 
1 80  TRP n 
1 81  SER n 
1 82  CYS n 
1 83  HIS n 
1 84  ALA n 
1 85  GLN n 
1 86  ALA n 
1 87  VAL n 
1 88  LEU n 
1 89  LYS n 
1 90  ILE n 
1 91  ILE n 
1 92  ASN n 
1 93  TYR n 
1 94  ARG n 
1 95  ASP n 
1 96  ASP n 
1 97  GLU n 
1 98  LYS n 
1 99  SER n 
1 100 PHE n 
1 101 SER n 
1 102 ARG n 
1 103 ARG n 
1 104 ILE n 
1 105 SER n 
1 106 HIS n 
1 107 LEU n 
1 108 PHE n 
1 109 PHE n 
1 110 HIS n 
1 111 LYS n 
1 112 GLU n 
1 113 ASN n 
1 114 ASP n 
1 115 TRP n 
1 116 GLY n 
1 117 PHE n 
1 118 SER n 
1 119 ASN n 
1 120 PHE n 
1 121 MET n 
1 122 ALA n 
1 123 TRP n 
1 124 SER n 
1 125 GLU n 
1 126 VAL n 
1 127 THR n 
1 128 ASP n 
1 129 PRO n 
1 130 GLU n 
1 131 LYS n 
1 132 GLY n 
1 133 PHE n 
1 134 ILE n 
1 135 ASP n 
1 136 ASP n 
1 137 ASP n 
1 138 LYS n 
1 139 VAL n 
1 140 THR n 
1 141 PHE n 
1 142 GLU n 
1 143 VAL n 
1 144 PHE n 
1 145 VAL n 
1 146 GLN n 
1 147 ALA n 
1 148 ASP n 
1 149 ALA n 
1 150 PRO n 
1 151 HIS n 
1 152 GLY n 
1 153 VAL n 
1 154 ALA n 
1 155 TRP n 
2 1   LEU n 
2 2   ASP n 
2 3   LEU n 
2 4   ALA n 
2 5   HIS n 
2 6   SER n 
2 7   SER n 
2 8   GLU n 
2 9   SER n 
2 10  GLN n 
# 
_entity_src_gen.entity_id                          1 
_entity_src_gen.pdbx_src_id                        1 
_entity_src_gen.pdbx_alt_source_flag               sample 
_entity_src_gen.pdbx_seq_type                      ? 
_entity_src_gen.pdbx_beg_seq_num                   ? 
_entity_src_gen.pdbx_end_seq_num                   ? 
_entity_src_gen.gene_src_common_name               human 
_entity_src_gen.gene_src_genus                     ? 
_entity_src_gen.pdbx_gene_src_gene                 'HAUSP, USP7' 
_entity_src_gen.gene_src_species                   ? 
_entity_src_gen.gene_src_strain                    human 
_entity_src_gen.gene_src_tissue                    ? 
_entity_src_gen.gene_src_tissue_fraction           ? 
_entity_src_gen.gene_src_details                   ? 
_entity_src_gen.pdbx_gene_src_fragment             ? 
_entity_src_gen.pdbx_gene_src_scientific_name      'Homo sapiens' 
_entity_src_gen.pdbx_gene_src_ncbi_taxonomy_id     9606 
_entity_src_gen.pdbx_gene_src_variant              ? 
_entity_src_gen.pdbx_gene_src_cell_line            ? 
_entity_src_gen.pdbx_gene_src_atcc                 ? 
_entity_src_gen.pdbx_gene_src_organ                ? 
_entity_src_gen.pdbx_gene_src_organelle            ? 
_entity_src_gen.pdbx_gene_src_cell                 ? 
_entity_src_gen.pdbx_gene_src_cellular_location    ? 
_entity_src_gen.host_org_common_name               ? 
_entity_src_gen.pdbx_host_org_scientific_name      'Escherichia coli' 
_entity_src_gen.pdbx_host_org_ncbi_taxonomy_id     469008 
_entity_src_gen.host_org_genus                     ? 
_entity_src_gen.pdbx_host_org_gene                 ? 
_entity_src_gen.pdbx_host_org_organ                ? 
_entity_src_gen.host_org_species                   ? 
_entity_src_gen.pdbx_host_org_tissue               ? 
_entity_src_gen.pdbx_host_org_tissue_fraction      ? 
_entity_src_gen.pdbx_host_org_strain               'BL21(DE3)' 
_entity_src_gen.pdbx_host_org_variant              ? 
_entity_src_gen.pdbx_host_org_cell_line            ? 
_entity_src_gen.pdbx_host_org_atcc                 ? 
_entity_src_gen.pdbx_host_org_culture_collection   ? 
_entity_src_gen.pdbx_host_org_cell                 ? 
_entity_src_gen.pdbx_host_org_organelle            ? 
_entity_src_gen.pdbx_host_org_cellular_location    ? 
_entity_src_gen.pdbx_host_org_vector_type          pet15b 
_entity_src_gen.pdbx_host_org_vector               ? 
_entity_src_gen.host_org_details                   ? 
_entity_src_gen.expression_system_id               ? 
_entity_src_gen.plasmid_name                       ? 
_entity_src_gen.plasmid_details                    ? 
_entity_src_gen.pdbx_description                   ? 
# 
_pdbx_entity_src_syn.entity_id              2 
_pdbx_entity_src_syn.pdbx_src_id            1 
_pdbx_entity_src_syn.pdbx_alt_source_flag   sample 
_pdbx_entity_src_syn.pdbx_beg_seq_num       ? 
_pdbx_entity_src_syn.pdbx_end_seq_num       ? 
_pdbx_entity_src_syn.organism_scientific    'Homo sapiens' 
_pdbx_entity_src_syn.organism_common_name   human 
_pdbx_entity_src_syn.ncbi_taxonomy_id       9606 
_pdbx_entity_src_syn.details                ? 
# 
loop_
_struct_ref.id 
_struct_ref.db_name 
_struct_ref.db_code 
_struct_ref.pdbx_db_accession 
_struct_ref.entity_id 
_struct_ref.pdbx_seq_one_letter_code 
_struct_ref.pdbx_align_begin 
_struct_ref.pdbx_db_isoform 
1 UNP UBP7_HUMAN Q93009 1 
;TAEEDMEDDTSWRSEATFQFTVERFSRLSESVLSPPCFVRNLPWKIMVMPRFYPDRPHQKSVGFFLQCNAESDSTSWSCH
AQAVLKIINYRDDEKSFSRRISHLFFHKENDWGFSNFMAWSEVTDPEKGFIDDDKVTFEVFVQADAPHGVAW
;
54 ? 
2 PDB 3MQR       3MQR   2 LDLAHSSESQ ?  ? 
# 
loop_
_struct_ref_seq.align_id 
_struct_ref_seq.ref_id 
_struct_ref_seq.pdbx_PDB_id_code 
_struct_ref_seq.pdbx_strand_id 
_struct_ref_seq.seq_align_beg 
_struct_ref_seq.pdbx_seq_align_beg_ins_code 
_struct_ref_seq.seq_align_end 
_struct_ref_seq.pdbx_seq_align_end_ins_code 
_struct_ref_seq.pdbx_db_accession 
_struct_ref_seq.db_align_beg 
_struct_ref_seq.pdbx_db_align_beg_ins_code 
_struct_ref_seq.db_align_end 
_struct_ref_seq.pdbx_db_align_end_ins_code 
_struct_ref_seq.pdbx_auth_seq_align_beg 
_struct_ref_seq.pdbx_auth_seq_align_end 
1 1 3MQR A 4 ? 155 ? Q93009 54  ? 205 ? 54  205 
2 2 3MQR B 1 ? 10  ? 3MQR   395 ? 404 ? 395 404 
# 
loop_
_struct_ref_seq_dif.align_id 
_struct_ref_seq_dif.pdbx_pdb_id_code 
_struct_ref_seq_dif.mon_id 
_struct_ref_seq_dif.pdbx_pdb_strand_id 
_struct_ref_seq_dif.seq_num 
_struct_ref_seq_dif.pdbx_pdb_ins_code 
_struct_ref_seq_dif.pdbx_seq_db_name 
_struct_ref_seq_dif.pdbx_seq_db_accession_code 
_struct_ref_seq_dif.db_mon_id 
_struct_ref_seq_dif.pdbx_seq_db_seq_num 
_struct_ref_seq_dif.details 
_struct_ref_seq_dif.pdbx_auth_seq_num 
_struct_ref_seq_dif.pdbx_ordinal 
1 3MQR GLY A 1 ? UNP Q93009 ? ? 'expression tag' 51 1 
1 3MQR SER A 2 ? UNP Q93009 ? ? 'expression tag' 52 2 
1 3MQR HIS A 3 ? UNP Q93009 ? ? 'expression tag' 53 3 
# 
loop_
_chem_comp.id 
_chem_comp.type 
_chem_comp.mon_nstd_flag 
_chem_comp.name 
_chem_comp.pdbx_synonyms 
_chem_comp.formula 
_chem_comp.formula_weight 
ALA 'L-peptide linking' y ALANINE         ? 'C3 H7 N O2'     89.093  
ARG 'L-peptide linking' y ARGININE        ? 'C6 H15 N4 O2 1' 175.209 
ASN 'L-peptide linking' y ASPARAGINE      ? 'C4 H8 N2 O3'    132.118 
ASP 'L-peptide linking' y 'ASPARTIC ACID' ? 'C4 H7 N O4'     133.103 
CYS 'L-peptide linking' y CYSTEINE        ? 'C3 H7 N O2 S'   121.158 
GLN 'L-peptide linking' y GLUTAMINE       ? 'C5 H10 N2 O3'   146.144 
GLU 'L-peptide linking' y 'GLUTAMIC ACID' ? 'C5 H9 N O4'     147.129 
GLY 'peptide linking'   y GLYCINE         ? 'C2 H5 N O2'     75.067  
HIS 'L-peptide linking' y HISTIDINE       ? 'C6 H10 N3 O2 1' 156.162 
HOH non-polymer         . WATER           ? 'H2 O'           18.015  
ILE 'L-peptide linking' y ISOLEUCINE      ? 'C6 H13 N O2'    131.173 
LEU 'L-peptide linking' y LEUCINE         ? 'C6 H13 N O2'    131.173 
LYS 'L-peptide linking' y LYSINE          ? 'C6 H15 N2 O2 1' 147.195 
MET 'L-peptide linking' y METHIONINE      ? 'C5 H11 N O2 S'  149.211 
PHE 'L-peptide linking' y PHENYLALANINE   ? 'C9 H11 N O2'    165.189 
PRO 'L-peptide linking' y PROLINE         ? 'C5 H9 N O2'     115.130 
SER 'L-peptide linking' y SERINE          ? 'C3 H7 N O3'     105.093 
THR 'L-peptide linking' y THREONINE       ? 'C4 H9 N O3'     119.119 
TRP 'L-peptide linking' y TRYPTOPHAN      ? 'C11 H12 N2 O2'  204.225 
TYR 'L-peptide linking' y TYROSINE        ? 'C9 H11 N O3'    181.189 
VAL 'L-peptide linking' y VALINE          ? 'C5 H11 N O2'    117.146 
# 
_exptl.entry_id          3MQR 
_exptl.method            'X-RAY DIFFRACTION' 
_exptl.crystals_number   1 
# 
_exptl_crystal.id                    1 
_exptl_crystal.density_meas          ? 
_exptl_crystal.density_Matthews      3.09 
_exptl_crystal.density_percent_sol   60.22 
_exptl_crystal.description           ? 
_exptl_crystal.F_000                 ? 
_exptl_crystal.preparation           ? 
# 
_exptl_crystal_grow.crystal_id      1 
_exptl_crystal_grow.method          'VAPOR DIFFUSION, HANGING DROP' 
_exptl_crystal_grow.temp            293 
_exptl_crystal_grow.temp_details    ? 
_exptl_crystal_grow.pH              8.5 
_exptl_crystal_grow.pdbx_details    
'30% PEG4000, 0.2M Lithium sulfate, 0.1M Tris pH 8.5, VAPOR DIFFUSION, HANGING DROP, temperature 293K' 
_exptl_crystal_grow.pdbx_pH_range   ? 
# 
_diffrn.id                     1 
_diffrn.ambient_temp           100 
_diffrn.ambient_temp_details   ? 
_diffrn.crystal_id             1 
# 
_diffrn_detector.diffrn_id              1 
_diffrn_detector.detector               CCD 
_diffrn_detector.type                   SBC-2 
_diffrn_detector.pdbx_collection_date   ? 
_diffrn_detector.details                ? 
# 
_diffrn_radiation.diffrn_id                        1 
_diffrn_radiation.wavelength_id                    1 
_diffrn_radiation.pdbx_monochromatic_or_laue_m_l   M 
_diffrn_radiation.monochromator                    ? 
_diffrn_radiation.pdbx_diffrn_protocol             'SINGLE WAVELENGTH' 
_diffrn_radiation.pdbx_scattering_type             x-ray 
# 
_diffrn_radiation_wavelength.id           1 
_diffrn_radiation_wavelength.wavelength   . 
_diffrn_radiation_wavelength.wt           1.0 
# 
_diffrn_source.diffrn_id                   1 
_diffrn_source.source                      SYNCHROTRON 
_diffrn_source.type                        'APS BEAMLINE 19-ID' 
_diffrn_source.pdbx_synchrotron_site       APS 
_diffrn_source.pdbx_synchrotron_beamline   19-ID 
_diffrn_source.pdbx_wavelength             ? 
_diffrn_source.pdbx_wavelength_list        ? 
# 
_reflns.entry_id                     3MQR 
_reflns.observed_criterion_sigma_I   ? 
_reflns.observed_criterion_sigma_F   ? 
_reflns.d_resolution_low             40.0 
_reflns.d_resolution_high            1.8 
_reflns.number_obs                   21185 
_reflns.number_all                   ? 
_reflns.percent_possible_obs         ? 
_reflns.pdbx_Rmerge_I_obs            ? 
_reflns.pdbx_Rsym_value              0.055 
_reflns.pdbx_netI_over_sigmaI        6.1 
_reflns.B_iso_Wilson_estimate        12.2 
_reflns.pdbx_redundancy              3.5 
_reflns.R_free_details               ? 
_reflns.limit_h_max                  ? 
_reflns.limit_h_min                  ? 
_reflns.limit_k_max                  ? 
_reflns.limit_k_min                  ? 
_reflns.limit_l_max                  ? 
_reflns.limit_l_min                  ? 
_reflns.observed_criterion_F_max     ? 
_reflns.observed_criterion_F_min     ? 
_reflns.pdbx_chi_squared             ? 
_reflns.pdbx_scaling_rejects         ? 
_reflns.pdbx_diffrn_id               1 
_reflns.pdbx_ordinal                 1 
# 
_refine.entry_id                                 3MQR 
_refine.ls_number_reflns_obs                     20114 
_refine.ls_number_reflns_all                     ? 
_refine.pdbx_ls_sigma_I                          ? 
_refine.pdbx_ls_sigma_F                          0.0 
_refine.pdbx_data_cutoff_high_absF               92329.90 
_refine.pdbx_data_cutoff_low_absF                0.000000 
_refine.pdbx_data_cutoff_high_rms_absF           ? 
_refine.ls_d_res_low                             38.11 
_refine.ls_d_res_high                            1.80 
_refine.ls_percent_reflns_obs                    98.3 
_refine.ls_R_factor_obs                          0.202 
_refine.ls_R_factor_all                          ? 
_refine.ls_R_factor_R_work                       0.202 
_refine.ls_R_factor_R_free                       0.228 
_refine.ls_R_factor_R_free_error                 0.007 
_refine.ls_R_factor_R_free_error_details         ? 
_refine.ls_percent_reflns_R_free                 4.9 
_refine.ls_number_reflns_R_free                  980 
_refine.ls_number_parameters                     ? 
_refine.ls_number_restraints                     ? 
_refine.occupancy_min                            ? 
_refine.occupancy_max                            ? 
_refine.correlation_coeff_Fo_to_Fc               ? 
_refine.correlation_coeff_Fo_to_Fc_free          ? 
_refine.B_iso_mean                               18.2 
_refine.aniso_B[1][1]                            0.65 
_refine.aniso_B[2][2]                            0.65 
_refine.aniso_B[3][3]                            -1.30 
_refine.aniso_B[1][2]                            0.00 
_refine.aniso_B[1][3]                            0.00 
_refine.aniso_B[2][3]                            0.00 
_refine.solvent_model_details                    'FLAT MODEL' 
_refine.solvent_model_param_ksol                 0.45 
_refine.solvent_model_param_bsol                 50.2194 
_refine.pdbx_solvent_vdw_probe_radii             ? 
_refine.pdbx_solvent_ion_probe_radii             ? 
_refine.pdbx_solvent_shrinkage_radii             ? 
_refine.pdbx_ls_cross_valid_method               THROUGHOUT 
_refine.details                                  'BULK SOLVENT MODEL USED' 
_refine.pdbx_starting_model                      'PDB entry 1YY6' 
_refine.pdbx_method_to_determine_struct          'MOLECULAR REPLACEMENT' 
_refine.pdbx_isotropic_thermal_model             RESTRAINED 
_refine.pdbx_stereochemistry_target_values       'Engh & Huber' 
_refine.pdbx_stereochem_target_val_spec_case     ? 
_refine.pdbx_R_Free_selection_details            RANDOM 
_refine.pdbx_overall_ESU_R_Free                  ? 
_refine.overall_SU_ML                            ? 
_refine.overall_SU_B                             ? 
_refine.overall_SU_R_Cruickshank_DPI             ? 
_refine.ls_redundancy_reflns_obs                 ? 
_refine.B_iso_min                                ? 
_refine.B_iso_max                                ? 
_refine.overall_SU_R_free                        ? 
_refine.ls_wR_factor_R_free                      ? 
_refine.ls_wR_factor_R_work                      ? 
_refine.overall_FOM_free_R_set                   ? 
_refine.overall_FOM_work_R_set                   ? 
_refine.pdbx_overall_phase_error                 ? 
_refine.pdbx_refine_id                           'X-RAY DIFFRACTION' 
_refine.pdbx_overall_ESU_R                       ? 
_refine.pdbx_diffrn_id                           1 
_refine.pdbx_TLS_residual_ADP_flag               ? 
_refine.pdbx_overall_SU_R_free_Cruickshank_DPI   ? 
_refine.pdbx_overall_SU_R_Blow_DPI               ? 
_refine.pdbx_overall_SU_R_free_Blow_DPI          ? 
# 
_refine_analyze.entry_id                        3MQR 
_refine_analyze.Luzzati_coordinate_error_obs    0.19 
_refine_analyze.Luzzati_sigma_a_obs             -0.06 
_refine_analyze.Luzzati_d_res_low_obs           5.00 
_refine_analyze.Luzzati_coordinate_error_free   0.22 
_refine_analyze.Luzzati_sigma_a_free            0.04 
_refine_analyze.Luzzati_d_res_low_free          ? 
_refine_analyze.number_disordered_residues      ? 
_refine_analyze.occupancy_sum_hydrogen          ? 
_refine_analyze.occupancy_sum_non_hydrogen      ? 
_refine_analyze.pdbx_Luzzati_d_res_high_obs     ? 
_refine_analyze.pdbx_refine_id                  'X-RAY DIFFRACTION' 
# 
_refine_hist.pdbx_refine_id                   'X-RAY DIFFRACTION' 
_refine_hist.cycle_id                         LAST 
_refine_hist.pdbx_number_atoms_protein        1161 
_refine_hist.pdbx_number_atoms_nucleic_acid   0 
_refine_hist.pdbx_number_atoms_ligand         0 
_refine_hist.number_atoms_solvent             107 
_refine_hist.number_atoms_total               1268 
_refine_hist.d_res_high                       1.80 
_refine_hist.d_res_low                        38.11 
# 
loop_
_refine_ls_restr.type 
_refine_ls_restr.dev_ideal 
_refine_ls_restr.dev_ideal_target 
_refine_ls_restr.weight 
_refine_ls_restr.number 
_refine_ls_restr.pdbx_refine_id 
_refine_ls_restr.pdbx_restraint_function 
c_bond_d                0.005 ? ? ? 'X-RAY DIFFRACTION' ? 
c_bond_d_na             ?     ? ? ? 'X-RAY DIFFRACTION' ? 
c_bond_d_prot           ?     ? ? ? 'X-RAY DIFFRACTION' ? 
c_angle_d               ?     ? ? ? 'X-RAY DIFFRACTION' ? 
c_angle_d_na            ?     ? ? ? 'X-RAY DIFFRACTION' ? 
c_angle_d_prot          ?     ? ? ? 'X-RAY DIFFRACTION' ? 
c_angle_deg             1.4   ? ? ? 'X-RAY DIFFRACTION' ? 
c_angle_deg_na          ?     ? ? ? 'X-RAY DIFFRACTION' ? 
c_angle_deg_prot        ?     ? ? ? 'X-RAY DIFFRACTION' ? 
c_dihedral_angle_d      25.2  ? ? ? 'X-RAY DIFFRACTION' ? 
c_dihedral_angle_d_na   ?     ? ? ? 'X-RAY DIFFRACTION' ? 
c_dihedral_angle_d_prot ?     ? ? ? 'X-RAY DIFFRACTION' ? 
c_improper_angle_d      0.86  ? ? ? 'X-RAY DIFFRACTION' ? 
c_improper_angle_d_na   ?     ? ? ? 'X-RAY DIFFRACTION' ? 
c_improper_angle_d_prot ?     ? ? ? 'X-RAY DIFFRACTION' ? 
c_mcbond_it             ?     ? ? ? 'X-RAY DIFFRACTION' ? 
c_mcangle_it            ?     ? ? ? 'X-RAY DIFFRACTION' ? 
c_scbond_it             ?     ? ? ? 'X-RAY DIFFRACTION' ? 
c_scangle_it            ?     ? ? ? 'X-RAY DIFFRACTION' ? 
# 
_refine_ls_shell.pdbx_total_number_of_bins_used   6 
_refine_ls_shell.d_res_high                       1.80 
_refine_ls_shell.d_res_low                        1.91 
_refine_ls_shell.number_reflns_R_work             3062 
_refine_ls_shell.R_factor_R_work                  0.208 
_refine_ls_shell.percent_reflns_obs               95.3 
_refine_ls_shell.R_factor_R_free                  0.236 
_refine_ls_shell.R_factor_R_free_error            0.019 
_refine_ls_shell.percent_reflns_R_free            4.7 
_refine_ls_shell.number_reflns_R_free             150 
_refine_ls_shell.number_reflns_all                ? 
_refine_ls_shell.R_factor_all                     ? 
_refine_ls_shell.number_reflns_obs                ? 
_refine_ls_shell.redundancy_reflns_obs            ? 
_refine_ls_shell.pdbx_refine_id                   'X-RAY DIFFRACTION' 
# 
loop_
_pdbx_xplor_file.serial_no 
_pdbx_xplor_file.param_file 
_pdbx_xplor_file.topol_file 
_pdbx_xplor_file.pdbx_refine_id 
1 protein_rep.param protein.top 'X-RAY DIFFRACTION' 
2 water_rep.param   water.top   'X-RAY DIFFRACTION' 
# 
_struct.entry_id                  3MQR 
_struct.title                     'Crystal Structure of the USP7:HdmX(AHSS) complex' 
_struct.pdbx_model_details        ? 
_struct.pdbx_CASP_flag            ? 
_struct.pdbx_model_type_details   ? 
# 
_struct_keywords.entry_id        3MQR 
_struct_keywords.pdbx_keywords   HYDROLASE 
_struct_keywords.text            'TRAF domain, HYDROLASE' 
# 
loop_
_struct_asym.id 
_struct_asym.pdbx_blank_PDB_chainid_flag 
_struct_asym.pdbx_modified 
_struct_asym.entity_id 
_struct_asym.details 
A N N 1 ? 
B N N 2 ? 
C N N 3 ? 
D N N 3 ? 
# 
_struct_biol.id        1 
_struct_biol.details   ? 
# 
loop_
_struct_conf.conf_type_id 
_struct_conf.id 
_struct_conf.pdbx_PDB_helix_id 
_struct_conf.beg_label_comp_id 
_struct_conf.beg_label_asym_id 
_struct_conf.beg_label_seq_id 
_struct_conf.pdbx_beg_PDB_ins_code 
_struct_conf.end_label_comp_id 
_struct_conf.end_label_asym_id 
_struct_conf.end_label_seq_id 
_struct_conf.pdbx_end_PDB_ins_code 
_struct_conf.beg_auth_comp_id 
_struct_conf.beg_auth_asym_id 
_struct_conf.beg_auth_seq_id 
_struct_conf.end_auth_comp_id 
_struct_conf.end_auth_asym_id 
_struct_conf.end_auth_seq_id 
_struct_conf.pdbx_PDB_helix_class 
_struct_conf.details 
_struct_conf.pdbx_PDB_helix_length 
HELX_P HELX_P1 1 ARG A 27  ? LEU A 31  ? ARG A 77  LEU A 81  5 ? 5 
HELX_P HELX_P2 2 ASP A 95  ? SER A 99  ? ASP A 145 SER A 149 5 ? 5 
HELX_P HELX_P3 3 TRP A 123 ? THR A 127 ? TRP A 173 THR A 177 1 ? 5 
# 
_struct_conf_type.id          HELX_P 
_struct_conf_type.criteria    ? 
_struct_conf_type.reference   ? 
# 
loop_
_struct_sheet.id 
_struct_sheet.type 
_struct_sheet.number_strands 
_struct_sheet.details 
A ? 4 ? 
B ? 3 ? 
C ? 4 ? 
# 
loop_
_struct_sheet_order.sheet_id 
_struct_sheet_order.range_id_1 
_struct_sheet_order.range_id_2 
_struct_sheet_order.offset 
_struct_sheet_order.sense 
A 1 2 ? anti-parallel 
A 2 3 ? anti-parallel 
A 3 4 ? anti-parallel 
B 1 2 ? anti-parallel 
B 2 3 ? anti-parallel 
C 1 2 ? anti-parallel 
C 2 3 ? anti-parallel 
C 3 4 ? anti-parallel 
# 
loop_
_struct_sheet_range.sheet_id 
_struct_sheet_range.id 
_struct_sheet_range.beg_label_comp_id 
_struct_sheet_range.beg_label_asym_id 
_struct_sheet_range.beg_label_seq_id 
_struct_sheet_range.pdbx_beg_PDB_ins_code 
_struct_sheet_range.end_label_comp_id 
_struct_sheet_range.end_label_asym_id 
_struct_sheet_range.end_label_seq_id 
_struct_sheet_range.pdbx_end_PDB_ins_code 
_struct_sheet_range.beg_auth_comp_id 
_struct_sheet_range.beg_auth_asym_id 
_struct_sheet_range.beg_auth_seq_id 
_struct_sheet_range.end_auth_comp_id 
_struct_sheet_range.end_auth_asym_id 
_struct_sheet_range.end_auth_seq_id 
A 1 GLU A 18  ? VAL A 25  ? GLU A 68  VAL A 75  
A 2 VAL A 139 ? ALA A 147 ? VAL A 189 ALA A 197 
A 3 SER A 81  ? ILE A 90  ? SER A 131 ILE A 140 
A 4 PHE A 100 ? PHE A 109 ? PHE A 150 PHE A 159 
B 1 VAL A 35  ? LEU A 36  ? VAL A 85  LEU A 86  
B 2 LEU A 45  ? ARG A 54  ? LEU A 95  ARG A 104 
B 3 CYS A 40  ? VAL A 42  ? CYS A 90  VAL A 92  
C 1 VAL A 35  ? LEU A 36  ? VAL A 85  LEU A 86  
C 2 LEU A 45  ? ARG A 54  ? LEU A 95  ARG A 104 
C 3 SER A 64  ? CYS A 71  ? SER A 114 CYS A 121 
C 4 ASP A 114 ? ALA A 122 ? ASP A 164 ALA A 172 
# 
loop_
_pdbx_struct_sheet_hbond.sheet_id 
_pdbx_struct_sheet_hbond.range_id_1 
_pdbx_struct_sheet_hbond.range_id_2 
_pdbx_struct_sheet_hbond.range_1_label_atom_id 
_pdbx_struct_sheet_hbond.range_1_label_comp_id 
_pdbx_struct_sheet_hbond.range_1_label_asym_id 
_pdbx_struct_sheet_hbond.range_1_label_seq_id 
_pdbx_struct_sheet_hbond.range_1_PDB_ins_code 
_pdbx_struct_sheet_hbond.range_1_auth_atom_id 
_pdbx_struct_sheet_hbond.range_1_auth_comp_id 
_pdbx_struct_sheet_hbond.range_1_auth_asym_id 
_pdbx_struct_sheet_hbond.range_1_auth_seq_id 
_pdbx_struct_sheet_hbond.range_2_label_atom_id 
_pdbx_struct_sheet_hbond.range_2_label_comp_id 
_pdbx_struct_sheet_hbond.range_2_label_asym_id 
_pdbx_struct_sheet_hbond.range_2_label_seq_id 
_pdbx_struct_sheet_hbond.range_2_PDB_ins_code 
_pdbx_struct_sheet_hbond.range_2_auth_atom_id 
_pdbx_struct_sheet_hbond.range_2_auth_comp_id 
_pdbx_struct_sheet_hbond.range_2_auth_asym_id 
_pdbx_struct_sheet_hbond.range_2_auth_seq_id 
A 1 2 N PHE A 23  ? N PHE A 73  O PHE A 141 ? O PHE A 191 
A 2 3 O GLU A 142 ? O GLU A 192 N LYS A 89  ? N LYS A 139 
A 3 4 N CYS A 82  ? N CYS A 132 O PHE A 108 ? O PHE A 158 
B 1 2 N VAL A 35  ? N VAL A 85  O VAL A 51  ? O VAL A 101 
B 2 3 O TRP A 47  ? O TRP A 97  N CYS A 40  ? N CYS A 90  
C 1 2 N VAL A 35  ? N VAL A 85  O VAL A 51  ? O VAL A 101 
C 2 3 N MET A 52  ? N MET A 102 O GLY A 66  ? O GLY A 116 
C 3 4 N LEU A 69  ? N LEU A 119 O TRP A 115 ? O TRP A 165 
# 
_atom_sites.entry_id                    3MQR 
_atom_sites.fract_transf_matrix[1][1]   0.01174978 
_atom_sites.fract_transf_matrix[1][2]   0.00726480 
_atom_sites.fract_transf_matrix[1][3]   -0.00382852 
_atom_sites.fract_transf_matrix[2][1]   -0.00092681 
_atom_sites.fract_transf_matrix[2][2]   -0.00546736 
_atom_sites.fract_transf_matrix[2][3]   -0.01321897 
_atom_sites.fract_transf_matrix[3][1]   -0.01251147 
_atom_sites.fract_transf_matrix[3][2]   0.01699376 
_atom_sites.fract_transf_matrix[3][3]   -0.00615140 
_atom_sites.fract_transf_vector[1]      0.414344 
_atom_sites.fract_transf_vector[2]      -0.143377 
_atom_sites.fract_transf_vector[3]      -0.397458 
# 
loop_
_atom_type.symbol 
C 
N 
O 
S 
# 
loop_
_atom_site.group_PDB 
_atom_site.id 
_atom_site.type_symbol 
_atom_site.label_atom_id 
_atom_site.label_alt_id 
_atom_site.label_comp_id 
_atom_site.label_asym_id 
_atom_site.label_entity_id 
_atom_site.label_seq_id 
_atom_site.pdbx_PDB_ins_code 
_atom_site.Cartn_x 
_atom_site.Cartn_y 
_atom_site.Cartn_z 
_atom_site.occupancy 
_atom_site.B_iso_or_equiv 
_atom_site.pdbx_formal_charge 
_atom_site.auth_seq_id 
_atom_site.auth_comp_id 
_atom_site.auth_asym_id 
_atom_site.auth_atom_id 
_atom_site.pdbx_PDB_model_num 
ATOM   1    N N   . THR A 1 13  ? -7.190  -14.192 -13.480 1.00 26.14 ? 63   THR A N   1 
ATOM   2    C CA  . THR A 1 13  ? -5.872  -14.006 -14.149 1.00 23.60 ? 63   THR A CA  1 
ATOM   3    C C   . THR A 1 13  ? -5.288  -12.644 -13.786 1.00 21.89 ? 63   THR A C   1 
ATOM   4    O O   . THR A 1 13  ? -5.904  -11.867 -13.056 1.00 20.90 ? 63   THR A O   1 
ATOM   5    C CB  . THR A 1 13  ? -6.007  -14.075 -15.685 1.00 25.51 ? 63   THR A CB  1 
ATOM   6    O OG1 . THR A 1 13  ? -6.756  -12.945 -16.150 1.00 27.03 ? 63   THR A OG1 1 
ATOM   7    C CG2 . THR A 1 13  ? -6.723  -15.357 -16.101 1.00 27.87 ? 63   THR A CG2 1 
ATOM   8    N N   . SER A 1 14  ? -4.100  -12.362 -14.306 1.00 20.15 ? 64   SER A N   1 
ATOM   9    C CA  . SER A 1 14  ? -3.429  -11.095 -14.044 1.00 19.58 ? 64   SER A CA  1 
ATOM   10   C C   . SER A 1 14  ? -4.204  -9.920  -14.632 1.00 18.47 ? 64   SER A C   1 
ATOM   11   O O   . SER A 1 14  ? -3.931  -8.766  -14.301 1.00 17.38 ? 64   SER A O   1 
ATOM   12   C CB  . SER A 1 14  ? -2.017  -11.119 -14.632 1.00 20.76 ? 64   SER A CB  1 
ATOM   13   O OG  . SER A 1 14  ? -2.059  -11.224 -16.045 1.00 23.03 ? 64   SER A OG  1 
ATOM   14   N N   . TRP A 1 15  ? -5.170  -10.212 -15.501 1.00 18.46 ? 65   TRP A N   1 
ATOM   15   C CA  . TRP A 1 15  ? -5.971  -9.161  -16.126 1.00 18.41 ? 65   TRP A CA  1 
ATOM   16   C C   . TRP A 1 15  ? -7.138  -8.713  -15.257 1.00 17.70 ? 65   TRP A C   1 
ATOM   17   O O   . TRP A 1 15  ? -7.856  -7.778  -15.611 1.00 16.76 ? 65   TRP A O   1 
ATOM   18   C CB  . TRP A 1 15  ? -6.497  -9.624  -17.490 1.00 20.46 ? 65   TRP A CB  1 
ATOM   19   C CG  . TRP A 1 15  ? -5.405  -9.881  -18.472 1.00 20.74 ? 65   TRP A CG  1 
ATOM   20   C CD1 . TRP A 1 15  ? -4.855  -11.090 -18.795 1.00 21.79 ? 65   TRP A CD1 1 
ATOM   21   C CD2 . TRP A 1 15  ? -4.678  -8.898  -19.212 1.00 21.37 ? 65   TRP A CD2 1 
ATOM   22   N NE1 . TRP A 1 15  ? -3.827  -10.918 -19.689 1.00 22.21 ? 65   TRP A NE1 1 
ATOM   23   C CE2 . TRP A 1 15  ? -3.697  -9.582  -19.963 1.00 21.69 ? 65   TRP A CE2 1 
ATOM   24   C CE3 . TRP A 1 15  ? -4.760  -7.502  -19.313 1.00 19.67 ? 65   TRP A CE3 1 
ATOM   25   C CZ2 . TRP A 1 15  ? -2.801  -8.917  -20.805 1.00 23.60 ? 65   TRP A CZ2 1 
ATOM   26   C CZ3 . TRP A 1 15  ? -3.869  -6.841  -20.149 1.00 22.35 ? 65   TRP A CZ3 1 
ATOM   27   C CH2 . TRP A 1 15  ? -2.903  -7.550  -20.884 1.00 21.87 ? 65   TRP A CH2 1 
ATOM   28   N N   . ARG A 1 16  ? -7.317  -9.379  -14.119 1.00 16.85 ? 66   ARG A N   1 
ATOM   29   C CA  . ARG A 1 16  ? -8.389  -9.056  -13.180 1.00 17.21 ? 66   ARG A CA  1 
ATOM   30   C C   . ARG A 1 16  ? -8.464  -7.542  -12.961 1.00 15.88 ? 66   ARG A C   1 
ATOM   31   O O   . ARG A 1 16  ? -7.438  -6.864  -12.939 1.00 15.44 ? 66   ARG A O   1 
ATOM   32   C CB  . ARG A 1 16  ? -8.123  -9.760  -11.846 1.00 18.62 ? 66   ARG A CB  1 
ATOM   33   C CG  . ARG A 1 16  ? -6.822  -9.323  -11.183 1.00 22.13 ? 66   ARG A CG  1 
ATOM   34   C CD  . ARG A 1 16  ? -6.325  -10.324 -10.148 1.00 25.10 ? 66   ARG A CD  1 
ATOM   35   N NE  . ARG A 1 16  ? -7.311  -10.584 -9.106  1.00 32.51 ? 66   ARG A NE  1 
ATOM   36   C CZ  . ARG A 1 16  ? -7.090  -11.361 -8.048  1.00 33.91 ? 66   ARG A CZ  1 
ATOM   37   N NH1 . ARG A 1 16  ? -5.913  -11.955 -7.890  1.00 32.15 ? 66   ARG A NH1 1 
ATOM   38   N NH2 . ARG A 1 16  ? -8.048  -11.546 -7.149  1.00 35.64 ? 66   ARG A NH2 1 
ATOM   39   N N   . SER A 1 17  ? -9.675  -7.017  -12.788 1.00 15.20 ? 67   SER A N   1 
ATOM   40   C CA  . SER A 1 17  ? -9.857  -5.580  -12.587 1.00 15.73 ? 67   SER A CA  1 
ATOM   41   C C   . SER A 1 17  ? -9.680  -5.166  -11.128 1.00 15.22 ? 67   SER A C   1 
ATOM   42   O O   . SER A 1 17  ? -9.572  -3.979  -10.819 1.00 14.43 ? 67   SER A O   1 
ATOM   43   C CB  . SER A 1 17  ? -11.241 -5.146  -13.082 1.00 17.29 ? 67   SER A CB  1 
ATOM   44   O OG  . SER A 1 17  ? -12.268 -5.827  -12.381 1.00 18.23 ? 67   SER A OG  1 
ATOM   45   N N   . GLU A 1 18  ? -9.656  -6.145  -10.231 1.00 15.69 ? 68   GLU A N   1 
ATOM   46   C CA  . GLU A 1 18  ? -9.480  -5.858  -8.815  1.00 14.94 ? 68   GLU A CA  1 
ATOM   47   C C   . GLU A 1 18  ? -8.888  -7.043  -8.068  1.00 15.23 ? 68   GLU A C   1 
ATOM   48   O O   . GLU A 1 18  ? -8.933  -8.184  -8.534  1.00 13.70 ? 68   GLU A O   1 
ATOM   49   C CB  . GLU A 1 18  ? -10.813 -5.457  -8.173  1.00 17.99 ? 68   GLU A CB  1 
ATOM   50   C CG  . GLU A 1 18  ? -11.882 -6.543  -8.190  1.00 19.69 ? 68   GLU A CG  1 
ATOM   51   C CD  . GLU A 1 18  ? -13.181 -6.091  -7.543  1.00 22.82 ? 68   GLU A CD  1 
ATOM   52   O OE1 . GLU A 1 18  ? -13.728 -5.048  -7.960  1.00 23.07 ? 68   GLU A OE1 1 
ATOM   53   O OE2 . GLU A 1 18  ? -13.661 -6.783  -6.618  1.00 24.56 ? 68   GLU A OE2 1 
ATOM   54   N N   . ALA A 1 19  ? -8.325  -6.761  -6.901  1.00 14.73 ? 69   ALA A N   1 
ATOM   55   C CA  . ALA A 1 19  ? -7.725  -7.798  -6.080  1.00 14.39 ? 69   ALA A CA  1 
ATOM   56   C C   . ALA A 1 19  ? -7.431  -7.249  -4.701  1.00 13.59 ? 69   ALA A C   1 
ATOM   57   O O   . ALA A 1 19  ? -7.333  -6.039  -4.512  1.00 12.23 ? 69   ALA A O   1 
ATOM   58   C CB  . ALA A 1 19  ? -6.439  -8.298  -6.719  1.00 16.15 ? 69   ALA A CB  1 
ATOM   59   N N   . THR A 1 20  ? -7.301  -8.154  -3.739  1.00 12.98 ? 70   THR A N   1 
ATOM   60   C CA  . THR A 1 20  ? -6.972  -7.785  -2.368  1.00 12.76 ? 70   THR A CA  1 
ATOM   61   C C   . THR A 1 20  ? -5.704  -8.562  -2.049  1.00 13.51 ? 70   THR A C   1 
ATOM   62   O O   . THR A 1 20  ? -5.654  -9.779  -2.239  1.00 13.90 ? 70   THR A O   1 
ATOM   63   C CB  . THR A 1 20  ? -8.076  -8.208  -1.370  1.00 13.64 ? 70   THR A CB  1 
ATOM   64   O OG1 . THR A 1 20  ? -9.300  -7.544  -1.696  1.00 13.87 ? 70   THR A OG1 1 
ATOM   65   C CG2 . THR A 1 20  ? -7.680  -7.831  0.048   1.00 13.59 ? 70   THR A CG2 1 
ATOM   66   N N   . PHE A 1 21  ? -4.665  -7.865  -1.605  1.00 11.76 ? 71   PHE A N   1 
ATOM   67   C CA  . PHE A 1 21  ? -3.430  -8.546  -1.257  1.00 12.16 ? 71   PHE A CA  1 
ATOM   68   C C   . PHE A 1 21  ? -2.872  -7.965  0.029   1.00 12.56 ? 71   PHE A C   1 
ATOM   69   O O   . PHE A 1 21  ? -3.194  -6.834  0.399   1.00 10.98 ? 71   PHE A O   1 
ATOM   70   C CB  . PHE A 1 21  ? -2.388  -8.465  -2.394  1.00 11.73 ? 71   PHE A CB  1 
ATOM   71   C CG  . PHE A 1 21  ? -1.904  -7.072  -2.716  1.00 11.08 ? 71   PHE A CG  1 
ATOM   72   C CD1 . PHE A 1 21  ? -2.700  -6.185  -3.440  1.00 10.34 ? 71   PHE A CD1 1 
ATOM   73   C CD2 . PHE A 1 21  ? -0.618  -6.671  -2.348  1.00 12.23 ? 71   PHE A CD2 1 
ATOM   74   C CE1 . PHE A 1 21  ? -2.219  -4.922  -3.802  1.00 11.79 ? 71   PHE A CE1 1 
ATOM   75   C CE2 . PHE A 1 21  ? -0.128  -5.409  -2.704  1.00 12.05 ? 71   PHE A CE2 1 
ATOM   76   C CZ  . PHE A 1 21  ? -0.931  -4.534  -3.434  1.00 11.53 ? 71   PHE A CZ  1 
ATOM   77   N N   . GLN A 1 22  ? -2.066  -8.762  0.723   1.00 12.65 ? 72   GLN A N   1 
ATOM   78   C CA  . GLN A 1 22  ? -1.470  -8.335  1.978   1.00 12.44 ? 72   GLN A CA  1 
ATOM   79   C C   . GLN A 1 22  ? 0.042   -8.483  1.976   1.00 11.54 ? 72   GLN A C   1 
ATOM   80   O O   . GLN A 1 22  ? 0.612   -9.250  1.198   1.00 11.90 ? 72   GLN A O   1 
ATOM   81   C CB  . GLN A 1 22  ? -2.037  -9.152  3.142   1.00 14.06 ? 72   GLN A CB  1 
ATOM   82   C CG  . GLN A 1 22  ? -3.547  -9.150  3.245   1.00 18.05 ? 72   GLN A CG  1 
ATOM   83   C CD  . GLN A 1 22  ? -4.029  -9.871  4.489   1.00 20.83 ? 72   GLN A CD  1 
ATOM   84   O OE1 . GLN A 1 22  ? -3.443  -10.872 4.903   1.00 21.24 ? 72   GLN A OE1 1 
ATOM   85   N NE2 . GLN A 1 22  ? -5.105  -9.373  5.083   1.00 23.37 ? 72   GLN A NE2 1 
ATOM   86   N N   . PHE A 1 23  ? 0.681   -7.733  2.863   1.00 11.00 ? 73   PHE A N   1 
ATOM   87   C CA  . PHE A 1 23  ? 2.125   -7.765  3.029   1.00 10.85 ? 73   PHE A CA  1 
ATOM   88   C C   . PHE A 1 23  ? 2.403   -7.581  4.516   1.00 11.58 ? 73   PHE A C   1 
ATOM   89   O O   . PHE A 1 23  ? 1.931   -6.622  5.130   1.00 10.72 ? 73   PHE A O   1 
ATOM   90   C CB  . PHE A 1 23  ? 2.788   -6.635  2.232   1.00 11.46 ? 73   PHE A CB  1 
ATOM   91   C CG  . PHE A 1 23  ? 4.288   -6.575  2.392   1.00 12.53 ? 73   PHE A CG  1 
ATOM   92   C CD1 . PHE A 1 23  ? 5.081   -7.672  2.070   1.00 11.58 ? 73   PHE A CD1 1 
ATOM   93   C CD2 . PHE A 1 23  ? 4.907   -5.411  2.842   1.00 11.99 ? 73   PHE A CD2 1 
ATOM   94   C CE1 . PHE A 1 23  ? 6.473   -7.616  2.193   1.00 10.54 ? 73   PHE A CE1 1 
ATOM   95   C CE2 . PHE A 1 23  ? 6.297   -5.341  2.968   1.00 13.32 ? 73   PHE A CE2 1 
ATOM   96   C CZ  . PHE A 1 23  ? 7.081   -6.450  2.642   1.00 12.74 ? 73   PHE A CZ  1 
ATOM   97   N N   . THR A 1 24  ? 3.153   -8.508  5.098   1.00 11.25 ? 74   THR A N   1 
ATOM   98   C CA  . THR A 1 24  ? 3.479   -8.412  6.514   1.00 12.27 ? 74   THR A CA  1 
ATOM   99   C C   . THR A 1 24  ? 4.905   -7.917  6.695   1.00 11.79 ? 74   THR A C   1 
ATOM   100  O O   . THR A 1 24  ? 5.855   -8.518  6.189   1.00 12.73 ? 74   THR A O   1 
ATOM   101  C CB  . THR A 1 24  ? 3.312   -9.775  7.219   1.00 12.00 ? 74   THR A CB  1 
ATOM   102  O OG1 . THR A 1 24  ? 1.951   -10.205 7.095   1.00 12.91 ? 74   THR A OG1 1 
ATOM   103  C CG2 . THR A 1 24  ? 3.672   -9.662  8.699   1.00 13.97 ? 74   THR A CG2 1 
ATOM   104  N N   . VAL A 1 25  ? 5.044   -6.808  7.414   1.00 11.00 ? 75   VAL A N   1 
ATOM   105  C CA  . VAL A 1 25  ? 6.346   -6.216  7.675   1.00 12.28 ? 75   VAL A CA  1 
ATOM   106  C C   . VAL A 1 25  ? 6.866   -6.772  8.993   1.00 13.07 ? 75   VAL A C   1 
ATOM   107  O O   . VAL A 1 25  ? 6.199   -6.667  10.023  1.00 12.50 ? 75   VAL A O   1 
ATOM   108  C CB  . VAL A 1 25  ? 6.246   -4.672  7.770   1.00 12.22 ? 75   VAL A CB  1 
ATOM   109  C CG1 . VAL A 1 25  ? 7.600   -4.076  8.114   1.00 12.35 ? 75   VAL A CG1 1 
ATOM   110  C CG2 . VAL A 1 25  ? 5.734   -4.106  6.453   1.00 13.59 ? 75   VAL A CG2 1 
ATOM   111  N N   . GLU A 1 26  ? 8.047   -7.377  8.954   1.00 13.02 ? 76   GLU A N   1 
ATOM   112  C CA  . GLU A 1 26  ? 8.647   -7.951  10.152  1.00 13.96 ? 76   GLU A CA  1 
ATOM   113  C C   . GLU A 1 26  ? 9.603   -6.960  10.810  1.00 13.68 ? 76   GLU A C   1 
ATOM   114  O O   . GLU A 1 26  ? 10.000  -5.970  10.190  1.00 13.20 ? 76   GLU A O   1 
ATOM   115  C CB  . GLU A 1 26  ? 9.355   -9.261  9.791   1.00 15.95 ? 76   GLU A CB  1 
ATOM   116  C CG  . GLU A 1 26  ? 8.372   -10.336 9.320   1.00 21.09 ? 76   GLU A CG  1 
ATOM   117  C CD  . GLU A 1 26  ? 9.042   -11.637 8.913   1.00 25.89 ? 76   GLU A CD  1 
ATOM   118  O OE1 . GLU A 1 26  ? 9.884   -12.148 9.680   1.00 26.54 ? 76   GLU A OE1 1 
ATOM   119  O OE2 . GLU A 1 26  ? 8.714   -12.154 7.825   1.00 29.87 ? 76   GLU A OE2 1 
ATOM   120  N N   . ARG A 1 27  ? 9.961   -7.224  12.069  1.00 13.26 ? 77   ARG A N   1 
ATOM   121  C CA  . ARG A 1 27  ? 10.847  -6.336  12.822  1.00 14.20 ? 77   ARG A CA  1 
ATOM   122  C C   . ARG A 1 27  ? 10.361  -4.902  12.635  1.00 14.52 ? 77   ARG A C   1 
ATOM   123  O O   . ARG A 1 27  ? 11.152  -3.976  12.477  1.00 13.78 ? 77   ARG A O   1 
ATOM   124  C CB  . ARG A 1 27  ? 12.291  -6.475  12.319  1.00 17.04 ? 77   ARG A CB  1 
ATOM   125  C CG  . ARG A 1 27  ? 12.885  -7.857  12.541  1.00 20.53 ? 77   ARG A CG  1 
ATOM   126  C CD  . ARG A 1 27  ? 14.241  -8.000  11.869  1.00 26.23 ? 77   ARG A CD  1 
ATOM   127  N NE  . ARG A 1 27  ? 14.792  -9.341  12.049  1.00 30.13 ? 77   ARG A NE  1 
ATOM   128  C CZ  . ARG A 1 27  ? 15.849  -9.810  11.394  1.00 33.03 ? 77   ARG A CZ  1 
ATOM   129  N NH1 . ARG A 1 27  ? 16.476  -9.047  10.507  1.00 34.10 ? 77   ARG A NH1 1 
ATOM   130  N NH2 . ARG A 1 27  ? 16.275  -11.046 11.619  1.00 34.70 ? 77   ARG A NH2 1 
ATOM   131  N N   . PHE A 1 28  ? 9.043   -4.735  12.668  1.00 13.86 ? 78   PHE A N   1 
ATOM   132  C CA  . PHE A 1 28  ? 8.407   -3.440  12.461  1.00 13.83 ? 78   PHE A CA  1 
ATOM   133  C C   . PHE A 1 28  ? 8.907   -2.304  13.349  1.00 14.27 ? 78   PHE A C   1 
ATOM   134  O O   . PHE A 1 28  ? 9.169   -1.202  12.868  1.00 14.68 ? 78   PHE A O   1 
ATOM   135  C CB  . PHE A 1 28  ? 6.894   -3.568  12.632  1.00 12.31 ? 78   PHE A CB  1 
ATOM   136  C CG  . PHE A 1 28  ? 6.139   -2.360  12.173  1.00 11.49 ? 78   PHE A CG  1 
ATOM   137  C CD1 . PHE A 1 28  ? 5.828   -2.193  10.828  1.00 12.77 ? 78   PHE A CD1 1 
ATOM   138  C CD2 . PHE A 1 28  ? 5.775   -1.365  13.076  1.00 12.78 ? 78   PHE A CD2 1 
ATOM   139  C CE1 . PHE A 1 28  ? 5.167   -1.051  10.386  1.00 13.98 ? 78   PHE A CE1 1 
ATOM   140  C CE2 . PHE A 1 28  ? 5.115   -0.220  12.646  1.00 14.30 ? 78   PHE A CE2 1 
ATOM   141  C CZ  . PHE A 1 28  ? 4.809   -0.062  11.295  1.00 13.80 ? 78   PHE A CZ  1 
ATOM   142  N N   . SER A 1 29  ? 9.020   -2.561  14.647  1.00 15.04 ? 79   SER A N   1 
ATOM   143  C CA  . SER A 1 29  ? 9.474   -1.534  15.578  1.00 17.14 ? 79   SER A CA  1 
ATOM   144  C C   . SER A 1 29  ? 10.838  -0.973  15.185  1.00 17.11 ? 79   SER A C   1 
ATOM   145  O O   . SER A 1 29  ? 11.187  0.149   15.557  1.00 17.57 ? 79   SER A O   1 
ATOM   146  C CB  . SER A 1 29  ? 9.555   -2.107  16.997  1.00 18.32 ? 79   SER A CB  1 
ATOM   147  O OG  . SER A 1 29  ? 10.584  -3.074  17.088  1.00 17.84 ? 79   SER A OG  1 
ATOM   148  N N   . ARG A 1 30  ? 11.598  -1.750  14.419  1.00 17.04 ? 80   ARG A N   1 
ATOM   149  C CA  . ARG A 1 30  ? 12.934  -1.345  13.995  1.00 17.47 ? 80   ARG A CA  1 
ATOM   150  C C   . ARG A 1 30  ? 13.004  -0.770  12.583  1.00 17.33 ? 80   ARG A C   1 
ATOM   151  O O   . ARG A 1 30  ? 14.085  -0.429  12.105  1.00 15.67 ? 80   ARG A O   1 
ATOM   152  C CB  . ARG A 1 30  ? 13.881  -2.542  14.115  1.00 18.92 ? 80   ARG A CB  1 
ATOM   153  C CG  . ARG A 1 30  ? 14.015  -3.058  15.542  1.00 21.39 ? 80   ARG A CG  1 
ATOM   154  C CD  . ARG A 1 30  ? 14.228  -4.564  15.590  1.00 24.45 ? 80   ARG A CD  1 
ATOM   155  N NE  . ARG A 1 30  ? 15.465  -4.983  14.937  1.00 25.93 ? 80   ARG A NE  1 
ATOM   156  C CZ  . ARG A 1 30  ? 15.861  -6.249  14.835  1.00 28.73 ? 80   ARG A CZ  1 
ATOM   157  N NH1 . ARG A 1 30  ? 15.115  -7.223  15.343  1.00 29.19 ? 80   ARG A NH1 1 
ATOM   158  N NH2 . ARG A 1 30  ? 17.001  -6.542  14.224  1.00 27.85 ? 80   ARG A NH2 1 
ATOM   159  N N   . LEU A 1 31  ? 11.854  -0.651  11.922  1.00 15.88 ? 81   LEU A N   1 
ATOM   160  C CA  . LEU A 1 31  ? 11.800  -0.123  10.559  1.00 16.53 ? 81   LEU A CA  1 
ATOM   161  C C   . LEU A 1 31  ? 12.490  1.243   10.457  1.00 15.84 ? 81   LEU A C   1 
ATOM   162  O O   . LEU A 1 31  ? 12.183  2.161   11.217  1.00 15.91 ? 81   LEU A O   1 
ATOM   163  C CB  . LEU A 1 31  ? 10.340  -0.011  10.103  1.00 17.75 ? 81   LEU A CB  1 
ATOM   164  C CG  . LEU A 1 31  ? 10.108  0.240   8.612   1.00 19.93 ? 81   LEU A CG  1 
ATOM   165  C CD1 . LEU A 1 31  ? 10.643  -0.936  7.813   1.00 20.47 ? 81   LEU A CD1 1 
ATOM   166  C CD2 . LEU A 1 31  ? 8.623   0.424   8.340   1.00 21.36 ? 81   LEU A CD2 1 
ATOM   167  N N   . SER A 1 32  ? 13.410  1.378   9.503   1.00 16.46 ? 82   SER A N   1 
ATOM   168  C CA  . SER A 1 32  ? 14.150  2.628   9.332   1.00 18.35 ? 82   SER A CA  1 
ATOM   169  C C   . SER A 1 32  ? 14.288  3.069   7.876   1.00 20.11 ? 82   SER A C   1 
ATOM   170  O O   . SER A 1 32  ? 14.867  4.122   7.594   1.00 20.05 ? 82   SER A O   1 
ATOM   171  C CB  . SER A 1 32  ? 15.546  2.486   9.946   1.00 19.57 ? 82   SER A CB  1 
ATOM   172  O OG  . SER A 1 32  ? 16.253  1.416   9.338   1.00 22.69 ? 82   SER A OG  1 
ATOM   173  N N   . GLU A 1 33  ? 13.766  2.259   6.959   1.00 18.58 ? 83   GLU A N   1 
ATOM   174  C CA  . GLU A 1 33  ? 13.824  2.553   5.531   1.00 20.62 ? 83   GLU A CA  1 
ATOM   175  C C   . GLU A 1 33  ? 12.486  2.126   4.941   1.00 19.47 ? 83   GLU A C   1 
ATOM   176  O O   . GLU A 1 33  ? 11.718  1.414   5.592   1.00 18.12 ? 83   GLU A O   1 
ATOM   177  C CB  . GLU A 1 33  ? 14.941  1.742   4.863   1.00 23.36 ? 83   GLU A CB  1 
ATOM   178  C CG  . GLU A 1 33  ? 16.289  1.795   5.570   1.00 30.45 ? 83   GLU A CG  1 
ATOM   179  C CD  . GLU A 1 33  ? 17.002  3.124   5.398   1.00 33.44 ? 83   GLU A CD  1 
ATOM   180  O OE1 . GLU A 1 33  ? 18.104  3.281   5.968   1.00 35.94 ? 83   GLU A OE1 1 
ATOM   181  O OE2 . GLU A 1 33  ? 16.469  4.008   4.693   1.00 36.69 ? 83   GLU A OE2 1 
ATOM   182  N N   . SER A 1 34  ? 12.199  2.553   3.717   1.00 17.35 ? 84   SER A N   1 
ATOM   183  C CA  . SER A 1 34  ? 10.945  2.157   3.088   1.00 16.37 ? 84   SER A CA  1 
ATOM   184  C C   . SER A 1 34  ? 11.048  0.689   2.687   1.00 15.38 ? 84   SER A C   1 
ATOM   185  O O   . SER A 1 34  ? 12.115  0.219   2.282   1.00 13.88 ? 84   SER A O   1 
ATOM   186  C CB  . SER A 1 34  ? 10.666  3.018   1.853   1.00 19.34 ? 84   SER A CB  1 
ATOM   187  O OG  . SER A 1 34  ? 11.684  2.863   0.885   1.00 26.28 ? 84   SER A OG  1 
ATOM   188  N N   . VAL A 1 35  ? 9.945   -0.039  2.827   1.00 13.36 ? 85   VAL A N   1 
ATOM   189  C CA  . VAL A 1 35  ? 9.909   -1.449  2.456   1.00 13.79 ? 85   VAL A CA  1 
ATOM   190  C C   . VAL A 1 35  ? 8.813   -1.643  1.421   1.00 13.13 ? 85   VAL A C   1 
ATOM   191  O O   . VAL A 1 35  ? 7.752   -1.020  1.494   1.00 13.78 ? 85   VAL A O   1 
ATOM   192  C CB  . VAL A 1 35  ? 9.654   -2.364  3.681   1.00 14.91 ? 85   VAL A CB  1 
ATOM   193  C CG1 . VAL A 1 35  ? 10.782  -2.200  4.685   1.00 19.76 ? 85   VAL A CG1 1 
ATOM   194  C CG2 . VAL A 1 35  ? 8.326   -2.031  4.322   1.00 15.20 ? 85   VAL A CG2 1 
ATOM   195  N N   . LEU A 1 36  ? 9.084   -2.506  0.448   1.00 12.31 ? 86   LEU A N   1 
ATOM   196  C CA  . LEU A 1 36  ? 8.156   -2.765  -0.638  1.00 11.89 ? 86   LEU A CA  1 
ATOM   197  C C   . LEU A 1 36  ? 7.746   -4.233  -0.666  1.00 10.89 ? 86   LEU A C   1 
ATOM   198  O O   . LEU A 1 36  ? 8.569   -5.120  -0.452  1.00 10.67 ? 86   LEU A O   1 
ATOM   199  C CB  . LEU A 1 36  ? 8.836   -2.398  -1.960  1.00 15.40 ? 86   LEU A CB  1 
ATOM   200  C CG  . LEU A 1 36  ? 8.013   -1.926  -3.152  1.00 21.44 ? 86   LEU A CG  1 
ATOM   201  C CD1 . LEU A 1 36  ? 7.283   -0.635  -2.802  1.00 17.35 ? 86   LEU A CD1 1 
ATOM   202  C CD2 . LEU A 1 36  ? 8.957   -1.693  -4.334  1.00 23.40 ? 86   LEU A CD2 1 
ATOM   203  N N   . SER A 1 37  ? 6.471   -4.481  -0.937  1.00 10.07 ? 87   SER A N   1 
ATOM   204  C CA  . SER A 1 37  ? 5.957   -5.845  -1.009  1.00 9.55  ? 87   SER A CA  1 
ATOM   205  C C   . SER A 1 37  ? 6.202   -6.411  -2.397  1.00 9.93  ? 87   SER A C   1 
ATOM   206  O O   . SER A 1 37  ? 6.561   -5.679  -3.323  1.00 9.40  ? 87   SER A O   1 
ATOM   207  C CB  . SER A 1 37  ? 4.446   -5.852  -0.783  1.00 10.02 ? 87   SER A CB  1 
ATOM   208  O OG  . SER A 1 37  ? 3.778   -5.346  -1.934  1.00 9.02  ? 87   SER A OG  1 
ATOM   209  N N   . PRO A 1 38  ? 6.040   -7.735  -2.551  1.00 9.62  ? 88   PRO A N   1 
ATOM   210  C CA  . PRO A 1 38  ? 6.230   -8.335  -3.869  1.00 9.69  ? 88   PRO A CA  1 
ATOM   211  C C   . PRO A 1 38  ? 5.026   -7.805  -4.648  1.00 11.26 ? 88   PRO A C   1 
ATOM   212  O O   . PRO A 1 38  ? 4.072   -7.301  -4.051  1.00 10.04 ? 88   PRO A O   1 
ATOM   213  C CB  . PRO A 1 38  ? 6.131   -9.830  -3.583  1.00 10.69 ? 88   PRO A CB  1 
ATOM   214  C CG  . PRO A 1 38  ? 6.717   -9.938  -2.215  1.00 10.44 ? 88   PRO A CG  1 
ATOM   215  C CD  . PRO A 1 38  ? 6.065   -8.768  -1.500  1.00 9.69  ? 88   PRO A CD  1 
ATOM   216  N N   . PRO A 1 39  ? 5.043   -7.914  -5.980  1.00 10.82 ? 89   PRO A N   1 
ATOM   217  C CA  . PRO A 1 39  ? 3.919   -7.412  -6.775  1.00 10.98 ? 89   PRO A CA  1 
ATOM   218  C C   . PRO A 1 39  ? 2.662   -8.274  -6.853  1.00 10.82 ? 89   PRO A C   1 
ATOM   219  O O   . PRO A 1 39  ? 2.726   -9.502  -6.858  1.00 11.69 ? 89   PRO A O   1 
ATOM   220  C CB  . PRO A 1 39  ? 4.544   -7.231  -8.153  1.00 10.45 ? 89   PRO A CB  1 
ATOM   221  C CG  . PRO A 1 39  ? 5.446   -8.434  -8.229  1.00 12.15 ? 89   PRO A CG  1 
ATOM   222  C CD  . PRO A 1 39  ? 6.111   -8.439  -6.851  1.00 9.91  ? 89   PRO A CD  1 
ATOM   223  N N   . CYS A 1 40  ? 1.517   -7.598  -6.903  1.00 10.52 ? 90   CYS A N   1 
ATOM   224  C CA  . CYS A 1 40  ? 0.220   -8.242  -7.073  1.00 10.02 ? 90   CYS A CA  1 
ATOM   225  C C   . CYS A 1 40  ? -0.234  -7.698  -8.418  1.00 11.05 ? 90   CYS A C   1 
ATOM   226  O O   . CYS A 1 40  ? -0.319  -6.480  -8.604  1.00 10.87 ? 90   CYS A O   1 
ATOM   227  C CB  . CYS A 1 40  ? -0.770  -7.815  -5.987  1.00 11.05 ? 90   CYS A CB  1 
ATOM   228  S SG  . CYS A 1 40  ? -2.464  -8.392  -6.280  1.00 14.95 ? 90   CYS A SG  1 
ATOM   229  N N   . PHE A 1 41  ? -0.514  -8.583  -9.365  1.00 11.08 ? 91   PHE A N   1 
ATOM   230  C CA  . PHE A 1 41  ? -0.926  -8.125  -10.682 1.00 12.38 ? 91   PHE A CA  1 
ATOM   231  C C   . PHE A 1 41  ? -2.419  -7.905  -10.831 1.00 10.81 ? 91   PHE A C   1 
ATOM   232  O O   . PHE A 1 41  ? -3.234  -8.782  -10.537 1.00 11.32 ? 91   PHE A O   1 
ATOM   233  C CB  . PHE A 1 41  ? -0.412  -9.085  -11.758 1.00 13.21 ? 91   PHE A CB  1 
ATOM   234  C CG  . PHE A 1 41  ? 1.088   -9.174  -11.808 1.00 17.00 ? 91   PHE A CG  1 
ATOM   235  C CD1 . PHE A 1 41  ? 1.774   -10.062 -10.985 1.00 18.94 ? 91   PHE A CD1 1 
ATOM   236  C CD2 . PHE A 1 41  ? 1.819   -8.332  -12.641 1.00 18.27 ? 91   PHE A CD2 1 
ATOM   237  C CE1 . PHE A 1 41  ? 3.171   -10.107 -10.991 1.00 20.84 ? 91   PHE A CE1 1 
ATOM   238  C CE2 . PHE A 1 41  ? 3.213   -8.368  -12.653 1.00 19.66 ? 91   PHE A CE2 1 
ATOM   239  C CZ  . PHE A 1 41  ? 3.889   -9.257  -11.825 1.00 19.92 ? 91   PHE A CZ  1 
ATOM   240  N N   . VAL A 1 42  ? -2.755  -6.695  -11.273 1.00 12.35 ? 92   VAL A N   1 
ATOM   241  C CA  . VAL A 1 42  ? -4.124  -6.261  -11.513 1.00 11.52 ? 92   VAL A CA  1 
ATOM   242  C C   . VAL A 1 42  ? -4.050  -5.438  -12.799 1.00 11.99 ? 92   VAL A C   1 
ATOM   243  O O   . VAL A 1 42  ? -3.215  -4.539  -12.915 1.00 10.22 ? 92   VAL A O   1 
ATOM   244  C CB  . VAL A 1 42  ? -4.641  -5.391  -10.345 1.00 12.43 ? 92   VAL A CB  1 
ATOM   245  C CG1 . VAL A 1 42  ? -6.017  -4.832  -10.673 1.00 13.65 ? 92   VAL A CG1 1 
ATOM   246  C CG2 . VAL A 1 42  ? -4.700  -6.228  -9.067  1.00 14.34 ? 92   VAL A CG2 1 
ATOM   247  N N   . ARG A 1 43  ? -4.915  -5.759  -13.759 1.00 12.29 ? 93   ARG A N   1 
ATOM   248  C CA  . ARG A 1 43  ? -4.919  -5.097  -15.065 1.00 12.69 ? 93   ARG A CA  1 
ATOM   249  C C   . ARG A 1 43  ? -3.550  -5.335  -15.700 1.00 12.16 ? 93   ARG A C   1 
ATOM   250  O O   . ARG A 1 43  ? -3.047  -4.522  -16.476 1.00 12.52 ? 93   ARG A O   1 
ATOM   251  C CB  . ARG A 1 43  ? -5.200  -3.598  -14.924 1.00 12.78 ? 93   ARG A CB  1 
ATOM   252  C CG  . ARG A 1 43  ? -6.615  -3.261  -14.461 1.00 12.54 ? 93   ARG A CG  1 
ATOM   253  C CD  . ARG A 1 43  ? -7.678  -3.719  -15.463 1.00 13.97 ? 93   ARG A CD  1 
ATOM   254  N NE  . ARG A 1 43  ? -8.987  -3.151  -15.141 1.00 13.93 ? 93   ARG A NE  1 
ATOM   255  C CZ  . ARG A 1 43  ? -10.062 -3.242  -15.919 1.00 16.25 ? 93   ARG A CZ  1 
ATOM   256  N NH1 . ARG A 1 43  ? -9.999  -3.885  -17.078 1.00 16.99 ? 93   ARG A NH1 1 
ATOM   257  N NH2 . ARG A 1 43  ? -11.198 -2.667  -15.547 1.00 14.68 ? 93   ARG A NH2 1 
ATOM   258  N N   . ASN A 1 44  ? -2.959  -6.472  -15.340 1.00 12.33 ? 94   ASN A N   1 
ATOM   259  C CA  . ASN A 1 44  ? -1.653  -6.908  -15.829 1.00 12.82 ? 94   ASN A CA  1 
ATOM   260  C C   . ASN A 1 44  ? -0.495  -5.975  -15.475 1.00 13.24 ? 94   ASN A C   1 
ATOM   261  O O   . ASN A 1 44  ? 0.543   -5.998  -16.132 1.00 13.16 ? 94   ASN A O   1 
ATOM   262  C CB  . ASN A 1 44  ? -1.688  -7.124  -17.347 1.00 15.72 ? 94   ASN A CB  1 
ATOM   263  C CG  . ASN A 1 44  ? -0.624  -8.102  -17.822 1.00 17.24 ? 94   ASN A CG  1 
ATOM   264  O OD1 . ASN A 1 44  ? -0.065  -7.954  -18.909 1.00 20.38 ? 94   ASN A OD1 1 
ATOM   265  N ND2 . ASN A 1 44  ? -0.350  -9.118  -17.011 1.00 16.79 ? 94   ASN A ND2 1 
ATOM   266  N N   . LEU A 1 45  ? -0.678  -5.161  -14.440 1.00 11.46 ? 95   LEU A N   1 
ATOM   267  C CA  . LEU A 1 45  ? 0.363   -4.249  -13.979 1.00 11.31 ? 95   LEU A CA  1 
ATOM   268  C C   . LEU A 1 45  ? 0.752   -4.659  -12.563 1.00 11.11 ? 95   LEU A C   1 
ATOM   269  O O   . LEU A 1 45  ? -0.064  -5.196  -11.823 1.00 12.00 ? 95   LEU A O   1 
ATOM   270  C CB  . LEU A 1 45  ? -0.144  -2.803  -13.963 1.00 12.58 ? 95   LEU A CB  1 
ATOM   271  C CG  . LEU A 1 45  ? -0.481  -2.158  -15.312 1.00 11.25 ? 95   LEU A CG  1 
ATOM   272  C CD1 . LEU A 1 45  ? -0.963  -0.735  -15.079 1.00 13.78 ? 95   LEU A CD1 1 
ATOM   273  C CD2 . LEU A 1 45  ? 0.743   -2.165  -16.223 1.00 12.83 ? 95   LEU A CD2 1 
ATOM   274  N N   . PRO A 1 46  ? 2.009   -4.413  -12.170 1.00 10.85 ? 96   PRO A N   1 
ATOM   275  C CA  . PRO A 1 46  ? 2.457   -4.776  -10.823 1.00 10.93 ? 96   PRO A CA  1 
ATOM   276  C C   . PRO A 1 46  ? 2.148   -3.710  -9.776  1.00 9.68  ? 96   PRO A C   1 
ATOM   277  O O   . PRO A 1 46  ? 2.611   -2.579  -9.883  1.00 10.59 ? 96   PRO A O   1 
ATOM   278  C CB  . PRO A 1 46  ? 3.955   -4.984  -11.008 1.00 10.70 ? 96   PRO A CB  1 
ATOM   279  C CG  . PRO A 1 46  ? 4.292   -3.946  -12.040 1.00 9.83  ? 96   PRO A CG  1 
ATOM   280  C CD  . PRO A 1 46  ? 3.156   -4.086  -13.036 1.00 11.21 ? 96   PRO A CD  1 
ATOM   281  N N   . TRP A 1 47  ? 1.359   -4.080  -8.774  1.00 8.66  ? 97   TRP A N   1 
ATOM   282  C CA  . TRP A 1 47  ? 1.000   -3.164  -7.698  1.00 8.61  ? 97   TRP A CA  1 
ATOM   283  C C   . TRP A 1 47  ? 1.706   -3.635  -6.440  1.00 8.34  ? 97   TRP A C   1 
ATOM   284  O O   . TRP A 1 47  ? 1.791   -4.835  -6.187  1.00 8.76  ? 97   TRP A O   1 
ATOM   285  C CB  . TRP A 1 47  ? -0.513  -3.167  -7.459  1.00 8.75  ? 97   TRP A CB  1 
ATOM   286  C CG  . TRP A 1 47  ? -1.309  -2.786  -8.664  1.00 9.56  ? 97   TRP A CG  1 
ATOM   287  C CD1 . TRP A 1 47  ? -1.603  -3.577  -9.740  1.00 9.13  ? 97   TRP A CD1 1 
ATOM   288  C CD2 . TRP A 1 47  ? -1.885  -1.502  -8.938  1.00 8.57  ? 97   TRP A CD2 1 
ATOM   289  N NE1 . TRP A 1 47  ? -2.329  -2.862  -10.667 1.00 8.99  ? 97   TRP A NE1 1 
ATOM   290  C CE2 . TRP A 1 47  ? -2.516  -1.587  -10.200 1.00 9.71  ? 97   TRP A CE2 1 
ATOM   291  C CE3 . TRP A 1 47  ? -1.929  -0.288  -8.238  1.00 8.19  ? 97   TRP A CE3 1 
ATOM   292  C CZ2 . TRP A 1 47  ? -3.186  -0.503  -10.778 1.00 10.08 ? 97   TRP A CZ2 1 
ATOM   293  C CZ3 . TRP A 1 47  ? -2.595  0.793   -8.813  1.00 9.14  ? 97   TRP A CZ3 1 
ATOM   294  C CH2 . TRP A 1 47  ? -3.215  0.675   -10.074 1.00 9.22  ? 97   TRP A CH2 1 
ATOM   295  N N   . LYS A 1 48  ? 2.196   -2.692  -5.646  1.00 8.90  ? 98   LYS A N   1 
ATOM   296  C CA  . LYS A 1 48  ? 2.906   -3.052  -4.431  1.00 8.95  ? 98   LYS A CA  1 
ATOM   297  C C   . LYS A 1 48  ? 2.548   -2.158  -3.261  1.00 9.45  ? 98   LYS A C   1 
ATOM   298  O O   . LYS A 1 48  ? 2.163   -0.999  -3.433  1.00 7.17  ? 98   LYS A O   1 
ATOM   299  C CB  . LYS A 1 48  ? 4.417   -2.954  -4.652  1.00 9.13  ? 98   LYS A CB  1 
ATOM   300  C CG  . LYS A 1 48  ? 4.971   -3.823  -5.779  1.00 9.37  ? 98   LYS A CG  1 
ATOM   301  C CD  . LYS A 1 48  ? 6.452   -3.524  -5.966  1.00 10.27 ? 98   LYS A CD  1 
ATOM   302  C CE  . LYS A 1 48  ? 7.056   -4.284  -7.140  1.00 9.88  ? 98   LYS A CE  1 
ATOM   303  N NZ  . LYS A 1 48  ? 8.523   -4.006  -7.248  1.00 11.53 ? 98   LYS A NZ  1 
ATOM   304  N N   . ILE A 1 49  ? 2.683   -2.720  -2.069  1.00 8.14  ? 99   ILE A N   1 
ATOM   305  C CA  . ILE A 1 49  ? 2.445   -1.976  -0.845  1.00 8.60  ? 99   ILE A CA  1 
ATOM   306  C C   . ILE A 1 49  ? 3.799   -1.397  -0.448  1.00 9.69  ? 99   ILE A C   1 
ATOM   307  O O   . ILE A 1 49  ? 4.811   -2.097  -0.485  1.00 9.98  ? 99   ILE A O   1 
ATOM   308  C CB  . ILE A 1 49  ? 1.924   -2.900  0.273   1.00 9.10  ? 99   ILE A CB  1 
ATOM   309  C CG1 . ILE A 1 49  ? 0.446   -3.210  0.019   1.00 9.77  ? 99   ILE A CG1 1 
ATOM   310  C CG2 . ILE A 1 49  ? 2.135   -2.241  1.647   1.00 9.21  ? 99   ILE A CG2 1 
ATOM   311  C CD1 . ILE A 1 49  ? -0.119  -4.318  0.886   1.00 10.43 ? 99   ILE A CD1 1 
ATOM   312  N N   . MET A 1 50  ? 3.816   -0.113  -0.101  1.00 10.25 ? 100  MET A N   1 
ATOM   313  C CA  . MET A 1 50  ? 5.038   0.566   0.318   1.00 11.21 ? 100  MET A CA  1 
ATOM   314  C C   . MET A 1 50  ? 4.814   1.120   1.718   1.00 11.75 ? 100  MET A C   1 
ATOM   315  O O   . MET A 1 50  ? 3.879   1.888   1.941   1.00 10.53 ? 100  MET A O   1 
ATOM   316  C CB  . MET A 1 50  ? 5.369   1.722   -0.631  1.00 14.85 ? 100  MET A CB  1 
ATOM   317  C CG  . MET A 1 50  ? 6.654   2.459   -0.276  1.00 19.89 ? 100  MET A CG  1 
ATOM   318  S SD  . MET A 1 50  ? 6.856   4.012   -1.180  1.00 30.22 ? 100  MET A SD  1 
ATOM   319  C CE  . MET A 1 50  ? 7.533   3.425   -2.719  1.00 25.19 ? 100  MET A CE  1 
ATOM   320  N N   . VAL A 1 51  ? 5.672   0.729   2.653   1.00 10.66 ? 101  VAL A N   1 
ATOM   321  C CA  . VAL A 1 51  ? 5.560   1.181   4.038   1.00 10.83 ? 101  VAL A CA  1 
ATOM   322  C C   . VAL A 1 51  ? 6.856   1.865   4.450   1.00 11.75 ? 101  VAL A C   1 
ATOM   323  O O   . VAL A 1 51  ? 7.944   1.376   4.154   1.00 12.31 ? 101  VAL A O   1 
ATOM   324  C CB  . VAL A 1 51  ? 5.295   -0.013  4.985   1.00 11.00 ? 101  VAL A CB  1 
ATOM   325  C CG1 . VAL A 1 51  ? 5.166   0.466   6.424   1.00 10.95 ? 101  VAL A CG1 1 
ATOM   326  C CG2 . VAL A 1 51  ? 4.026   -0.738  4.555   1.00 11.17 ? 101  VAL A CG2 1 
ATOM   327  N N   . MET A 1 52  ? 6.742   2.997   5.132   1.00 12.86 ? 102  MET A N   1 
ATOM   328  C CA  . MET A 1 52  ? 7.935   3.710   5.562   1.00 15.79 ? 102  MET A CA  1 
ATOM   329  C C   . MET A 1 52  ? 7.676   4.543   6.804   1.00 16.79 ? 102  MET A C   1 
ATOM   330  O O   . MET A 1 52  ? 6.594   5.100   6.974   1.00 16.44 ? 102  MET A O   1 
ATOM   331  C CB  . MET A 1 52  ? 8.430   4.632   4.449   1.00 19.71 ? 102  MET A CB  1 
ATOM   332  C CG  . MET A 1 52  ? 7.476   5.776   4.126   1.00 22.31 ? 102  MET A CG  1 
ATOM   333  S SD  . MET A 1 52  ? 8.103   6.818   2.805   1.00 33.25 ? 102  MET A SD  1 
ATOM   334  C CE  . MET A 1 52  ? 7.547   5.896   1.386   1.00 27.93 ? 102  MET A CE  1 
ATOM   335  N N   . PRO A 1 53  ? 8.665   4.623   7.701   1.00 17.76 ? 103  PRO A N   1 
ATOM   336  C CA  . PRO A 1 53  ? 8.463   5.427   8.906   1.00 18.90 ? 103  PRO A CA  1 
ATOM   337  C C   . PRO A 1 53  ? 8.547   6.893   8.487   1.00 20.25 ? 103  PRO A C   1 
ATOM   338  O O   . PRO A 1 53  ? 9.343   7.245   7.620   1.00 18.57 ? 103  PRO A O   1 
ATOM   339  C CB  . PRO A 1 53  ? 9.619   4.989   9.806   1.00 19.40 ? 103  PRO A CB  1 
ATOM   340  C CG  . PRO A 1 53  ? 10.703  4.662   8.825   1.00 20.73 ? 103  PRO A CG  1 
ATOM   341  C CD  . PRO A 1 53  ? 9.962   3.921   7.734   1.00 18.69 ? 103  PRO A CD  1 
ATOM   342  N N   . ARG A 1 54  ? 7.714   7.742   9.078   1.00 21.91 ? 104  ARG A N   1 
ATOM   343  C CA  . ARG A 1 54  ? 7.721   9.159   8.735   1.00 25.09 ? 104  ARG A CA  1 
ATOM   344  C C   . ARG A 1 54  ? 7.751   10.023  9.987   1.00 27.82 ? 104  ARG A C   1 
ATOM   345  O O   . ARG A 1 54  ? 7.426   9.555   11.077  1.00 27.61 ? 104  ARG A O   1 
ATOM   346  C CB  . ARG A 1 54  ? 6.493   9.508   7.884   1.00 25.15 ? 104  ARG A CB  1 
ATOM   347  C CG  . ARG A 1 54  ? 6.438   8.785   6.534   1.00 28.68 ? 104  ARG A CG  1 
ATOM   348  C CD  . ARG A 1 54  ? 7.607   9.184   5.642   1.00 31.92 ? 104  ARG A CD  1 
ATOM   349  N NE  . ARG A 1 54  ? 7.456   10.530  5.091   1.00 34.14 ? 104  ARG A NE  1 
ATOM   350  C CZ  . ARG A 1 54  ? 6.775   10.818  3.986   1.00 36.74 ? 104  ARG A CZ  1 
ATOM   351  N NH1 . ARG A 1 54  ? 6.176   9.854   3.298   1.00 37.15 ? 104  ARG A NH1 1 
ATOM   352  N NH2 . ARG A 1 54  ? 6.693   12.074  3.562   1.00 37.27 ? 104  ARG A NH2 1 
ATOM   353  N N   . PHE A 1 55  ? 8.162   11.277  9.826   1.00 30.55 ? 105  PHE A N   1 
ATOM   354  C CA  . PHE A 1 55  ? 8.240   12.215  10.943  1.00 32.39 ? 105  PHE A CA  1 
ATOM   355  C C   . PHE A 1 55  ? 7.629   13.550  10.539  1.00 33.15 ? 105  PHE A C   1 
ATOM   356  O O   . PHE A 1 55  ? 7.772   13.983  9.395   1.00 33.13 ? 105  PHE A O   1 
ATOM   357  C CB  . PHE A 1 55  ? 9.697   12.438  11.365  1.00 33.02 ? 105  PHE A CB  1 
ATOM   358  C CG  . PHE A 1 55  ? 10.421  11.183  11.768  1.00 35.23 ? 105  PHE A CG  1 
ATOM   359  C CD1 . PHE A 1 55  ? 10.725  10.204  10.828  1.00 35.17 ? 105  PHE A CD1 1 
ATOM   360  C CD2 . PHE A 1 55  ? 10.817  10.991  13.087  1.00 36.83 ? 105  PHE A CD2 1 
ATOM   361  C CE1 . PHE A 1 55  ? 11.419  9.052   11.193  1.00 37.63 ? 105  PHE A CE1 1 
ATOM   362  C CE2 . PHE A 1 55  ? 11.512  9.842   13.463  1.00 37.95 ? 105  PHE A CE2 1 
ATOM   363  C CZ  . PHE A 1 55  ? 11.814  8.871   12.513  1.00 37.67 ? 105  PHE A CZ  1 
ATOM   364  N N   . GLN A 1 62  ? 9.309   5.704   13.573  1.00 34.98 ? 112  GLN A N   1 
ATOM   365  C CA  . GLN A 1 62  ? 8.866   6.661   14.580  1.00 35.18 ? 112  GLN A CA  1 
ATOM   366  C C   . GLN A 1 62  ? 7.826   7.634   14.031  1.00 34.17 ? 112  GLN A C   1 
ATOM   367  O O   . GLN A 1 62  ? 7.514   7.620   12.840  1.00 36.45 ? 112  GLN A O   1 
ATOM   368  C CB  . GLN A 1 62  ? 10.063  7.444   15.123  1.00 36.97 ? 112  GLN A CB  1 
ATOM   369  C CG  . GLN A 1 62  ? 11.090  6.588   15.841  1.00 40.51 ? 112  GLN A CG  1 
ATOM   370  C CD  . GLN A 1 62  ? 12.282  7.392   16.323  1.00 42.33 ? 112  GLN A CD  1 
ATOM   371  O OE1 . GLN A 1 62  ? 12.133  8.350   17.082  1.00 43.11 ? 112  GLN A OE1 1 
ATOM   372  N NE2 . GLN A 1 62  ? 13.473  7.002   15.884  1.00 43.42 ? 112  GLN A NE2 1 
ATOM   373  N N   . LYS A 1 63  ? 7.298   8.475   14.916  1.00 31.04 ? 113  LYS A N   1 
ATOM   374  C CA  . LYS A 1 63  ? 6.282   9.468   14.574  1.00 26.75 ? 113  LYS A CA  1 
ATOM   375  C C   . LYS A 1 63  ? 5.029   8.856   13.946  1.00 23.34 ? 113  LYS A C   1 
ATOM   376  O O   . LYS A 1 63  ? 4.003   8.716   14.609  1.00 20.80 ? 113  LYS A O   1 
ATOM   377  C CB  . LYS A 1 63  ? 6.856   10.524  13.631  1.00 31.39 ? 113  LYS A CB  1 
ATOM   378  C CG  . LYS A 1 63  ? 5.987   11.772  13.494  1.00 33.19 ? 113  LYS A CG  1 
ATOM   379  C CD  . LYS A 1 63  ? 6.329   12.826  14.543  1.00 36.87 ? 113  LYS A CD  1 
ATOM   380  C CE  . LYS A 1 63  ? 6.075   12.345  15.965  1.00 36.94 ? 113  LYS A CE  1 
ATOM   381  N NZ  . LYS A 1 63  ? 6.525   13.351  16.967  1.00 37.57 ? 113  LYS A NZ  1 
ATOM   382  N N   . SER A 1 64  ? 5.102   8.503   12.665  1.00 20.49 ? 114  SER A N   1 
ATOM   383  C CA  . SER A 1 64  ? 3.948   7.909   12.001  1.00 18.77 ? 114  SER A CA  1 
ATOM   384  C C   . SER A 1 64  ? 4.341   6.847   10.986  1.00 17.07 ? 114  SER A C   1 
ATOM   385  O O   . SER A 1 64  ? 5.485   6.787   10.543  1.00 17.53 ? 114  SER A O   1 
ATOM   386  C CB  . SER A 1 64  ? 3.120   8.992   11.303  1.00 21.32 ? 114  SER A CB  1 
ATOM   387  O OG  . SER A 1 64  ? 3.834   9.570   10.222  1.00 24.66 ? 114  SER A OG  1 
ATOM   388  N N   . VAL A 1 65  ? 3.382   5.999   10.639  1.00 16.50 ? 115  VAL A N   1 
ATOM   389  C CA  . VAL A 1 65  ? 3.612   4.955   9.654   1.00 16.10 ? 115  VAL A CA  1 
ATOM   390  C C   . VAL A 1 65  ? 3.149   5.501   8.310   1.00 14.44 ? 115  VAL A C   1 
ATOM   391  O O   . VAL A 1 65  ? 2.019   5.975   8.191   1.00 14.43 ? 115  VAL A O   1 
ATOM   392  C CB  . VAL A 1 65  ? 2.780   3.677   9.955   1.00 18.94 ? 115  VAL A CB  1 
ATOM   393  C CG1 . VAL A 1 65  ? 3.151   2.574   8.961   1.00 20.34 ? 115  VAL A CG1 1 
ATOM   394  C CG2 . VAL A 1 65  ? 3.013   3.217   11.378  1.00 20.31 ? 115  VAL A CG2 1 
ATOM   395  N N   . GLY A 1 66  ? 4.035   5.461   7.317   1.00 12.34 ? 116  GLY A N   1 
ATOM   396  C CA  . GLY A 1 66  ? 3.689   5.902   5.975   1.00 12.35 ? 116  GLY A CA  1 
ATOM   397  C C   . GLY A 1 66  ? 3.195   4.666   5.239   1.00 10.39 ? 116  GLY A C   1 
ATOM   398  O O   . GLY A 1 66  ? 3.808   3.604   5.340   1.00 10.90 ? 116  GLY A O   1 
ATOM   399  N N   . PHE A 1 67  ? 2.104   4.797   4.491   1.00 9.48  ? 117  PHE A N   1 
ATOM   400  C CA  . PHE A 1 67  ? 1.500   3.658   3.788   1.00 10.21 ? 117  PHE A CA  1 
ATOM   401  C C   . PHE A 1 67  ? 1.049   4.136   2.406   1.00 10.89 ? 117  PHE A C   1 
ATOM   402  O O   . PHE A 1 67  ? 0.185   5.007   2.297   1.00 10.22 ? 117  PHE A O   1 
ATOM   403  C CB  . PHE A 1 67  ? 0.318   3.171   4.648   1.00 9.79  ? 117  PHE A CB  1 
ATOM   404  C CG  . PHE A 1 67  ? -0.373  1.910   4.162   1.00 10.86 ? 117  PHE A CG  1 
ATOM   405  C CD1 . PHE A 1 67  ? 0.028   1.236   3.011   1.00 10.33 ? 117  PHE A CD1 1 
ATOM   406  C CD2 . PHE A 1 67  ? -1.460  1.410   4.882   1.00 9.86  ? 117  PHE A CD2 1 
ATOM   407  C CE1 . PHE A 1 67  ? -0.652  0.080   2.584   1.00 10.65 ? 117  PHE A CE1 1 
ATOM   408  C CE2 . PHE A 1 67  ? -2.143  0.266   4.469   1.00 9.71  ? 117  PHE A CE2 1 
ATOM   409  C CZ  . PHE A 1 67  ? -1.739  -0.402  3.315   1.00 10.60 ? 117  PHE A CZ  1 
ATOM   410  N N   . PHE A 1 68  ? 1.654   3.580   1.356   1.00 10.57 ? 118  PHE A N   1 
ATOM   411  C CA  . PHE A 1 68  ? 1.323   3.963   -0.017  1.00 10.61 ? 118  PHE A CA  1 
ATOM   412  C C   . PHE A 1 68  ? 1.108   2.766   -0.925  1.00 9.52  ? 118  PHE A C   1 
ATOM   413  O O   . PHE A 1 68  ? 1.617   1.682   -0.660  1.00 10.04 ? 118  PHE A O   1 
ATOM   414  C CB  . PHE A 1 68  ? 2.450   4.800   -0.640  1.00 10.43 ? 118  PHE A CB  1 
ATOM   415  C CG  . PHE A 1 68  ? 2.802   6.030   0.140   1.00 11.58 ? 118  PHE A CG  1 
ATOM   416  C CD1 . PHE A 1 68  ? 3.558   5.940   1.305   1.00 10.60 ? 118  PHE A CD1 1 
ATOM   417  C CD2 . PHE A 1 68  ? 2.366   7.281   -0.284  1.00 11.76 ? 118  PHE A CD2 1 
ATOM   418  C CE1 . PHE A 1 68  ? 3.874   7.077   2.041   1.00 11.30 ? 118  PHE A CE1 1 
ATOM   419  C CE2 . PHE A 1 68  ? 2.675   8.427   0.444   1.00 12.38 ? 118  PHE A CE2 1 
ATOM   420  C CZ  . PHE A 1 68  ? 3.432   8.324   1.610   1.00 10.36 ? 118  PHE A CZ  1 
ATOM   421  N N   . LEU A 1 69  ? 0.359   2.981   -2.006  1.00 9.02  ? 119  LEU A N   1 
ATOM   422  C CA  . LEU A 1 69  ? 0.122   1.941   -3.003  1.00 8.20  ? 119  LEU A CA  1 
ATOM   423  C C   . LEU A 1 69  ? 0.965   2.362   -4.203  1.00 8.93  ? 119  LEU A C   1 
ATOM   424  O O   . LEU A 1 69  ? 0.891   3.506   -4.645  1.00 8.36  ? 119  LEU A O   1 
ATOM   425  C CB  . LEU A 1 69  ? -1.360  1.879   -3.397  1.00 9.87  ? 119  LEU A CB  1 
ATOM   426  C CG  . LEU A 1 69  ? -1.694  0.962   -4.584  1.00 10.46 ? 119  LEU A CG  1 
ATOM   427  C CD1 . LEU A 1 69  ? -1.199  -0.459  -4.305  1.00 9.61  ? 119  LEU A CD1 1 
ATOM   428  C CD2 . LEU A 1 69  ? -3.198  0.959   -4.826  1.00 11.14 ? 119  LEU A CD2 1 
ATOM   429  N N   . GLN A 1 70  ? 1.774   1.445   -4.722  1.00 8.59  ? 120  GLN A N   1 
ATOM   430  C CA  . GLN A 1 70  ? 2.629   1.755   -5.860  1.00 8.91  ? 120  GLN A CA  1 
ATOM   431  C C   . GLN A 1 70  ? 2.213   0.969   -7.094  1.00 9.81  ? 120  GLN A C   1 
ATOM   432  O O   . GLN A 1 70  ? 1.818   -0.195  -7.001  1.00 10.06 ? 120  GLN A O   1 
ATOM   433  C CB  . GLN A 1 70  ? 4.084   1.440   -5.509  1.00 9.03  ? 120  GLN A CB  1 
ATOM   434  C CG  . GLN A 1 70  ? 5.086   1.813   -6.586  1.00 9.04  ? 120  GLN A CG  1 
ATOM   435  C CD  . GLN A 1 70  ? 6.465   1.265   -6.280  1.00 10.14 ? 120  GLN A CD  1 
ATOM   436  O OE1 . GLN A 1 70  ? 7.351   1.976   -5.781  1.00 13.96 ? 120  GLN A OE1 1 
ATOM   437  N NE2 . GLN A 1 70  ? 6.649   -0.006  -6.559  1.00 7.05  ? 120  GLN A NE2 1 
ATOM   438  N N   . CYS A 1 71  ? 2.296   1.612   -8.255  1.00 9.34  ? 121  CYS A N   1 
ATOM   439  C CA  . CYS A 1 71  ? 1.921   0.955   -9.498  1.00 9.72  ? 121  CYS A CA  1 
ATOM   440  C C   . CYS A 1 71  ? 2.955   1.077   -10.610 1.00 9.76  ? 121  CYS A C   1 
ATOM   441  O O   . CYS A 1 71  ? 3.414   2.178   -10.921 1.00 8.67  ? 121  CYS A O   1 
ATOM   442  C CB  . CYS A 1 71  ? 0.593   1.525   -10.014 1.00 9.35  ? 121  CYS A CB  1 
ATOM   443  S SG  . CYS A 1 71  ? 0.086   0.884   -11.651 1.00 12.59 ? 121  CYS A SG  1 
ATOM   444  N N   . ASN A 1 72  ? 3.335   -0.063  -11.183 1.00 9.21  ? 122  ASN A N   1 
ATOM   445  C CA  . ASN A 1 72  ? 4.240   -0.094  -12.337 1.00 9.59  ? 122  ASN A CA  1 
ATOM   446  C C   . ASN A 1 72  ? 5.470   0.820   -12.216 1.00 10.15 ? 122  ASN A C   1 
ATOM   447  O O   . ASN A 1 72  ? 5.873   1.446   -13.197 1.00 11.24 ? 122  ASN A O   1 
ATOM   448  C CB  . ASN A 1 72  ? 3.414   0.321   -13.565 1.00 10.27 ? 122  ASN A CB  1 
ATOM   449  C CG  . ASN A 1 72  ? 3.987   -0.182  -14.873 1.00 11.08 ? 122  ASN A CG  1 
ATOM   450  O OD1 . ASN A 1 72  ? 3.806   0.445   -15.922 1.00 13.46 ? 122  ASN A OD1 1 
ATOM   451  N ND2 . ASN A 1 72  ? 4.652   -1.328  -14.830 1.00 7.54  ? 122  ASN A ND2 1 
ATOM   452  N N   . ALA A 1 73  ? 6.081   0.879   -11.037 1.00 9.67  ? 123  ALA A N   1 
ATOM   453  C CA  . ALA A 1 73  ? 7.230   1.761   -10.817 1.00 10.11 ? 123  ALA A CA  1 
ATOM   454  C C   . ALA A 1 73  ? 8.542   1.365   -11.492 1.00 12.86 ? 123  ALA A C   1 
ATOM   455  O O   . ALA A 1 73  ? 9.353   2.228   -11.842 1.00 12.00 ? 123  ALA A O   1 
ATOM   456  C CB  . ALA A 1 73  ? 7.466   1.931   -9.318  1.00 10.65 ? 123  ALA A CB  1 
ATOM   457  N N   . GLU A 1 74  ? 8.749   0.066   -11.664 1.00 12.82 ? 124  GLU A N   1 
ATOM   458  C CA  . GLU A 1 74  ? 9.976   -0.460  -12.257 1.00 16.36 ? 124  GLU A CA  1 
ATOM   459  C C   . GLU A 1 74  ? 10.143  -0.103  -13.738 1.00 15.83 ? 124  GLU A C   1 
ATOM   460  O O   . GLU A 1 74  ? 11.255  0.178   -14.198 1.00 16.34 ? 124  GLU A O   1 
ATOM   461  C CB  . GLU A 1 74  ? 9.993   -1.982  -12.091 1.00 18.45 ? 124  GLU A CB  1 
ATOM   462  C CG  . GLU A 1 74  ? 11.362  -2.615  -11.898 1.00 25.79 ? 124  GLU A CG  1 
ATOM   463  C CD  . GLU A 1 74  ? 11.906  -2.413  -10.490 1.00 28.55 ? 124  GLU A CD  1 
ATOM   464  O OE1 . GLU A 1 74  ? 12.588  -1.390  -10.261 1.00 27.20 ? 124  GLU A OE1 1 
ATOM   465  O OE2 . GLU A 1 74  ? 11.640  -3.274  -9.612  1.00 28.67 ? 124  GLU A OE2 1 
ATOM   466  N N   . SER A 1 75  ? 9.034   -0.111  -14.472 1.00 15.67 ? 125  SER A N   1 
ATOM   467  C CA  . SER A 1 75  ? 9.037   0.183   -15.903 1.00 16.02 ? 125  SER A CA  1 
ATOM   468  C C   . SER A 1 75  ? 9.656   1.527   -16.276 1.00 16.08 ? 125  SER A C   1 
ATOM   469  O O   . SER A 1 75  ? 9.428   2.534   -15.611 1.00 15.20 ? 125  SER A O   1 
ATOM   470  C CB  . SER A 1 75  ? 7.607   0.118   -16.454 1.00 17.33 ? 125  SER A CB  1 
ATOM   471  O OG  . SER A 1 75  ? 7.592   0.379   -17.849 1.00 15.99 ? 125  SER A OG  1 
ATOM   472  N N   . ASP A 1 76  ? 10.447  1.529   -17.346 1.00 17.43 ? 126  ASP A N   1 
ATOM   473  C CA  . ASP A 1 76  ? 11.092  2.745   -17.828 1.00 19.38 ? 126  ASP A CA  1 
ATOM   474  C C   . ASP A 1 76  ? 10.131  3.509   -18.738 1.00 18.47 ? 126  ASP A C   1 
ATOM   475  O O   . ASP A 1 76  ? 10.455  4.584   -19.246 1.00 17.98 ? 126  ASP A O   1 
ATOM   476  C CB  . ASP A 1 76  ? 12.359  2.395   -18.609 1.00 25.19 ? 126  ASP A CB  1 
ATOM   477  C CG  . ASP A 1 76  ? 12.061  1.651   -19.895 1.00 29.76 ? 126  ASP A CG  1 
ATOM   478  O OD1 . ASP A 1 76  ? 11.363  0.616   -19.836 1.00 35.25 ? 126  ASP A OD1 1 
ATOM   479  O OD2 . ASP A 1 76  ? 12.523  2.098   -20.967 1.00 35.47 ? 126  ASP A OD2 1 
ATOM   480  N N   . SER A 1 77  ? 8.949   2.949   -18.952 1.00 16.34 ? 127  SER A N   1 
ATOM   481  C CA  . SER A 1 77  ? 7.956   3.596   -19.798 1.00 16.25 ? 127  SER A CA  1 
ATOM   482  C C   . SER A 1 77  ? 7.416   4.871   -19.169 1.00 16.00 ? 127  SER A C   1 
ATOM   483  O O   . SER A 1 77  ? 7.246   4.955   -17.951 1.00 15.16 ? 127  SER A O   1 
ATOM   484  C CB  . SER A 1 77  ? 6.786   2.649   -20.073 1.00 16.01 ? 127  SER A CB  1 
ATOM   485  O OG  . SER A 1 77  ? 5.718   3.351   -20.690 1.00 16.45 ? 127  SER A OG  1 
ATOM   486  N N   . THR A 1 78  ? 7.143   5.863   -20.012 1.00 15.46 ? 128  THR A N   1 
ATOM   487  C CA  . THR A 1 78  ? 6.595   7.131   -19.553 1.00 15.51 ? 128  THR A CA  1 
ATOM   488  C C   . THR A 1 78  ? 5.276   7.391   -20.279 1.00 15.63 ? 128  THR A C   1 
ATOM   489  O O   . THR A 1 78  ? 4.741   8.497   -20.234 1.00 15.79 ? 128  THR A O   1 
ATOM   490  C CB  . THR A 1 78  ? 7.556   8.306   -19.848 1.00 17.54 ? 128  THR A CB  1 
ATOM   491  O OG1 . THR A 1 78  ? 7.768   8.414   -21.261 1.00 15.55 ? 128  THR A OG1 1 
ATOM   492  C CG2 . THR A 1 78  ? 8.893   8.085   -19.160 1.00 18.40 ? 128  THR A CG2 1 
ATOM   493  N N   . SER A 1 79  ? 4.748   6.359   -20.932 1.00 12.90 ? 129  SER A N   1 
ATOM   494  C CA  . SER A 1 79  ? 3.505   6.479   -21.688 1.00 13.29 ? 129  SER A CA  1 
ATOM   495  C C   . SER A 1 79  ? 2.294   5.861   -20.999 1.00 11.97 ? 129  SER A C   1 
ATOM   496  O O   . SER A 1 79  ? 1.160   6.051   -21.441 1.00 12.00 ? 129  SER A O   1 
ATOM   497  C CB  . SER A 1 79  ? 3.671   5.817   -23.059 1.00 14.17 ? 129  SER A CB  1 
ATOM   498  O OG  . SER A 1 79  ? 3.899   4.419   -22.917 1.00 14.85 ? 129  SER A OG  1 
ATOM   499  N N   . TRP A 1 80  ? 2.529   5.123   -19.921 1.00 10.87 ? 130  TRP A N   1 
ATOM   500  C CA  . TRP A 1 80  ? 1.440   4.449   -19.232 1.00 9.87  ? 130  TRP A CA  1 
ATOM   501  C C   . TRP A 1 80  ? 0.678   5.270   -18.198 1.00 9.26  ? 130  TRP A C   1 
ATOM   502  O O   . TRP A 1 80  ? 1.198   6.231   -17.628 1.00 11.61 ? 130  TRP A O   1 
ATOM   503  C CB  . TRP A 1 80  ? 1.967   3.178   -18.551 1.00 10.93 ? 130  TRP A CB  1 
ATOM   504  C CG  . TRP A 1 80  ? 2.856   3.460   -17.374 1.00 10.21 ? 130  TRP A CG  1 
ATOM   505  C CD1 . TRP A 1 80  ? 4.199   3.715   -17.396 1.00 11.99 ? 130  TRP A CD1 1 
ATOM   506  C CD2 . TRP A 1 80  ? 2.450   3.563   -16.004 1.00 10.62 ? 130  TRP A CD2 1 
ATOM   507  N NE1 . TRP A 1 80  ? 4.653   3.973   -16.123 1.00 11.18 ? 130  TRP A NE1 1 
ATOM   508  C CE2 . TRP A 1 80  ? 3.599   3.887   -15.250 1.00 10.32 ? 130  TRP A CE2 1 
ATOM   509  C CE3 . TRP A 1 80  ? 1.223   3.416   -15.341 1.00 9.43  ? 130  TRP A CE3 1 
ATOM   510  C CZ2 . TRP A 1 80  ? 3.560   4.066   -13.862 1.00 11.06 ? 130  TRP A CZ2 1 
ATOM   511  C CZ3 . TRP A 1 80  ? 1.183   3.594   -13.960 1.00 9.90  ? 130  TRP A CZ3 1 
ATOM   512  C CH2 . TRP A 1 80  ? 2.346   3.916   -13.237 1.00 8.97  ? 130  TRP A CH2 1 
ATOM   513  N N   . SER A 1 81  ? -0.570  4.880   -17.971 1.00 10.01 ? 131  SER A N   1 
ATOM   514  C CA  . SER A 1 81  ? -1.404  5.519   -16.958 1.00 10.64 ? 131  SER A CA  1 
ATOM   515  C C   . SER A 1 81  ? -2.508  4.545   -16.579 1.00 10.10 ? 131  SER A C   1 
ATOM   516  O O   . SER A 1 81  ? -2.943  3.728   -17.391 1.00 11.36 ? 131  SER A O   1 
ATOM   517  C CB  . SER A 1 81  ? -2.001  6.849   -17.456 1.00 9.64  ? 131  SER A CB  1 
ATOM   518  O OG  . SER A 1 81  ? -2.977  6.651   -18.460 1.00 13.12 ? 131  SER A OG  1 
ATOM   519  N N   . CYS A 1 82  ? -2.937  4.605   -15.326 1.00 10.09 ? 132  CYS A N   1 
ATOM   520  C CA  . CYS A 1 82  ? -3.992  3.725   -14.860 1.00 10.00 ? 132  CYS A CA  1 
ATOM   521  C C   . CYS A 1 82  ? -4.671  4.366   -13.671 1.00 9.99  ? 132  CYS A C   1 
ATOM   522  O O   . CYS A 1 82  ? -4.029  4.683   -12.672 1.00 8.79  ? 132  CYS A O   1 
ATOM   523  C CB  . CYS A 1 82  ? -3.423  2.359   -14.456 1.00 9.80  ? 132  CYS A CB  1 
ATOM   524  S SG  . CYS A 1 82  ? -4.664  1.190   -13.819 1.00 12.73 ? 132  CYS A SG  1 
ATOM   525  N N   . HIS A 1 83  ? -5.974  4.579   -13.786 1.00 10.44 ? 133  HIS A N   1 
ATOM   526  C CA  . HIS A 1 83  ? -6.704  5.164   -12.681 1.00 11.49 ? 133  HIS A CA  1 
ATOM   527  C C   . HIS A 1 83  ? -7.234  4.037   -11.817 1.00 10.82 ? 133  HIS A C   1 
ATOM   528  O O   . HIS A 1 83  ? -7.733  3.036   -12.321 1.00 10.87 ? 133  HIS A O   1 
ATOM   529  C CB  . HIS A 1 83  ? -7.858  6.033   -13.180 1.00 13.01 ? 133  HIS A CB  1 
ATOM   530  C CG  . HIS A 1 83  ? -8.490  6.851   -12.100 1.00 16.04 ? 133  HIS A CG  1 
ATOM   531  N ND1 . HIS A 1 83  ? -9.400  6.328   -11.207 1.00 19.13 ? 133  HIS A ND1 1 
ATOM   532  C CD2 . HIS A 1 83  ? -8.299  8.139   -11.730 1.00 18.36 ? 133  HIS A CD2 1 
ATOM   533  C CE1 . HIS A 1 83  ? -9.743  7.259   -10.335 1.00 18.55 ? 133  HIS A CE1 1 
ATOM   534  N NE2 . HIS A 1 83  ? -9.088  8.366   -10.630 1.00 21.03 ? 133  HIS A NE2 1 
ATOM   535  N N   . ALA A 1 84  ? -7.108  4.191   -10.506 1.00 11.82 ? 134  ALA A N   1 
ATOM   536  C CA  . ALA A 1 84  ? -7.587  3.165   -9.602  1.00 10.38 ? 134  ALA A CA  1 
ATOM   537  C C   . ALA A 1 84  ? -8.044  3.762   -8.290  1.00 11.25 ? 134  ALA A C   1 
ATOM   538  O O   . ALA A 1 84  ? -7.653  4.868   -7.919  1.00 11.48 ? 134  ALA A O   1 
ATOM   539  C CB  . ALA A 1 84  ? -6.482  2.133   -9.340  1.00 9.26  ? 134  ALA A CB  1 
ATOM   540  N N   . GLN A 1 85  ? -8.902  3.022   -7.605  1.00 12.23 ? 135  GLN A N   1 
ATOM   541  C CA  . GLN A 1 85  ? -9.380  3.417   -6.298  1.00 13.00 ? 135  GLN A CA  1 
ATOM   542  C C   . GLN A 1 85  ? -8.906  2.275   -5.416  1.00 12.60 ? 135  GLN A C   1 
ATOM   543  O O   . GLN A 1 85  ? -8.763  1.142   -5.883  1.00 12.58 ? 135  GLN A O   1 
ATOM   544  C CB  . GLN A 1 85  ? -10.905 3.520   -6.274  1.00 16.37 ? 135  GLN A CB  1 
ATOM   545  C CG  . GLN A 1 85  ? -11.444 4.665   -7.113  1.00 24.41 ? 135  GLN A CG  1 
ATOM   546  C CD  . GLN A 1 85  ? -12.930 4.885   -6.913  1.00 28.08 ? 135  GLN A CD  1 
ATOM   547  O OE1 . GLN A 1 85  ? -13.739 3.984   -7.138  1.00 29.84 ? 135  GLN A OE1 1 
ATOM   548  N NE2 . GLN A 1 85  ? -13.297 6.090   -6.489  1.00 31.76 ? 135  GLN A NE2 1 
ATOM   549  N N   . ALA A 1 86  ? -8.624  2.563   -4.155  1.00 11.23 ? 136  ALA A N   1 
ATOM   550  C CA  . ALA A 1 86  ? -8.162  1.503   -3.281  1.00 10.65 ? 136  ALA A CA  1 
ATOM   551  C C   . ALA A 1 86  ? -8.434  1.783   -1.824  1.00 11.80 ? 136  ALA A C   1 
ATOM   552  O O   . ALA A 1 86  ? -8.640  2.925   -1.417  1.00 13.23 ? 136  ALA A O   1 
ATOM   553  C CB  . ALA A 1 86  ? -6.664  1.266   -3.490  1.00 10.44 ? 136  ALA A CB  1 
ATOM   554  N N   . VAL A 1 87  ? -8.454  0.711   -1.048  1.00 11.61 ? 137  VAL A N   1 
ATOM   555  C CA  . VAL A 1 87  ? -8.647  0.805   0.385   1.00 11.90 ? 137  VAL A CA  1 
ATOM   556  C C   . VAL A 1 87  ? -7.349  0.289   0.981   1.00 11.95 ? 137  VAL A C   1 
ATOM   557  O O   . VAL A 1 87  ? -6.968  -0.862  0.746   1.00 12.04 ? 137  VAL A O   1 
ATOM   558  C CB  . VAL A 1 87  ? -9.808  -0.088  0.872   1.00 13.55 ? 137  VAL A CB  1 
ATOM   559  C CG1 . VAL A 1 87  ? -9.915  -0.007  2.389   1.00 14.35 ? 137  VAL A CG1 1 
ATOM   560  C CG2 . VAL A 1 87  ? -11.114 0.346   0.212   1.00 13.05 ? 137  VAL A CG2 1 
ATOM   561  N N   . LEU A 1 88  ? -6.653  1.155   1.709   1.00 11.12 ? 138  LEU A N   1 
ATOM   562  C CA  . LEU A 1 88  ? -5.403  0.796   2.363   1.00 10.90 ? 138  LEU A CA  1 
ATOM   563  C C   . LEU A 1 88  ? -5.768  0.518   3.807   1.00 11.42 ? 138  LEU A C   1 
ATOM   564  O O   . LEU A 1 88  ? -6.338  1.373   4.482   1.00 11.71 ? 138  LEU A O   1 
ATOM   565  C CB  . LEU A 1 88  ? -4.406  1.950   2.275   1.00 11.38 ? 138  LEU A CB  1 
ATOM   566  C CG  . LEU A 1 88  ? -3.626  2.055   0.961   1.00 12.74 ? 138  LEU A CG  1 
ATOM   567  C CD1 . LEU A 1 88  ? -4.572  2.079   -0.235  1.00 13.68 ? 138  LEU A CD1 1 
ATOM   568  C CD2 . LEU A 1 88  ? -2.765  3.307   1.000   1.00 14.19 ? 138  LEU A CD2 1 
ATOM   569  N N   . LYS A 1 89  ? -5.443  -0.680  4.277   1.00 10.84 ? 139  LYS A N   1 
ATOM   570  C CA  . LYS A 1 89  ? -5.806  -1.059  5.634   1.00 12.19 ? 139  LYS A CA  1 
ATOM   571  C C   . LYS A 1 89  ? -4.707  -1.741  6.431   1.00 12.41 ? 139  LYS A C   1 
ATOM   572  O O   . LYS A 1 89  ? -3.934  -2.536  5.898   1.00 12.72 ? 139  LYS A O   1 
ATOM   573  C CB  . LYS A 1 89  ? -7.035  -1.974  5.577   1.00 16.11 ? 139  LYS A CB  1 
ATOM   574  C CG  . LYS A 1 89  ? -7.444  -2.593  6.910   1.00 17.27 ? 139  LYS A CG  1 
ATOM   575  C CD  . LYS A 1 89  ? -8.824  -3.238  6.827   1.00 24.59 ? 139  LYS A CD  1 
ATOM   576  C CE  . LYS A 1 89  ? -8.883  -4.325  5.776   1.00 26.42 ? 139  LYS A CE  1 
ATOM   577  N NZ  . LYS A 1 89  ? -10.250 -4.928  5.679   1.00 31.38 ? 139  LYS A NZ  1 
ATOM   578  N N   . ILE A 1 90  ? -4.620  -1.398  7.711   1.00 11.27 ? 140  ILE A N   1 
ATOM   579  C CA  . ILE A 1 90  ? -3.659  -2.047  8.587   1.00 11.63 ? 140  ILE A CA  1 
ATOM   580  C C   . ILE A 1 90  ? -4.523  -2.981  9.429   1.00 12.24 ? 140  ILE A C   1 
ATOM   581  O O   . ILE A 1 90  ? -5.405  -2.543  10.170  1.00 12.75 ? 140  ILE A O   1 
ATOM   582  C CB  . ILE A 1 90  ? -2.899  -1.042  9.479   1.00 10.65 ? 140  ILE A CB  1 
ATOM   583  C CG1 . ILE A 1 90  ? -1.997  -0.167  8.604   1.00 11.25 ? 140  ILE A CG1 1 
ATOM   584  C CG2 . ILE A 1 90  ? -2.044  -1.798  10.498  1.00 10.82 ? 140  ILE A CG2 1 
ATOM   585  C CD1 . ILE A 1 90  ? -1.129  0.817   9.377   1.00 13.72 ? 140  ILE A CD1 1 
ATOM   586  N N   . ILE A 1 91  ? -4.276  -4.276  9.272   1.00 11.89 ? 141  ILE A N   1 
ATOM   587  C CA  . ILE A 1 91  ? -5.032  -5.315  9.959   1.00 12.67 ? 141  ILE A CA  1 
ATOM   588  C C   . ILE A 1 91  ? -4.855  -5.354  11.468  1.00 12.95 ? 141  ILE A C   1 
ATOM   589  O O   . ILE A 1 91  ? -3.740  -5.263  11.980  1.00 11.30 ? 141  ILE A O   1 
ATOM   590  C CB  . ILE A 1 91  ? -4.658  -6.716  9.408   1.00 14.28 ? 141  ILE A CB  1 
ATOM   591  C CG1 . ILE A 1 91  ? -4.952  -6.785  7.905   1.00 14.64 ? 141  ILE A CG1 1 
ATOM   592  C CG2 . ILE A 1 91  ? -5.428  -7.810  10.160  1.00 13.62 ? 141  ILE A CG2 1 
ATOM   593  C CD1 . ILE A 1 91  ? -6.408  -6.585  7.548   1.00 18.20 ? 141  ILE A CD1 1 
ATOM   594  N N   . ASN A 1 92  ? -5.974  -5.469  12.173  1.00 12.56 ? 142  ASN A N   1 
ATOM   595  C CA  . ASN A 1 92  ? -5.943  -5.601  13.623  1.00 14.02 ? 142  ASN A CA  1 
ATOM   596  C C   . ASN A 1 92  ? -6.244  -7.087  13.783  1.00 14.78 ? 142  ASN A C   1 
ATOM   597  O O   . ASN A 1 92  ? -7.341  -7.540  13.445  1.00 15.81 ? 142  ASN A O   1 
ATOM   598  C CB  . ASN A 1 92  ? -7.037  -4.759  14.282  1.00 13.79 ? 142  ASN A CB  1 
ATOM   599  C CG  . ASN A 1 92  ? -6.952  -4.791  15.792  1.00 14.33 ? 142  ASN A CG  1 
ATOM   600  O OD1 . ASN A 1 92  ? -7.146  -5.835  16.410  1.00 14.92 ? 142  ASN A OD1 1 
ATOM   601  N ND2 . ASN A 1 92  ? -6.641  -3.649  16.395  1.00 16.36 ? 142  ASN A ND2 1 
ATOM   602  N N   . TYR A 1 93  ? -5.269  -7.848  14.271  1.00 16.69 ? 143  TYR A N   1 
ATOM   603  C CA  . TYR A 1 93  ? -5.437  -9.291  14.404  1.00 20.41 ? 143  TYR A CA  1 
ATOM   604  C C   . TYR A 1 93  ? -6.368  -9.733  15.529  1.00 21.18 ? 143  TYR A C   1 
ATOM   605  O O   . TYR A 1 93  ? -6.867  -10.859 15.518  1.00 21.99 ? 143  TYR A O   1 
ATOM   606  C CB  . TYR A 1 93  ? -4.065  -9.966  14.549  1.00 23.35 ? 143  TYR A CB  1 
ATOM   607  C CG  . TYR A 1 93  ? -3.462  -9.912  15.934  1.00 27.05 ? 143  TYR A CG  1 
ATOM   608  C CD1 . TYR A 1 93  ? -3.857  -10.814 16.923  1.00 29.63 ? 143  TYR A CD1 1 
ATOM   609  C CD2 . TYR A 1 93  ? -2.492  -8.964  16.258  1.00 28.83 ? 143  TYR A CD2 1 
ATOM   610  C CE1 . TYR A 1 93  ? -3.300  -10.775 18.200  1.00 30.38 ? 143  TYR A CE1 1 
ATOM   611  C CE2 . TYR A 1 93  ? -1.931  -8.915  17.533  1.00 30.33 ? 143  TYR A CE2 1 
ATOM   612  C CZ  . TYR A 1 93  ? -2.340  -9.825  18.498  1.00 31.24 ? 143  TYR A CZ  1 
ATOM   613  O OH  . TYR A 1 93  ? -1.792  -9.783  19.757  1.00 31.92 ? 143  TYR A OH  1 
ATOM   614  N N   . ARG A 1 94  ? -6.607  -8.849  16.490  1.00 20.25 ? 144  ARG A N   1 
ATOM   615  C CA  . ARG A 1 94  ? -7.484  -9.168  17.612  1.00 22.43 ? 144  ARG A CA  1 
ATOM   616  C C   . ARG A 1 94  ? -8.951  -8.940  17.275  1.00 23.76 ? 144  ARG A C   1 
ATOM   617  O O   . ARG A 1 94  ? -9.830  -9.611  17.814  1.00 25.20 ? 144  ARG A O   1 
ATOM   618  C CB  . ARG A 1 94  ? -7.117  -8.321  18.828  1.00 22.01 ? 144  ARG A CB  1 
ATOM   619  C CG  . ARG A 1 94  ? -5.743  -8.611  19.395  1.00 23.64 ? 144  ARG A CG  1 
ATOM   620  C CD  . ARG A 1 94  ? -5.479  -7.763  20.620  1.00 23.59 ? 144  ARG A CD  1 
ATOM   621  N NE  . ARG A 1 94  ? -4.227  -8.127  21.271  1.00 26.37 ? 144  ARG A NE  1 
ATOM   622  C CZ  . ARG A 1 94  ? -3.785  -7.577  22.396  1.00 27.14 ? 144  ARG A CZ  1 
ATOM   623  N NH1 . ARG A 1 94  ? -4.494  -6.633  22.996  1.00 28.40 ? 144  ARG A NH1 1 
ATOM   624  N NH2 . ARG A 1 94  ? -2.639  -7.978  22.925  1.00 29.25 ? 144  ARG A NH2 1 
ATOM   625  N N   . ASP A 1 95  ? -9.210  -7.989  16.384  1.00 23.59 ? 145  ASP A N   1 
ATOM   626  C CA  . ASP A 1 95  ? -10.575 -7.661  15.989  1.00 23.59 ? 145  ASP A CA  1 
ATOM   627  C C   . ASP A 1 95  ? -10.537 -6.935  14.649  1.00 24.76 ? 145  ASP A C   1 
ATOM   628  O O   . ASP A 1 95  ? -10.100 -5.787  14.572  1.00 23.76 ? 145  ASP A O   1 
ATOM   629  C CB  . ASP A 1 95  ? -11.209 -6.770  17.060  1.00 23.20 ? 145  ASP A CB  1 
ATOM   630  C CG  . ASP A 1 95  ? -12.663 -6.455  16.780  1.00 23.68 ? 145  ASP A CG  1 
ATOM   631  O OD1 . ASP A 1 95  ? -13.316 -5.878  17.673  1.00 24.53 ? 145  ASP A OD1 1 
ATOM   632  O OD2 . ASP A 1 95  ? -13.152 -6.774  15.677  1.00 23.89 ? 145  ASP A OD2 1 
ATOM   633  N N   . ASP A 1 96  ? -10.993 -7.605  13.594  1.00 26.09 ? 146  ASP A N   1 
ATOM   634  C CA  . ASP A 1 96  ? -10.978 -7.005  12.263  1.00 28.15 ? 146  ASP A CA  1 
ATOM   635  C C   . ASP A 1 96  ? -11.748 -5.692  12.176  1.00 28.32 ? 146  ASP A C   1 
ATOM   636  O O   . ASP A 1 96  ? -11.434 -4.843  11.342  1.00 28.22 ? 146  ASP A O   1 
ATOM   637  C CB  . ASP A 1 96  ? -11.521 -7.986  11.223  1.00 30.55 ? 146  ASP A CB  1 
ATOM   638  C CG  . ASP A 1 96  ? -11.334 -7.482  9.804   1.00 33.26 ? 146  ASP A CG  1 
ATOM   639  O OD1 . ASP A 1 96  ? -10.178 -7.196  9.421   1.00 34.28 ? 146  ASP A OD1 1 
ATOM   640  O OD2 . ASP A 1 96  ? -12.339 -7.370  9.071   1.00 34.89 ? 146  ASP A OD2 1 
ATOM   641  N N   . GLU A 1 97  ? -12.754 -5.513  13.026  1.00 28.06 ? 147  GLU A N   1 
ATOM   642  C CA  . GLU A 1 97  ? -13.523 -4.275  12.998  1.00 27.30 ? 147  GLU A CA  1 
ATOM   643  C C   . GLU A 1 97  ? -12.677 -3.123  13.526  1.00 26.44 ? 147  GLU A C   1 
ATOM   644  O O   . GLU A 1 97  ? -13.022 -1.953  13.355  1.00 26.15 ? 147  GLU A O   1 
ATOM   645  C CB  . GLU A 1 97  ? -14.806 -4.408  13.825  1.00 30.01 ? 147  GLU A CB  1 
ATOM   646  C CG  . GLU A 1 97  ? -15.775 -5.454  13.297  1.00 32.27 ? 147  GLU A CG  1 
ATOM   647  C CD  . GLU A 1 97  ? -17.151 -5.345  13.929  1.00 35.47 ? 147  GLU A CD  1 
ATOM   648  O OE1 . GLU A 1 97  ? -17.237 -5.321  15.174  1.00 36.73 ? 147  GLU A OE1 1 
ATOM   649  O OE2 . GLU A 1 97  ? -18.149 -5.288  13.178  1.00 37.00 ? 147  GLU A OE2 1 
ATOM   650  N N   . LYS A 1 98  ? -11.561 -3.468  14.163  1.00 22.70 ? 148  LYS A N   1 
ATOM   651  C CA  . LYS A 1 98  ? -10.644 -2.479  14.716  1.00 22.04 ? 148  LYS A CA  1 
ATOM   652  C C   . LYS A 1 98  ? -9.527  -2.173  13.717  1.00 19.37 ? 148  LYS A C   1 
ATOM   653  O O   . LYS A 1 98  ? -8.643  -1.363  13.993  1.00 18.45 ? 148  LYS A O   1 
ATOM   654  C CB  . LYS A 1 98  ? -10.034 -2.987  16.023  1.00 24.65 ? 148  LYS A CB  1 
ATOM   655  C CG  . LYS A 1 98  ? -11.038 -3.240  17.140  1.00 28.93 ? 148  LYS A CG  1 
ATOM   656  C CD  . LYS A 1 98  ? -11.677 -1.952  17.625  1.00 31.05 ? 148  LYS A CD  1 
ATOM   657  C CE  . LYS A 1 98  ? -12.594 -2.202  18.821  1.00 32.83 ? 148  LYS A CE  1 
ATOM   658  N NZ  . LYS A 1 98  ? -11.854 -2.730  20.005  1.00 33.57 ? 148  LYS A NZ  1 
ATOM   659  N N   . SER A 1 99  ? -9.557  -2.838  12.567  1.00 17.26 ? 149  SER A N   1 
ATOM   660  C CA  . SER A 1 99  ? -8.553  -2.586  11.536  1.00 16.94 ? 149  SER A CA  1 
ATOM   661  C C   . SER A 1 99  ? -8.741  -1.139  11.097  1.00 17.48 ? 149  SER A C   1 
ATOM   662  O O   . SER A 1 99  ? -9.864  -0.632  11.084  1.00 17.71 ? 149  SER A O   1 
ATOM   663  C CB  . SER A 1 99  ? -8.755  -3.522  10.343  1.00 15.10 ? 149  SER A CB  1 
ATOM   664  O OG  . SER A 1 99  ? -8.475  -4.868  10.692  1.00 16.25 ? 149  SER A OG  1 
ATOM   665  N N   . PHE A 1 100 ? -7.649  -0.471  10.741  1.00 16.06 ? 150  PHE A N   1 
ATOM   666  C CA  . PHE A 1 100 ? -7.735  0.922   10.330  1.00 17.33 ? 150  PHE A CA  1 
ATOM   667  C C   . PHE A 1 100 ? -7.542  1.075   8.831   1.00 16.37 ? 150  PHE A C   1 
ATOM   668  O O   . PHE A 1 100 ? -6.545  0.610   8.281   1.00 13.35 ? 150  PHE A O   1 
ATOM   669  C CB  . PHE A 1 100 ? -6.685  1.759   11.054  1.00 19.79 ? 150  PHE A CB  1 
ATOM   670  C CG  . PHE A 1 100 ? -6.860  3.233   10.854  1.00 23.37 ? 150  PHE A CG  1 
ATOM   671  C CD1 . PHE A 1 100 ? -7.958  3.892   11.405  1.00 26.39 ? 150  PHE A CD1 1 
ATOM   672  C CD2 . PHE A 1 100 ? -5.961  3.958   10.083  1.00 22.67 ? 150  PHE A CD2 1 
ATOM   673  C CE1 . PHE A 1 100 ? -8.158  5.251   11.189  1.00 27.81 ? 150  PHE A CE1 1 
ATOM   674  C CE2 . PHE A 1 100 ? -6.151  5.320   9.860   1.00 24.98 ? 150  PHE A CE2 1 
ATOM   675  C CZ  . PHE A 1 100 ? -7.251  5.967   10.413  1.00 27.29 ? 150  PHE A CZ  1 
ATOM   676  N N   . SER A 1 101 ? -8.487  1.738   8.172   1.00 15.77 ? 151  SER A N   1 
ATOM   677  C CA  . SER A 1 101 ? -8.379  1.921   6.730   1.00 15.80 ? 151  SER A CA  1 
ATOM   678  C C   . SER A 1 101 ? -8.675  3.335   6.243   1.00 16.33 ? 151  SER A C   1 
ATOM   679  O O   . SER A 1 101 ? -9.397  4.103   6.884   1.00 14.67 ? 151  SER A O   1 
ATOM   680  C CB  . SER A 1 101 ? -9.299  0.937   6.005   1.00 17.27 ? 151  SER A CB  1 
ATOM   681  O OG  . SER A 1 101 ? -10.665 1.256   6.213   1.00 22.08 ? 151  SER A OG  1 
ATOM   682  N N   . ARG A 1 102 ? -8.089  3.664   5.096   1.00 14.43 ? 152  ARG A N   1 
ATOM   683  C CA  . ARG A 1 102 ? -8.270  4.951   4.443   1.00 15.29 ? 152  ARG A CA  1 
ATOM   684  C C   . ARG A 1 102 ? -8.413  4.626   2.960   1.00 16.50 ? 152  ARG A C   1 
ATOM   685  O O   . ARG A 1 102 ? -7.857  3.637   2.481   1.00 16.48 ? 152  ARG A O   1 
ATOM   686  C CB  . ARG A 1 102 ? -7.051  5.857   4.659   1.00 15.63 ? 152  ARG A CB  1 
ATOM   687  C CG  . ARG A 1 102 ? -6.808  6.301   6.102   1.00 17.11 ? 152  ARG A CG  1 
ATOM   688  C CD  . ARG A 1 102 ? -5.551  7.165   6.173   1.00 22.80 ? 152  ARG A CD  1 
ATOM   689  N NE  . ARG A 1 102 ? -5.182  7.566   7.530   1.00 27.33 ? 152  ARG A NE  1 
ATOM   690  C CZ  . ARG A 1 102 ? -5.839  8.465   8.259   1.00 29.67 ? 152  ARG A CZ  1 
ATOM   691  N NH1 . ARG A 1 102 ? -6.912  9.069   7.768   1.00 29.96 ? 152  ARG A NH1 1 
ATOM   692  N NH2 . ARG A 1 102 ? -5.412  8.769   9.480   1.00 29.22 ? 152  ARG A NH2 1 
ATOM   693  N N   . ARG A 1 103 ? -9.157  5.451   2.236   1.00 16.54 ? 153  ARG A N   1 
ATOM   694  C CA  . ARG A 1 103 ? -9.369  5.220   0.815   1.00 17.67 ? 153  ARG A CA  1 
ATOM   695  C C   . ARG A 1 103 ? -8.642  6.239   -0.052  1.00 15.38 ? 153  ARG A C   1 
ATOM   696  O O   . ARG A 1 103 ? -8.385  7.367   0.374   1.00 13.17 ? 153  ARG A O   1 
ATOM   697  C CB  . ARG A 1 103 ? -10.871 5.250   0.512   1.00 22.34 ? 153  ARG A CB  1 
ATOM   698  C CG  . ARG A 1 103 ? -11.582 6.427   1.148   1.00 29.86 ? 153  ARG A CG  1 
ATOM   699  C CD  . ARG A 1 103 ? -13.058 6.137   1.379   1.00 33.94 ? 153  ARG A CD  1 
ATOM   700  N NE  . ARG A 1 103 ? -13.675 7.149   2.236   1.00 39.24 ? 153  ARG A NE  1 
ATOM   701  C CZ  . ARG A 1 103 ? -13.285 7.418   3.480   1.00 40.26 ? 153  ARG A CZ  1 
ATOM   702  N NH1 . ARG A 1 103 ? -12.275 6.752   4.026   1.00 40.95 ? 153  ARG A NH1 1 
ATOM   703  N NH2 . ARG A 1 103 ? -13.905 8.359   4.178   1.00 41.55 ? 153  ARG A NH2 1 
ATOM   704  N N   . ILE A 1 104 ? -8.302  5.824   -1.266  1.00 13.15 ? 154  ILE A N   1 
ATOM   705  C CA  . ILE A 1 104 ? -7.626  6.695   -2.214  1.00 12.48 ? 154  ILE A CA  1 
ATOM   706  C C   . ILE A 1 104 ? -8.224  6.504   -3.603  1.00 11.99 ? 154  ILE A C   1 
ATOM   707  O O   . ILE A 1 104 ? -8.874  5.496   -3.887  1.00 11.92 ? 154  ILE A O   1 
ATOM   708  C CB  . ILE A 1 104 ? -6.104  6.397   -2.301  1.00 13.54 ? 154  ILE A CB  1 
ATOM   709  C CG1 . ILE A 1 104 ? -5.875  4.939   -2.707  1.00 13.02 ? 154  ILE A CG1 1 
ATOM   710  C CG2 . ILE A 1 104 ? -5.430  6.701   -0.968  1.00 13.54 ? 154  ILE A CG2 1 
ATOM   711  C CD1 . ILE A 1 104 ? -4.421  4.616   -3.023  1.00 15.44 ? 154  ILE A CD1 1 
ATOM   712  N N   . SER A 1 105 ? -8.010  7.499   -4.452  1.00 13.19 ? 155  SER A N   1 
ATOM   713  C CA  . SER A 1 105 ? -8.470  7.490   -5.834  1.00 13.95 ? 155  SER A CA  1 
ATOM   714  C C   . SER A 1 105 ? -7.366  8.273   -6.521  1.00 12.84 ? 155  SER A C   1 
ATOM   715  O O   . SER A 1 105 ? -7.092  9.422   -6.158  1.00 14.29 ? 155  SER A O   1 
ATOM   716  C CB  . SER A 1 105 ? -9.810  8.211   -5.971  1.00 16.60 ? 155  SER A CB  1 
ATOM   717  O OG  . SER A 1 105 ? -10.270 8.151   -7.310  1.00 17.91 ? 155  SER A OG  1 
ATOM   718  N N   . HIS A 1 106 ? -6.725  7.668   -7.509  1.00 11.93 ? 156  HIS A N   1 
ATOM   719  C CA  . HIS A 1 106 ? -5.603  8.337   -8.149  1.00 10.54 ? 156  HIS A CA  1 
ATOM   720  C C   . HIS A 1 106 ? -5.294  7.828   -9.543  1.00 10.80 ? 156  HIS A C   1 
ATOM   721  O O   . HIS A 1 106 ? -5.477  6.643   -9.838  1.00 10.75 ? 156  HIS A O   1 
ATOM   722  C CB  . HIS A 1 106 ? -4.373  8.147   -7.252  1.00 9.47  ? 156  HIS A CB  1 
ATOM   723  C CG  . HIS A 1 106 ? -3.099  8.693   -7.816  1.00 10.47 ? 156  HIS A CG  1 
ATOM   724  N ND1 . HIS A 1 106 ? -2.884  10.040  -8.010  1.00 10.14 ? 156  HIS A ND1 1 
ATOM   725  C CD2 . HIS A 1 106 ? -1.947  8.075   -8.169  1.00 10.57 ? 156  HIS A CD2 1 
ATOM   726  C CE1 . HIS A 1 106 ? -1.654  10.229  -8.452  1.00 11.37 ? 156  HIS A CE1 1 
ATOM   727  N NE2 . HIS A 1 106 ? -1.063  9.051   -8.555  1.00 11.91 ? 156  HIS A NE2 1 
ATOM   728  N N   . LEU A 1 107 ? -4.834  8.738   -10.397 1.00 9.77  ? 157  LEU A N   1 
ATOM   729  C CA  . LEU A 1 107 ? -4.434  8.382   -11.752 1.00 11.72 ? 157  LEU A CA  1 
ATOM   730  C C   . LEU A 1 107 ? -2.942  8.104   -11.636 1.00 9.67  ? 157  LEU A C   1 
ATOM   731  O O   . LEU A 1 107 ? -2.137  9.027   -11.481 1.00 9.41  ? 157  LEU A O   1 
ATOM   732  C CB  . LEU A 1 107 ? -4.679  9.548   -12.718 1.00 13.05 ? 157  LEU A CB  1 
ATOM   733  C CG  . LEU A 1 107 ? -4.354  9.391   -14.212 1.00 14.87 ? 157  LEU A CG  1 
ATOM   734  C CD1 . LEU A 1 107 ? -2.862  9.478   -14.446 1.00 17.08 ? 157  LEU A CD1 1 
ATOM   735  C CD2 . LEU A 1 107 ? -4.925  8.075   -14.732 1.00 14.86 ? 157  LEU A CD2 1 
ATOM   736  N N   . PHE A 1 108 ? -2.572  6.829   -11.677 1.00 9.54  ? 158  PHE A N   1 
ATOM   737  C CA  . PHE A 1 108 ? -1.167  6.466   -11.573 1.00 8.85  ? 158  PHE A CA  1 
ATOM   738  C C   . PHE A 1 108 ? -0.459  6.594   -12.918 1.00 8.38  ? 158  PHE A C   1 
ATOM   739  O O   . PHE A 1 108 ? -1.007  6.214   -13.950 1.00 8.82  ? 158  PHE A O   1 
ATOM   740  C CB  . PHE A 1 108 ? -1.003  5.015   -11.087 1.00 8.87  ? 158  PHE A CB  1 
ATOM   741  C CG  . PHE A 1 108 ? -1.470  4.779   -9.677  1.00 9.49  ? 158  PHE A CG  1 
ATOM   742  C CD1 . PHE A 1 108 ? -2.826  4.713   -9.378  1.00 8.25  ? 158  PHE A CD1 1 
ATOM   743  C CD2 . PHE A 1 108 ? -0.544  4.620   -8.647  1.00 9.08  ? 158  PHE A CD2 1 
ATOM   744  C CE1 . PHE A 1 108 ? -3.260  4.492   -8.070  1.00 10.55 ? 158  PHE A CE1 1 
ATOM   745  C CE2 . PHE A 1 108 ? -0.966  4.398   -7.332  1.00 9.71  ? 158  PHE A CE2 1 
ATOM   746  C CZ  . PHE A 1 108 ? -2.324  4.335   -7.045  1.00 8.72  ? 158  PHE A CZ  1 
ATOM   747  N N   . PHE A 1 109 ? 0.744   7.161   -12.901 1.00 9.73  ? 159  PHE A N   1 
ATOM   748  C CA  . PHE A 1 109 ? 1.569   7.268   -14.101 1.00 10.58 ? 159  PHE A CA  1 
ATOM   749  C C   . PHE A 1 109 ? 3.022   7.425   -13.661 1.00 12.24 ? 159  PHE A C   1 
ATOM   750  O O   . PHE A 1 109 ? 3.293   7.526   -12.463 1.00 13.32 ? 159  PHE A O   1 
ATOM   751  C CB  . PHE A 1 109 ? 1.100   8.391   -15.054 1.00 11.05 ? 159  PHE A CB  1 
ATOM   752  C CG  . PHE A 1 109 ? 1.330   9.794   -14.558 1.00 11.59 ? 159  PHE A CG  1 
ATOM   753  C CD1 . PHE A 1 109 ? 0.581   10.316  -13.508 1.00 11.40 ? 159  PHE A CD1 1 
ATOM   754  C CD2 . PHE A 1 109 ? 2.248   10.621  -15.204 1.00 13.08 ? 159  PHE A CD2 1 
ATOM   755  C CE1 . PHE A 1 109 ? 0.740   11.648  -13.110 1.00 14.72 ? 159  PHE A CE1 1 
ATOM   756  C CE2 . PHE A 1 109 ? 2.416   11.955  -14.815 1.00 12.90 ? 159  PHE A CE2 1 
ATOM   757  C CZ  . PHE A 1 109 ? 1.660   12.468  -13.769 1.00 14.03 ? 159  PHE A CZ  1 
ATOM   758  N N   . HIS A 1 110 ? 3.958   7.431   -14.603 1.00 12.07 ? 160  HIS A N   1 
ATOM   759  C CA  . HIS A 1 110 ? 5.372   7.486   -14.234 1.00 14.62 ? 160  HIS A CA  1 
ATOM   760  C C   . HIS A 1 110 ? 5.815   8.553   -13.233 1.00 13.93 ? 160  HIS A C   1 
ATOM   761  O O   . HIS A 1 110 ? 6.669   8.280   -12.391 1.00 13.75 ? 160  HIS A O   1 
ATOM   762  C CB  . HIS A 1 110 ? 6.258   7.536   -15.490 1.00 17.58 ? 160  HIS A CB  1 
ATOM   763  C CG  . HIS A 1 110 ? 6.295   8.870   -16.167 1.00 22.04 ? 160  HIS A CG  1 
ATOM   764  N ND1 . HIS A 1 110 ? 5.184   9.446   -16.742 1.00 25.92 ? 160  HIS A ND1 1 
ATOM   765  C CD2 . HIS A 1 110 ? 7.319   9.728   -16.386 1.00 26.21 ? 160  HIS A CD2 1 
ATOM   766  C CE1 . HIS A 1 110 ? 5.520   10.602  -17.287 1.00 26.32 ? 160  HIS A CE1 1 
ATOM   767  N NE2 . HIS A 1 110 ? 6.812   10.796  -17.086 1.00 25.99 ? 160  HIS A NE2 1 
ATOM   768  N N   . LYS A 1 111 ? 5.233   9.748   -13.297 1.00 13.69 ? 161  LYS A N   1 
ATOM   769  C CA  . LYS A 1 111 ? 5.614   10.823  -12.379 1.00 14.74 ? 161  LYS A CA  1 
ATOM   770  C C   . LYS A 1 111 ? 4.882   10.795  -11.036 1.00 14.15 ? 161  LYS A C   1 
ATOM   771  O O   . LYS A 1 111 ? 5.277   11.476  -10.088 1.00 13.64 ? 161  LYS A O   1 
ATOM   772  C CB  . LYS A 1 111 ? 5.416   12.181  -13.053 1.00 17.91 ? 161  LYS A CB  1 
ATOM   773  C CG  . LYS A 1 111 ? 6.352   12.410  -14.226 1.00 22.99 ? 161  LYS A CG  1 
ATOM   774  C CD  . LYS A 1 111 ? 6.221   13.816  -14.785 1.00 26.68 ? 161  LYS A CD  1 
ATOM   775  C CE  . LYS A 1 111 ? 7.226   14.057  -15.901 1.00 29.46 ? 161  LYS A CE  1 
ATOM   776  N NZ  . LYS A 1 111 ? 7.157   15.451  -16.427 1.00 30.85 ? 161  LYS A NZ  1 
ATOM   777  N N   . GLU A 1 112 ? 3.809   10.018  -10.962 1.00 11.94 ? 162  GLU A N   1 
ATOM   778  C CA  . GLU A 1 112 ? 3.043   9.878   -9.727  1.00 11.59 ? 162  GLU A CA  1 
ATOM   779  C C   . GLU A 1 112 ? 2.679   8.403   -9.658  1.00 10.46 ? 162  GLU A C   1 
ATOM   780  O O   . GLU A 1 112 ? 1.507   8.038   -9.742  1.00 10.31 ? 162  GLU A O   1 
ATOM   781  C CB  . GLU A 1 112 ? 1.781   10.756  -9.766  1.00 13.91 ? 162  GLU A CB  1 
ATOM   782  C CG  . GLU A 1 112 ? 2.088   12.258  -9.784  1.00 16.68 ? 162  GLU A CG  1 
ATOM   783  C CD  . GLU A 1 112 ? 0.848   13.144  -9.708  1.00 19.82 ? 162  GLU A CD  1 
ATOM   784  O OE1 . GLU A 1 112 ? 1.009   14.384  -9.740  1.00 23.01 ? 162  GLU A OE1 1 
ATOM   785  O OE2 . GLU A 1 112 ? -0.280  12.619  -9.618  1.00 18.58 ? 162  GLU A OE2 1 
ATOM   786  N N   . ASN A 1 113 ? 3.701   7.556   -9.510  1.00 8.94  ? 163  ASN A N   1 
ATOM   787  C CA  . ASN A 1 113 ? 3.482   6.115   -9.488  1.00 10.22 ? 163  ASN A CA  1 
ATOM   788  C C   . ASN A 1 113 ? 3.084   5.500   -8.149  1.00 10.47 ? 163  ASN A C   1 
ATOM   789  O O   . ASN A 1 113 ? 2.883   4.286   -8.062  1.00 10.22 ? 163  ASN A O   1 
ATOM   790  C CB  . ASN A 1 113 ? 4.692   5.371   -10.084 1.00 10.05 ? 163  ASN A CB  1 
ATOM   791  C CG  . ASN A 1 113 ? 5.934   5.461   -9.219  1.00 12.11 ? 163  ASN A CG  1 
ATOM   792  O OD1 . ASN A 1 113 ? 5.850   5.573   -8.000  1.00 11.97 ? 163  ASN A OD1 1 
ATOM   793  N ND2 . ASN A 1 113 ? 7.102   5.380   -9.852  1.00 12.56 ? 163  ASN A ND2 1 
ATOM   794  N N   . ASP A 1 114 ? 2.979   6.322   -7.108  1.00 10.49 ? 164  ASP A N   1 
ATOM   795  C CA  . ASP A 1 114 ? 2.517   5.826   -5.816  1.00 10.64 ? 164  ASP A CA  1 
ATOM   796  C C   . ASP A 1 114 ? 1.628   6.885   -5.187  1.00 10.42 ? 164  ASP A C   1 
ATOM   797  O O   . ASP A 1 114 ? 1.730   8.073   -5.508  1.00 10.93 ? 164  ASP A O   1 
ATOM   798  C CB  . ASP A 1 114 ? 3.677   5.423   -4.878  1.00 11.63 ? 164  ASP A CB  1 
ATOM   799  C CG  . ASP A 1 114 ? 4.396   6.606   -4.251  1.00 15.96 ? 164  ASP A CG  1 
ATOM   800  O OD1 . ASP A 1 114 ? 3.734   7.524   -3.723  1.00 19.52 ? 164  ASP A OD1 1 
ATOM   801  O OD2 . ASP A 1 114 ? 5.642   6.597   -4.259  1.00 16.84 ? 164  ASP A OD2 1 
ATOM   802  N N   . TRP A 1 115 ? 0.743   6.454   -4.301  1.00 10.47 ? 165  TRP A N   1 
ATOM   803  C CA  . TRP A 1 115 ? -0.190  7.375   -3.673  1.00 10.66 ? 165  TRP A CA  1 
ATOM   804  C C   . TRP A 1 115 ? -0.588  6.800   -2.327  1.00 11.22 ? 165  TRP A C   1 
ATOM   805  O O   . TRP A 1 115 ? -0.790  5.593   -2.189  1.00 10.68 ? 165  TRP A O   1 
ATOM   806  C CB  . TRP A 1 115 ? -1.421  7.518   -4.570  1.00 10.76 ? 165  TRP A CB  1 
ATOM   807  C CG  . TRP A 1 115 ? -2.153  8.814   -4.431  1.00 12.91 ? 165  TRP A CG  1 
ATOM   808  C CD1 . TRP A 1 115 ? -3.423  8.996   -3.961  1.00 13.69 ? 165  TRP A CD1 1 
ATOM   809  C CD2 . TRP A 1 115 ? -1.688  10.103  -4.845  1.00 13.47 ? 165  TRP A CD2 1 
ATOM   810  N NE1 . TRP A 1 115 ? -3.780  10.322  -4.067  1.00 14.35 ? 165  TRP A NE1 1 
ATOM   811  C CE2 . TRP A 1 115 ? -2.734  11.023  -4.606  1.00 15.08 ? 165  TRP A CE2 1 
ATOM   812  C CE3 . TRP A 1 115 ? -0.488  10.570  -5.399  1.00 14.20 ? 165  TRP A CE3 1 
ATOM   813  C CZ2 . TRP A 1 115 ? -2.618  12.387  -4.905  1.00 16.05 ? 165  TRP A CZ2 1 
ATOM   814  C CZ3 . TRP A 1 115 ? -0.371  11.927  -5.696  1.00 17.67 ? 165  TRP A CZ3 1 
ATOM   815  C CH2 . TRP A 1 115 ? -1.432  12.817  -5.448  1.00 17.24 ? 165  TRP A CH2 1 
ATOM   816  N N   . GLY A 1 116 ? -0.700  7.665   -1.328  1.00 11.06 ? 166  GLY A N   1 
ATOM   817  C CA  . GLY A 1 116 ? -1.065  7.187   -0.012  1.00 11.27 ? 166  GLY A CA  1 
ATOM   818  C C   . GLY A 1 116 ? -0.922  8.260   1.044   1.00 13.31 ? 166  GLY A C   1 
ATOM   819  O O   . GLY A 1 116 ? -1.048  9.454   0.753   1.00 13.78 ? 166  GLY A O   1 
ATOM   820  N N   . PHE A 1 117 ? -0.633  7.835   2.268   1.00 12.61 ? 167  PHE A N   1 
ATOM   821  C CA  . PHE A 1 117 ? -0.512  8.769   3.379   1.00 13.18 ? 167  PHE A CA  1 
ATOM   822  C C   . PHE A 1 117 ? 0.803   8.647   4.133   1.00 12.60 ? 167  PHE A C   1 
ATOM   823  O O   . PHE A 1 117 ? 1.174   7.564   4.579   1.00 12.02 ? 167  PHE A O   1 
ATOM   824  C CB  . PHE A 1 117 ? -1.681  8.557   4.344   1.00 14.28 ? 167  PHE A CB  1 
ATOM   825  C CG  . PHE A 1 117 ? -3.022  8.464   3.662   1.00 15.58 ? 167  PHE A CG  1 
ATOM   826  C CD1 . PHE A 1 117 ? -3.430  7.279   3.058   1.00 14.56 ? 167  PHE A CD1 1 
ATOM   827  C CD2 . PHE A 1 117 ? -3.864  9.569   3.603   1.00 16.83 ? 167  PHE A CD2 1 
ATOM   828  C CE1 . PHE A 1 117 ? -4.657  7.192   2.405   1.00 16.22 ? 167  PHE A CE1 1 
ATOM   829  C CE2 . PHE A 1 117 ? -5.097  9.494   2.951   1.00 17.49 ? 167  PHE A CE2 1 
ATOM   830  C CZ  . PHE A 1 117 ? -5.492  8.300   2.351   1.00 15.08 ? 167  PHE A CZ  1 
ATOM   831  N N   . SER A 1 118 ? 1.504   9.768   4.274   1.00 13.04 ? 168  SER A N   1 
ATOM   832  C CA  . SER A 1 118 ? 2.771   9.782   4.996   1.00 14.28 ? 168  SER A CA  1 
ATOM   833  C C   . SER A 1 118 ? 2.496   9.584   6.486   1.00 15.60 ? 168  SER A C   1 
ATOM   834  O O   . SER A 1 118 ? 3.328   9.050   7.225   1.00 14.95 ? 168  SER A O   1 
ATOM   835  C CB  . SER A 1 118 ? 3.493   11.112  4.762   1.00 17.09 ? 168  SER A CB  1 
ATOM   836  O OG  . SER A 1 118 ? 2.653   12.203  5.100   1.00 23.05 ? 168  SER A OG  1 
ATOM   837  N N   . ASN A 1 119 ? 1.318   10.021  6.917   1.00 15.31 ? 169  ASN A N   1 
ATOM   838  C CA  . ASN A 1 119 ? 0.907   9.882   8.308   1.00 17.52 ? 169  ASN A CA  1 
ATOM   839  C C   . ASN A 1 119 ? -0.389  9.079   8.340   1.00 16.54 ? 169  ASN A C   1 
ATOM   840  O O   . ASN A 1 119 ? -1.446  9.578   8.727   1.00 17.80 ? 169  ASN A O   1 
ATOM   841  C CB  . ASN A 1 119 ? 0.709   11.262  8.948   1.00 21.48 ? 169  ASN A CB  1 
ATOM   842  C CG  . ASN A 1 119 ? 1.988   12.093  8.949   1.00 25.18 ? 169  ASN A CG  1 
ATOM   843  O OD1 . ASN A 1 119 ? 2.357   12.693  7.938   1.00 31.24 ? 169  ASN A OD1 1 
ATOM   844  N ND2 . ASN A 1 119 ? 2.676   12.114  10.083  1.00 26.44 ? 169  ASN A ND2 1 
ATOM   845  N N   . PHE A 1 120 ? -0.295  7.822   7.914   1.00 13.80 ? 170  PHE A N   1 
ATOM   846  C CA  . PHE A 1 120 ? -1.447  6.932   7.872   1.00 14.60 ? 170  PHE A CA  1 
ATOM   847  C C   . PHE A 1 120 ? -1.986  6.653   9.272   1.00 15.03 ? 170  PHE A C   1 
ATOM   848  O O   . PHE A 1 120 ? -3.195  6.701   9.505   1.00 15.57 ? 170  PHE A O   1 
ATOM   849  C CB  . PHE A 1 120 ? -1.054  5.622   7.176   1.00 13.14 ? 170  PHE A CB  1 
ATOM   850  C CG  . PHE A 1 120 ? -2.194  4.667   6.990   1.00 13.68 ? 170  PHE A CG  1 
ATOM   851  C CD1 . PHE A 1 120 ? -2.536  3.766   7.995   1.00 13.01 ? 170  PHE A CD1 1 
ATOM   852  C CD2 . PHE A 1 120 ? -2.936  4.676   5.812   1.00 12.71 ? 170  PHE A CD2 1 
ATOM   853  C CE1 . PHE A 1 120 ? -3.602  2.888   7.830   1.00 13.23 ? 170  PHE A CE1 1 
ATOM   854  C CE2 . PHE A 1 120 ? -4.005  3.802   5.638   1.00 14.12 ? 170  PHE A CE2 1 
ATOM   855  C CZ  . PHE A 1 120 ? -4.339  2.906   6.648   1.00 13.80 ? 170  PHE A CZ  1 
ATOM   856  N N   . MET A 1 121 ? -1.073  6.358   10.191  1.00 15.24 ? 171  MET A N   1 
ATOM   857  C CA  . MET A 1 121 ? -1.404  6.076   11.584  1.00 16.58 ? 171  MET A CA  1 
ATOM   858  C C   . MET A 1 121 ? -0.247  6.518   12.464  1.00 14.98 ? 171  MET A C   1 
ATOM   859  O O   . MET A 1 121 ? 0.898   6.572   12.015  1.00 15.02 ? 171  MET A O   1 
ATOM   860  C CB  . MET A 1 121 ? -1.609  4.578   11.816  1.00 17.52 ? 171  MET A CB  1 
ATOM   861  C CG  . MET A 1 121 ? -2.953  4.024   11.439  1.00 24.82 ? 171  MET A CG  1 
ATOM   862  S SD  . MET A 1 121 ? -3.045  2.307   11.991  1.00 27.97 ? 171  MET A SD  1 
ATOM   863  C CE  . MET A 1 121 ? -3.320  2.533   13.759  1.00 26.07 ? 171  MET A CE  1 
ATOM   864  N N   . ALA A 1 122 ? -0.545  6.823   13.722  1.00 15.78 ? 172  ALA A N   1 
ATOM   865  C CA  . ALA A 1 122 ? 0.495   7.222   14.661  1.00 14.76 ? 172  ALA A CA  1 
ATOM   866  C C   . ALA A 1 122 ? 1.375   6.000   14.914  1.00 14.68 ? 172  ALA A C   1 
ATOM   867  O O   . ALA A 1 122 ? 0.870   4.893   15.098  1.00 14.04 ? 172  ALA A O   1 
ATOM   868  C CB  . ALA A 1 122 ? -0.132  7.695   15.972  1.00 14.68 ? 172  ALA A CB  1 
ATOM   869  N N   . TRP A 1 123 ? 2.688   6.198   14.928  1.00 14.68 ? 173  TRP A N   1 
ATOM   870  C CA  . TRP A 1 123 ? 3.608   5.089   15.157  1.00 16.57 ? 173  TRP A CA  1 
ATOM   871  C C   . TRP A 1 123 ? 3.377   4.457   16.527  1.00 17.19 ? 173  TRP A C   1 
ATOM   872  O O   . TRP A 1 123 ? 3.456   3.238   16.681  1.00 17.56 ? 173  TRP A O   1 
ATOM   873  C CB  . TRP A 1 123 ? 5.056   5.569   15.045  1.00 16.83 ? 173  TRP A CB  1 
ATOM   874  C CG  . TRP A 1 123 ? 6.054   4.453   15.055  1.00 18.55 ? 173  TRP A CG  1 
ATOM   875  C CD1 . TRP A 1 123 ? 6.674   3.913   16.145  1.00 20.29 ? 173  TRP A CD1 1 
ATOM   876  C CD2 . TRP A 1 123 ? 6.519   3.715   13.920  1.00 19.34 ? 173  TRP A CD2 1 
ATOM   877  N NE1 . TRP A 1 123 ? 7.498   2.882   15.758  1.00 20.25 ? 173  TRP A NE1 1 
ATOM   878  C CE2 . TRP A 1 123 ? 7.421   2.739   14.398  1.00 19.99 ? 173  TRP A CE2 1 
ATOM   879  C CE3 . TRP A 1 123 ? 6.260   3.782   12.545  1.00 19.41 ? 173  TRP A CE3 1 
ATOM   880  C CZ2 . TRP A 1 123 ? 8.069   1.836   13.548  1.00 19.70 ? 173  TRP A CZ2 1 
ATOM   881  C CZ3 . TRP A 1 123 ? 6.906   2.882   11.698  1.00 21.22 ? 173  TRP A CZ3 1 
ATOM   882  C CH2 . TRP A 1 123 ? 7.798   1.923   12.206  1.00 17.88 ? 173  TRP A CH2 1 
ATOM   883  N N   . SER A 1 124 ? 3.078   5.292   17.515  1.00 18.04 ? 174  SER A N   1 
ATOM   884  C CA  . SER A 1 124 ? 2.841   4.814   18.874  1.00 17.99 ? 174  SER A CA  1 
ATOM   885  C C   . SER A 1 124 ? 1.615   3.909   18.970  1.00 18.23 ? 174  SER A C   1 
ATOM   886  O O   . SER A 1 124 ? 1.569   3.007   19.808  1.00 19.43 ? 174  SER A O   1 
ATOM   887  C CB  . SER A 1 124 ? 2.676   6.000   19.826  1.00 18.72 ? 174  SER A CB  1 
ATOM   888  O OG  . SER A 1 124 ? 1.567   6.798   19.454  1.00 20.94 ? 174  SER A OG  1 
ATOM   889  N N   . GLU A 1 125 ? 0.620   4.157   18.123  1.00 16.21 ? 175  GLU A N   1 
ATOM   890  C CA  . GLU A 1 125 ? -0.596  3.348   18.130  1.00 16.28 ? 175  GLU A CA  1 
ATOM   891  C C   . GLU A 1 125 ? -0.382  1.985   17.474  1.00 15.38 ? 175  GLU A C   1 
ATOM   892  O O   . GLU A 1 125 ? -0.738  0.950   18.039  1.00 14.13 ? 175  GLU A O   1 
ATOM   893  C CB  . GLU A 1 125 ? -1.739  4.088   17.422  1.00 16.53 ? 175  GLU A CB  1 
ATOM   894  C CG  . GLU A 1 125 ? -3.035  3.281   17.364  1.00 19.30 ? 175  GLU A CG  1 
ATOM   895  C CD  . GLU A 1 125 ? -4.192  4.034   16.730  1.00 22.68 ? 175  GLU A CD  1 
ATOM   896  O OE1 . GLU A 1 125 ? -5.262  3.416   16.538  1.00 24.60 ? 175  GLU A OE1 1 
ATOM   897  O OE2 . GLU A 1 125 ? -4.040  5.237   16.429  1.00 24.36 ? 175  GLU A OE2 1 
ATOM   898  N N   . VAL A 1 126 ? 0.203   1.978   16.281  1.00 14.57 ? 176  VAL A N   1 
ATOM   899  C CA  . VAL A 1 126 ? 0.428   0.721   15.579  1.00 14.32 ? 176  VAL A CA  1 
ATOM   900  C C   . VAL A 1 126 ? 1.359   -0.215  16.350  1.00 13.51 ? 176  VAL A C   1 
ATOM   901  O O   . VAL A 1 126 ? 1.161   -1.430  16.345  1.00 13.71 ? 176  VAL A O   1 
ATOM   902  C CB  . VAL A 1 126 ? 1.012   0.966   14.164  1.00 15.40 ? 176  VAL A CB  1 
ATOM   903  C CG1 . VAL A 1 126 ? 1.135   -0.357  13.412  1.00 17.54 ? 176  VAL A CG1 1 
ATOM   904  C CG2 . VAL A 1 126 ? 0.119   1.916   13.397  1.00 18.56 ? 176  VAL A CG2 1 
ATOM   905  N N   . THR A 1 127 ? 2.359   0.350   17.029  1.00 12.55 ? 177  THR A N   1 
ATOM   906  C CA  . THR A 1 127 ? 3.318   -0.457  17.780  1.00 13.71 ? 177  THR A CA  1 
ATOM   907  C C   . THR A 1 127 ? 2.906   -0.748  19.224  1.00 14.80 ? 177  THR A C   1 
ATOM   908  O O   . THR A 1 127 ? 3.627   -1.433  19.949  1.00 14.78 ? 177  THR A O   1 
ATOM   909  C CB  . THR A 1 127 ? 4.721   0.202   17.800  1.00 14.31 ? 177  THR A CB  1 
ATOM   910  O OG1 . THR A 1 127 ? 4.647   1.481   18.445  1.00 14.08 ? 177  THR A OG1 1 
ATOM   911  C CG2 . THR A 1 127 ? 5.244   0.377   16.381  1.00 14.49 ? 177  THR A CG2 1 
ATOM   912  N N   . ASP A 1 128 ? 1.755   -0.232  19.642  1.00 16.07 ? 178  ASP A N   1 
ATOM   913  C CA  . ASP A 1 128 ? 1.281   -0.469  21.009  1.00 17.42 ? 178  ASP A CA  1 
ATOM   914  C C   . ASP A 1 128 ? 0.934   -1.953  21.131  1.00 17.88 ? 178  ASP A C   1 
ATOM   915  O O   . ASP A 1 128 ? -0.006  -2.432  20.498  1.00 15.96 ? 178  ASP A O   1 
ATOM   916  C CB  . ASP A 1 128 ? 0.041   0.381   21.291  1.00 18.97 ? 178  ASP A CB  1 
ATOM   917  C CG  . ASP A 1 128 ? -0.333  0.409   22.763  1.00 20.53 ? 178  ASP A CG  1 
ATOM   918  O OD1 . ASP A 1 128 ? -0.251  -0.645  23.426  1.00 20.40 ? 178  ASP A OD1 1 
ATOM   919  O OD2 . ASP A 1 128 ? -0.721  1.489   23.252  1.00 22.58 ? 178  ASP A OD2 1 
ATOM   920  N N   . PRO A 1 129 ? 1.688   -2.699  21.953  1.00 19.84 ? 179  PRO A N   1 
ATOM   921  C CA  . PRO A 1 129 ? 1.447   -4.134  22.137  1.00 22.75 ? 179  PRO A CA  1 
ATOM   922  C C   . PRO A 1 129 ? 0.058   -4.522  22.638  1.00 23.30 ? 179  PRO A C   1 
ATOM   923  O O   . PRO A 1 129 ? -0.311  -5.695  22.601  1.00 25.48 ? 179  PRO A O   1 
ATOM   924  C CB  . PRO A 1 129 ? 2.551   -4.543  23.110  1.00 23.10 ? 179  PRO A CB  1 
ATOM   925  C CG  . PRO A 1 129 ? 2.750   -3.303  23.925  1.00 24.49 ? 179  PRO A CG  1 
ATOM   926  C CD  . PRO A 1 129 ? 2.744   -2.227  22.866  1.00 21.60 ? 179  PRO A CD  1 
ATOM   927  N N   . GLU A 1 130 ? -0.718  -3.544  23.090  1.00 23.70 ? 180  GLU A N   1 
ATOM   928  C CA  . GLU A 1 130 ? -2.053  -3.829  23.605  1.00 24.84 ? 180  GLU A CA  1 
ATOM   929  C C   . GLU A 1 130 ? -3.184  -3.385  22.682  1.00 23.85 ? 180  GLU A C   1 
ATOM   930  O O   . GLU A 1 130 ? -4.358  -3.499  23.042  1.00 24.18 ? 180  GLU A O   1 
ATOM   931  C CB  . GLU A 1 130 ? -2.230  -3.168  24.974  1.00 28.32 ? 180  GLU A CB  1 
ATOM   932  C CG  . GLU A 1 130 ? -1.238  -3.637  26.033  1.00 32.94 ? 180  GLU A CG  1 
ATOM   933  C CD  . GLU A 1 130 ? -1.289  -5.136  26.264  1.00 35.98 ? 180  GLU A CD  1 
ATOM   934  O OE1 . GLU A 1 130 ? -2.400  -5.674  26.460  1.00 38.52 ? 180  GLU A OE1 1 
ATOM   935  O OE2 . GLU A 1 130 ? -0.217  -5.779  26.255  1.00 37.61 ? 180  GLU A OE2 1 
ATOM   936  N N   . LYS A 1 131 ? -2.841  -2.895  21.491  1.00 21.09 ? 181  LYS A N   1 
ATOM   937  C CA  . LYS A 1 131 ? -3.850  -2.419  20.545  1.00 20.84 ? 181  LYS A CA  1 
ATOM   938  C C   . LYS A 1 131 ? -4.359  -3.462  19.555  1.00 19.73 ? 181  LYS A C   1 
ATOM   939  O O   . LYS A 1 131 ? -5.495  -3.369  19.086  1.00 20.18 ? 181  LYS A O   1 
ATOM   940  C CB  . LYS A 1 131 ? -3.319  -1.214  19.770  1.00 21.33 ? 181  LYS A CB  1 
ATOM   941  C CG  . LYS A 1 131 ? -3.042  0.000   20.632  1.00 25.82 ? 181  LYS A CG  1 
ATOM   942  C CD  . LYS A 1 131 ? -4.317  0.588   21.197  1.00 28.11 ? 181  LYS A CD  1 
ATOM   943  C CE  . LYS A 1 131 ? -4.026  1.877   21.946  1.00 28.39 ? 181  LYS A CE  1 
ATOM   944  N NZ  . LYS A 1 131 ? -5.269  2.491   22.461  1.00 29.21 ? 181  LYS A NZ  1 
ATOM   945  N N   . GLY A 1 132 ? -3.520  -4.436  19.217  1.00 17.11 ? 182  GLY A N   1 
ATOM   946  C CA  . GLY A 1 132 ? -3.946  -5.474  18.296  1.00 16.28 ? 182  GLY A CA  1 
ATOM   947  C C   . GLY A 1 132 ? -3.416  -5.395  16.876  1.00 16.09 ? 182  GLY A C   1 
ATOM   948  O O   . GLY A 1 132 ? -3.782  -6.225  16.041  1.00 15.85 ? 182  GLY A O   1 
ATOM   949  N N   . PHE A 1 133 ? -2.562  -4.415  16.590  1.00 14.55 ? 183  PHE A N   1 
ATOM   950  C CA  . PHE A 1 133 ? -2.004  -4.280  15.242  1.00 14.15 ? 183  PHE A CA  1 
ATOM   951  C C   . PHE A 1 133 ? -0.652  -4.960  15.089  1.00 15.27 ? 183  PHE A C   1 
ATOM   952  O O   . PHE A 1 133 ? -0.250  -5.318  13.978  1.00 15.70 ? 183  PHE A O   1 
ATOM   953  C CB  . PHE A 1 133 ? -1.829  -2.807  14.862  1.00 14.01 ? 183  PHE A CB  1 
ATOM   954  C CG  . PHE A 1 133 ? -3.101  -2.023  14.856  1.00 14.81 ? 183  PHE A CG  1 
ATOM   955  C CD1 . PHE A 1 133 ? -3.409  -1.166  15.908  1.00 15.53 ? 183  PHE A CD1 1 
ATOM   956  C CD2 . PHE A 1 133 ? -3.994  -2.132  13.793  1.00 15.05 ? 183  PHE A CD2 1 
ATOM   957  C CE1 . PHE A 1 133 ? -4.587  -0.427  15.900  1.00 16.73 ? 183  PHE A CE1 1 
ATOM   958  C CE2 . PHE A 1 133 ? -5.174  -1.399  13.777  1.00 15.24 ? 183  PHE A CE2 1 
ATOM   959  C CZ  . PHE A 1 133 ? -5.471  -0.544  14.833  1.00 15.96 ? 183  PHE A CZ  1 
ATOM   960  N N   . ILE A 1 134 ? 0.057   -5.129  16.198  1.00 14.93 ? 184  ILE A N   1 
ATOM   961  C CA  . ILE A 1 134 ? 1.377   -5.737  16.147  1.00 14.25 ? 184  ILE A CA  1 
ATOM   962  C C   . ILE A 1 134 ? 1.469   -7.016  16.976  1.00 15.93 ? 184  ILE A C   1 
ATOM   963  O O   . ILE A 1 134 ? 0.857   -7.133  18.042  1.00 15.03 ? 184  ILE A O   1 
ATOM   964  C CB  . ILE A 1 134 ? 2.451   -4.714  16.608  1.00 13.97 ? 184  ILE A CB  1 
ATOM   965  C CG1 . ILE A 1 134 ? 3.847   -5.206  16.229  1.00 12.26 ? 184  ILE A CG1 1 
ATOM   966  C CG2 . ILE A 1 134 ? 2.355   -4.483  18.119  1.00 13.49 ? 184  ILE A CG2 1 
ATOM   967  C CD1 . ILE A 1 134 ? 4.915   -4.141  16.373  1.00 15.90 ? 184  ILE A CD1 1 
ATOM   968  N N   . ASP A 1 135 ? 2.220   -7.983  16.458  1.00 15.49 ? 185  ASP A N   1 
ATOM   969  C CA  . ASP A 1 135 ? 2.418   -9.259  17.134  1.00 18.11 ? 185  ASP A CA  1 
ATOM   970  C C   . ASP A 1 135 ? 3.748   -9.841  16.674  1.00 18.25 ? 185  ASP A C   1 
ATOM   971  O O   . ASP A 1 135 ? 3.974   -10.007 15.476  1.00 17.00 ? 185  ASP A O   1 
ATOM   972  C CB  . ASP A 1 135 ? 1.279   -10.222 16.795  1.00 21.08 ? 185  ASP A CB  1 
ATOM   973  C CG  . ASP A 1 135 ? 1.387   -11.538 17.544  1.00 25.37 ? 185  ASP A CG  1 
ATOM   974  O OD1 . ASP A 1 135 ? 1.455   -11.510 18.790  1.00 26.69 ? 185  ASP A OD1 1 
ATOM   975  O OD2 . ASP A 1 135 ? 1.404   -12.597 16.886  1.00 28.89 ? 185  ASP A OD2 1 
ATOM   976  N N   . ASP A 1 136 ? 4.623   -10.150 17.629  1.00 17.80 ? 186  ASP A N   1 
ATOM   977  C CA  . ASP A 1 136 ? 5.941   -10.699 17.313  1.00 18.87 ? 186  ASP A CA  1 
ATOM   978  C C   . ASP A 1 136 ? 6.647   -9.687  16.415  1.00 16.69 ? 186  ASP A C   1 
ATOM   979  O O   . ASP A 1 136 ? 7.396   -10.053 15.508  1.00 18.08 ? 186  ASP A O   1 
ATOM   980  C CB  . ASP A 1 136 ? 5.804   -12.037 16.581  1.00 21.69 ? 186  ASP A CB  1 
ATOM   981  C CG  . ASP A 1 136 ? 7.109   -12.819 16.537  1.00 26.08 ? 186  ASP A CG  1 
ATOM   982  O OD1 . ASP A 1 136 ? 7.212   -13.757 15.717  1.00 29.50 ? 186  ASP A OD1 1 
ATOM   983  O OD2 . ASP A 1 136 ? 8.027   -12.508 17.328  1.00 28.04 ? 186  ASP A OD2 1 
ATOM   984  N N   . ASP A 1 137 ? 6.388   -8.411  16.686  1.00 15.27 ? 187  ASP A N   1 
ATOM   985  C CA  . ASP A 1 137 ? 6.950   -7.289  15.941  1.00 15.84 ? 187  ASP A CA  1 
ATOM   986  C C   . ASP A 1 137 ? 6.599   -7.349  14.457  1.00 14.37 ? 187  ASP A C   1 
ATOM   987  O O   . ASP A 1 137 ? 7.385   -6.935  13.600  1.00 13.91 ? 187  ASP A O   1 
ATOM   988  C CB  . ASP A 1 137 ? 8.474   -7.220  16.109  1.00 16.39 ? 187  ASP A CB  1 
ATOM   989  C CG  . ASP A 1 137 ? 8.994   -5.790  16.081  1.00 18.34 ? 187  ASP A CG  1 
ATOM   990  O OD1 . ASP A 1 137 ? 10.228  -5.592  16.063  1.00 17.52 ? 187  ASP A OD1 1 
ATOM   991  O OD2 . ASP A 1 137 ? 8.160   -4.860  16.089  1.00 17.07 ? 187  ASP A OD2 1 
ATOM   992  N N   . LYS A 1 138 ? 5.413   -7.869  14.161  1.00 11.40 ? 188  LYS A N   1 
ATOM   993  C CA  . LYS A 1 138 ? 4.938   -7.960  12.784  1.00 12.74 ? 188  LYS A CA  1 
ATOM   994  C C   . LYS A 1 138 ? 3.624   -7.203  12.639  1.00 11.91 ? 188  LYS A C   1 
ATOM   995  O O   . LYS A 1 138 ? 2.759   -7.267  13.513  1.00 12.07 ? 188  LYS A O   1 
ATOM   996  C CB  . LYS A 1 138 ? 4.725   -9.422  12.380  1.00 13.32 ? 188  LYS A CB  1 
ATOM   997  C CG  . LYS A 1 138 ? 5.980   -10.274 12.439  1.00 14.07 ? 188  LYS A CG  1 
ATOM   998  C CD  . LYS A 1 138 ? 5.666   -11.723 12.118  1.00 19.09 ? 188  LYS A CD  1 
ATOM   999  C CE  . LYS A 1 138 ? 6.916   -12.584 12.163  1.00 22.02 ? 188  LYS A CE  1 
ATOM   1000 N NZ  . LYS A 1 138 ? 6.621   -13.995 11.789  1.00 24.72 ? 188  LYS A NZ  1 
ATOM   1001 N N   . VAL A 1 139 ? 3.489   -6.478  11.533  1.00 11.05 ? 189  VAL A N   1 
ATOM   1002 C CA  . VAL A 1 139 ? 2.282   -5.712  11.237  1.00 10.20 ? 189  VAL A CA  1 
ATOM   1003 C C   . VAL A 1 139 ? 1.864   -6.064  9.815   1.00 11.72 ? 189  VAL A C   1 
ATOM   1004 O O   . VAL A 1 139 ? 2.696   -6.062  8.903   1.00 10.73 ? 189  VAL A O   1 
ATOM   1005 C CB  . VAL A 1 139 ? 2.542   -4.187  11.335  1.00 10.76 ? 189  VAL A CB  1 
ATOM   1006 C CG1 . VAL A 1 139 ? 1.290   -3.410  10.928  1.00 10.30 ? 189  VAL A CG1 1 
ATOM   1007 C CG2 . VAL A 1 139 ? 2.943   -3.818  12.764  1.00 10.58 ? 189  VAL A CG2 1 
ATOM   1008 N N   . THR A 1 140 ? 0.586   -6.374  9.618   1.00 10.04 ? 190  THR A N   1 
ATOM   1009 C CA  . THR A 1 140 ? 0.118   -6.734  8.286   1.00 11.30 ? 190  THR A CA  1 
ATOM   1010 C C   . THR A 1 140 ? -0.664  -5.605  7.642   1.00 11.99 ? 190  THR A C   1 
ATOM   1011 O O   . THR A 1 140 ? -1.565  -5.015  8.253   1.00 10.80 ? 190  THR A O   1 
ATOM   1012 C CB  . THR A 1 140 ? -0.754  -8.010  8.318   1.00 11.19 ? 190  THR A CB  1 
ATOM   1013 O OG1 . THR A 1 140 ? 0.007   -9.087  8.879   1.00 11.81 ? 190  THR A OG1 1 
ATOM   1014 C CG2 . THR A 1 140 ? -1.184  -8.404  6.903   1.00 12.71 ? 190  THR A CG2 1 
ATOM   1015 N N   . PHE A 1 141 ? -0.286  -5.308  6.401   1.00 10.10 ? 191  PHE A N   1 
ATOM   1016 C CA  . PHE A 1 141 ? -0.900  -4.256  5.603   1.00 9.42  ? 191  PHE A CA  1 
ATOM   1017 C C   . PHE A 1 141 ? -1.704  -4.926  4.505   1.00 9.83  ? 191  PHE A C   1 
ATOM   1018 O O   . PHE A 1 141 ? -1.314  -5.975  3.996   1.00 9.02  ? 191  PHE A O   1 
ATOM   1019 C CB  . PHE A 1 141 ? 0.188   -3.374  4.984   1.00 9.85  ? 191  PHE A CB  1 
ATOM   1020 C CG  . PHE A 1 141 ? 0.979   -2.603  5.997   1.00 10.57 ? 191  PHE A CG  1 
ATOM   1021 C CD1 . PHE A 1 141 ? 0.693   -1.267  6.250   1.00 11.16 ? 191  PHE A CD1 1 
ATOM   1022 C CD2 . PHE A 1 141 ? 1.979   -3.229  6.740   1.00 10.05 ? 191  PHE A CD2 1 
ATOM   1023 C CE1 . PHE A 1 141 ? 1.387   -0.561  7.234   1.00 12.52 ? 191  PHE A CE1 1 
ATOM   1024 C CE2 . PHE A 1 141 ? 2.676   -2.532  7.724   1.00 9.90  ? 191  PHE A CE2 1 
ATOM   1025 C CZ  . PHE A 1 141 ? 2.378   -1.196  7.971   1.00 10.87 ? 191  PHE A CZ  1 
ATOM   1026 N N   . GLU A 1 142 ? -2.829  -4.322  4.148   1.00 9.89  ? 192  GLU A N   1 
ATOM   1027 C CA  . GLU A 1 142 ? -3.682  -4.878  3.113   1.00 10.51 ? 192  GLU A CA  1 
ATOM   1028 C C   . GLU A 1 142 ? -4.170  -3.793  2.166   1.00 10.13 ? 192  GLU A C   1 
ATOM   1029 O O   . GLU A 1 142 ? -4.436  -2.662  2.579   1.00 10.89 ? 192  GLU A O   1 
ATOM   1030 C CB  . GLU A 1 142 ? -4.896  -5.574  3.739   1.00 11.33 ? 192  GLU A CB  1 
ATOM   1031 C CG  . GLU A 1 142 ? -5.929  -6.039  2.710   1.00 14.76 ? 192  GLU A CG  1 
ATOM   1032 C CD  . GLU A 1 142 ? -7.207  -6.571  3.340   1.00 17.09 ? 192  GLU A CD  1 
ATOM   1033 O OE1 . GLU A 1 142 ? -7.184  -7.682  3.902   1.00 18.90 ? 192  GLU A OE1 1 
ATOM   1034 O OE2 . GLU A 1 142 ? -8.235  -5.871  3.277   1.00 20.37 ? 192  GLU A OE2 1 
ATOM   1035 N N   . VAL A 1 143 ? -4.284  -4.154  0.894   1.00 9.43  ? 193  VAL A N   1 
ATOM   1036 C CA  . VAL A 1 143 ? -4.776  -3.242  -0.122  1.00 9.64  ? 193  VAL A CA  1 
ATOM   1037 C C   . VAL A 1 143 ? -5.827  -3.929  -0.984  1.00 10.10 ? 193  VAL A C   1 
ATOM   1038 O O   . VAL A 1 143 ? -5.628  -5.054  -1.449  1.00 11.73 ? 193  VAL A O   1 
ATOM   1039 C CB  . VAL A 1 143 ? -3.638  -2.755  -1.059  1.00 9.29  ? 193  VAL A CB  1 
ATOM   1040 C CG1 . VAL A 1 143 ? -4.233  -2.111  -2.315  1.00 10.64 ? 193  VAL A CG1 1 
ATOM   1041 C CG2 . VAL A 1 143 ? -2.756  -1.753  -0.331  1.00 7.95  ? 193  VAL A CG2 1 
ATOM   1042 N N   . PHE A 1 144 ? -6.954  -3.252  -1.168  1.00 10.80 ? 194  PHE A N   1 
ATOM   1043 C CA  . PHE A 1 144 ? -8.017  -3.737  -2.037  1.00 10.75 ? 194  PHE A CA  1 
ATOM   1044 C C   . PHE A 1 144 ? -8.010  -2.683  -3.130  1.00 11.38 ? 194  PHE A C   1 
ATOM   1045 O O   . PHE A 1 144 ? -8.383  -1.535  -2.897  1.00 12.51 ? 194  PHE A O   1 
ATOM   1046 C CB  . PHE A 1 144 ? -9.377  -3.749  -1.335  1.00 13.32 ? 194  PHE A CB  1 
ATOM   1047 C CG  . PHE A 1 144 ? -10.537 -3.983  -2.274  1.00 14.53 ? 194  PHE A CG  1 
ATOM   1048 C CD1 . PHE A 1 144 ? -10.514 -5.039  -3.180  1.00 13.48 ? 194  PHE A CD1 1 
ATOM   1049 C CD2 . PHE A 1 144 ? -11.646 -3.145  -2.254  1.00 17.27 ? 194  PHE A CD2 1 
ATOM   1050 C CE1 . PHE A 1 144 ? -11.580 -5.258  -4.055  1.00 16.80 ? 194  PHE A CE1 1 
ATOM   1051 C CE2 . PHE A 1 144 ? -12.720 -3.357  -3.127  1.00 19.05 ? 194  PHE A CE2 1 
ATOM   1052 C CZ  . PHE A 1 144 ? -12.682 -4.416  -4.028  1.00 15.86 ? 194  PHE A CZ  1 
ATOM   1053 N N   . VAL A 1 145 ? -7.542  -3.064  -4.311  1.00 11.82 ? 195  VAL A N   1 
ATOM   1054 C CA  . VAL A 1 145 ? -7.464  -2.125  -5.418  1.00 12.22 ? 195  VAL A CA  1 
ATOM   1055 C C   . VAL A 1 145 ? -8.428  -2.478  -6.544  1.00 12.40 ? 195  VAL A C   1 
ATOM   1056 O O   . VAL A 1 145 ? -8.580  -3.645  -6.910  1.00 12.66 ? 195  VAL A O   1 
ATOM   1057 C CB  . VAL A 1 145 ? -6.017  -2.063  -5.970  1.00 13.18 ? 195  VAL A CB  1 
ATOM   1058 C CG1 . VAL A 1 145 ? -5.570  -3.450  -6.413  1.00 12.16 ? 195  VAL A CG1 1 
ATOM   1059 C CG2 . VAL A 1 145 ? -5.933  -1.071  -7.122  1.00 13.06 ? 195  VAL A CG2 1 
ATOM   1060 N N   . GLN A 1 146 ? -9.098  -1.454  -7.062  1.00 12.65 ? 196  GLN A N   1 
ATOM   1061 C CA  . GLN A 1 146 ? -10.038 -1.598  -8.168  1.00 12.73 ? 196  GLN A CA  1 
ATOM   1062 C C   . GLN A 1 146 ? -9.505  -0.631  -9.214  1.00 11.69 ? 196  GLN A C   1 
ATOM   1063 O O   . GLN A 1 146 ? -9.593  0.585   -9.048  1.00 12.62 ? 196  GLN A O   1 
ATOM   1064 C CB  . GLN A 1 146 ? -11.448 -1.189  -7.736  1.00 14.60 ? 196  GLN A CB  1 
ATOM   1065 C CG  . GLN A 1 146 ? -11.945 -1.924  -6.499  1.00 17.68 ? 196  GLN A CG  1 
ATOM   1066 C CD  . GLN A 1 146 ? -13.378 -1.575  -6.147  1.00 20.31 ? 196  GLN A CD  1 
ATOM   1067 O OE1 . GLN A 1 146 ? -14.324 -2.155  -6.684  1.00 22.62 ? 196  GLN A OE1 1 
ATOM   1068 N NE2 . GLN A 1 146 ? -13.545 -0.616  -5.248  1.00 20.85 ? 196  GLN A NE2 1 
ATOM   1069 N N   . ALA A 1 147 ? -8.936  -1.172  -10.285 1.00 12.78 ? 197  ALA A N   1 
ATOM   1070 C CA  . ALA A 1 147 ? -8.343  -0.339  -11.326 1.00 13.11 ? 197  ALA A CA  1 
ATOM   1071 C C   . ALA A 1 147 ? -9.053  -0.370  -12.669 1.00 13.29 ? 197  ALA A C   1 
ATOM   1072 O O   . ALA A 1 147 ? -9.608  -1.394  -13.066 1.00 13.29 ? 197  ALA A O   1 
ATOM   1073 C CB  . ALA A 1 147 ? -6.883  -0.741  -11.520 1.00 13.43 ? 197  ALA A CB  1 
ATOM   1074 N N   . ASP A 1 148 ? -9.027  0.763   -13.368 1.00 14.06 ? 198  ASP A N   1 
ATOM   1075 C CA  . ASP A 1 148 ? -9.635  0.843   -14.693 1.00 14.31 ? 198  ASP A CA  1 
ATOM   1076 C C   . ASP A 1 148 ? -8.629  0.280   -15.683 1.00 15.07 ? 198  ASP A C   1 
ATOM   1077 O O   . ASP A 1 148 ? -7.467  0.035   -15.336 1.00 14.04 ? 198  ASP A O   1 
ATOM   1078 C CB  . ASP A 1 148 ? -9.935  2.293   -15.096 1.00 16.54 ? 198  ASP A CB  1 
ATOM   1079 C CG  . ASP A 1 148 ? -10.988 2.943   -14.227 1.00 19.15 ? 198  ASP A CG  1 
ATOM   1080 O OD1 . ASP A 1 148 ? -11.803 2.214   -13.626 1.00 21.78 ? 198  ASP A OD1 1 
ATOM   1081 O OD2 . ASP A 1 148 ? -11.007 4.189   -14.162 1.00 20.21 ? 198  ASP A OD2 1 
ATOM   1082 N N   . ALA A 1 149 ? -9.076  0.069   -16.918 1.00 13.67 ? 199  ALA A N   1 
ATOM   1083 C CA  . ALA A 1 149 ? -8.190  -0.433  -17.958 1.00 13.60 ? 199  ALA A CA  1 
ATOM   1084 C C   . ALA A 1 149 ? -7.093  0.612   -18.134 1.00 13.30 ? 199  ALA A C   1 
ATOM   1085 O O   . ALA A 1 149 ? -7.378  1.802   -18.256 1.00 12.33 ? 199  ALA A O   1 
ATOM   1086 C CB  . ALA A 1 149 ? -8.964  -0.611  -19.267 1.00 12.54 ? 199  ALA A CB  1 
ATOM   1087 N N   . PRO A 1 150 ? -5.822  0.184   -18.135 1.00 12.28 ? 200  PRO A N   1 
ATOM   1088 C CA  . PRO A 1 150 ? -4.716  1.134   -18.299 1.00 13.03 ? 200  PRO A CA  1 
ATOM   1089 C C   . PRO A 1 150 ? -4.599  1.650   -19.730 1.00 13.04 ? 200  PRO A C   1 
ATOM   1090 O O   . PRO A 1 150 ? -5.157  1.061   -20.658 1.00 13.74 ? 200  PRO A O   1 
ATOM   1091 C CB  . PRO A 1 150 ? -3.483  0.315   -17.909 1.00 14.03 ? 200  PRO A CB  1 
ATOM   1092 C CG  . PRO A 1 150 ? -4.040  -0.794  -17.042 1.00 15.75 ? 200  PRO A CG  1 
ATOM   1093 C CD  . PRO A 1 150 ? -5.322  -1.145  -17.745 1.00 13.55 ? 200  PRO A CD  1 
ATOM   1094 N N   . HIS A 1 151 ? -3.879  2.755   -19.894 1.00 12.26 ? 201  HIS A N   1 
ATOM   1095 C CA  . HIS A 1 151 ? -3.631  3.334   -21.209 1.00 12.89 ? 201  HIS A CA  1 
ATOM   1096 C C   . HIS A 1 151 ? -2.127  3.368   -21.427 1.00 12.74 ? 201  HIS A C   1 
ATOM   1097 O O   . HIS A 1 151 ? -1.355  3.402   -20.466 1.00 11.09 ? 201  HIS A O   1 
ATOM   1098 C CB  . HIS A 1 151 ? -4.174  4.763   -21.309 1.00 12.33 ? 201  HIS A CB  1 
ATOM   1099 C CG  . HIS A 1 151 ? -5.642  4.838   -21.584 1.00 15.16 ? 201  HIS A CG  1 
ATOM   1100 N ND1 . HIS A 1 151 ? -6.590  4.861   -20.584 1.00 18.59 ? 201  HIS A ND1 1 
ATOM   1101 C CD2 . HIS A 1 151 ? -6.326  4.890   -22.751 1.00 14.57 ? 201  HIS A CD2 1 
ATOM   1102 C CE1 . HIS A 1 151 ? -7.795  4.926   -21.123 1.00 16.29 ? 201  HIS A CE1 1 
ATOM   1103 N NE2 . HIS A 1 151 ? -7.661  4.945   -22.436 1.00 17.94 ? 201  HIS A NE2 1 
ATOM   1104 N N   . GLY A 1 152 ? -1.712  3.353   -22.690 1.00 13.52 ? 202  GLY A N   1 
ATOM   1105 C CA  . GLY A 1 152 ? -0.300  3.407   -23.012 1.00 15.83 ? 202  GLY A CA  1 
ATOM   1106 C C   . GLY A 1 152 ? 0.555   2.241   -22.551 1.00 18.87 ? 202  GLY A C   1 
ATOM   1107 O O   . GLY A 1 152 ? 1.734   2.428   -22.257 1.00 18.55 ? 202  GLY A O   1 
ATOM   1108 N N   . VAL A 1 153 ? -0.023  1.044   -22.489 1.00 21.53 ? 203  VAL A N   1 
ATOM   1109 C CA  . VAL A 1 153 ? 0.725   -0.137  -22.063 1.00 27.88 ? 203  VAL A CA  1 
ATOM   1110 C C   . VAL A 1 153 ? 0.688   -1.223  -23.133 1.00 32.34 ? 203  VAL A C   1 
ATOM   1111 O O   . VAL A 1 153 ? 1.541   -1.264  -24.020 1.00 34.04 ? 203  VAL A O   1 
ATOM   1112 C CB  . VAL A 1 153 ? 0.160   -0.733  -20.756 1.00 27.89 ? 203  VAL A CB  1 
ATOM   1113 C CG1 . VAL A 1 153 ? 1.001   -1.931  -20.326 1.00 28.95 ? 203  VAL A CG1 1 
ATOM   1114 C CG2 . VAL A 1 153 ? 0.145   0.319   -19.667 1.00 25.41 ? 203  VAL A CG2 1 
ATOM   1115 N N   . ALA A 1 154 ? -0.299  -2.106  -23.036 1.00 36.53 ? 204  ALA A N   1 
ATOM   1116 C CA  . ALA A 1 154 ? -0.459  -3.192  -23.994 1.00 39.90 ? 204  ALA A CA  1 
ATOM   1117 C C   . ALA A 1 154 ? -1.261  -2.684  -25.185 1.00 41.67 ? 204  ALA A C   1 
ATOM   1118 O O   . ALA A 1 154 ? -2.420  -3.055  -25.368 1.00 42.76 ? 204  ALA A O   1 
ATOM   1119 C CB  . ALA A 1 154 ? -1.179  -4.370  -23.335 1.00 40.68 ? 204  ALA A CB  1 
ATOM   1120 N N   . TRP A 1 155 ? -0.635  -1.828  -25.988 1.00 43.59 ? 205  TRP A N   1 
ATOM   1121 C CA  . TRP A 1 155 ? -1.283  -1.254  -27.161 1.00 44.91 ? 205  TRP A CA  1 
ATOM   1122 C C   . TRP A 1 155 ? -1.939  -2.353  -27.991 1.00 45.82 ? 205  TRP A C   1 
ATOM   1123 O O   . TRP A 1 155 ? -3.149  -2.234  -28.282 1.00 46.64 ? 205  TRP A O   1 
ATOM   1124 C CB  . TRP A 1 155 ? -0.262  -0.500  -28.023 1.00 44.09 ? 205  TRP A CB  1 
ATOM   1125 C CG  . TRP A 1 155 ? 0.745   0.290   -27.234 1.00 43.99 ? 205  TRP A CG  1 
ATOM   1126 C CD1 . TRP A 1 155 ? 1.846   -0.197  -26.590 1.00 43.67 ? 205  TRP A CD1 1 
ATOM   1127 C CD2 . TRP A 1 155 ? 0.739   1.706   -27.000 1.00 42.71 ? 205  TRP A CD2 1 
ATOM   1128 N NE1 . TRP A 1 155 ? 2.528   0.824   -25.970 1.00 43.50 ? 205  TRP A NE1 1 
ATOM   1129 C CE2 . TRP A 1 155 ? 1.870   2.003   -26.206 1.00 42.85 ? 205  TRP A CE2 1 
ATOM   1130 C CE3 . TRP A 1 155 ? -0.111  2.751   -27.385 1.00 41.59 ? 205  TRP A CE3 1 
ATOM   1131 C CZ2 . TRP A 1 155 ? 2.174   3.304   -25.788 1.00 41.96 ? 205  TRP A CZ2 1 
ATOM   1132 C CZ3 . TRP A 1 155 ? 0.191   4.046   -26.969 1.00 41.15 ? 205  TRP A CZ3 1 
ATOM   1133 C CH2 . TRP A 1 155 ? 1.325   4.309   -26.179 1.00 40.42 ? 205  TRP A CH2 1 
ATOM   1134 O OXT . TRP A 1 155 ? -1.232  -3.321  -28.340 1.00 47.22 ? 205  TRP A OXT 1 
ATOM   1135 N N   . ALA B 2 4   ? -4.418  12.340  0.648   1.00 23.95 ? 398  ALA B N   1 
ATOM   1136 C CA  . ALA B 2 4   ? -3.446  11.410  -0.001  1.00 21.39 ? 398  ALA B CA  1 
ATOM   1137 C C   . ALA B 2 4   ? -2.495  12.157  -0.931  1.00 22.32 ? 398  ALA B C   1 
ATOM   1138 O O   . ALA B 2 4   ? -2.840  13.203  -1.485  1.00 22.30 ? 398  ALA B O   1 
ATOM   1139 C CB  . ALA B 2 4   ? -4.196  10.334  -0.773  1.00 21.38 ? 398  ALA B CB  1 
ATOM   1140 N N   . HIS B 2 5   ? -1.295  11.611  -1.104  1.00 19.43 ? 399  HIS B N   1 
ATOM   1141 C CA  . HIS B 2 5   ? -0.291  12.229  -1.958  1.00 18.55 ? 399  HIS B CA  1 
ATOM   1142 C C   . HIS B 2 5   ? 0.797   11.219  -2.301  1.00 17.93 ? 399  HIS B C   1 
ATOM   1143 O O   . HIS B 2 5   ? 0.730   10.059  -1.893  1.00 15.41 ? 399  HIS B O   1 
ATOM   1144 C CB  . HIS B 2 5   ? 0.327   13.429  -1.238  1.00 22.49 ? 399  HIS B CB  1 
ATOM   1145 C CG  . HIS B 2 5   ? 0.999   13.074  0.050   1.00 24.90 ? 399  HIS B CG  1 
ATOM   1146 N ND1 . HIS B 2 5   ? 2.279   12.565  0.106   1.00 26.64 ? 399  HIS B ND1 1 
ATOM   1147 C CD2 . HIS B 2 5   ? 0.547   13.099  1.326   1.00 26.88 ? 399  HIS B CD2 1 
ATOM   1148 C CE1 . HIS B 2 5   ? 2.587   12.291  1.361   1.00 27.08 ? 399  HIS B CE1 1 
ATOM   1149 N NE2 . HIS B 2 5   ? 1.553   12.605  2.121   1.00 28.66 ? 399  HIS B NE2 1 
ATOM   1150 N N   . SER B 2 6   ? 1.794   11.670  -3.055  1.00 17.64 ? 400  SER B N   1 
ATOM   1151 C CA  . SER B 2 6   ? 2.914   10.825  -3.456  1.00 19.59 ? 400  SER B CA  1 
ATOM   1152 C C   . SER B 2 6   ? 3.899   10.686  -2.301  1.00 19.52 ? 400  SER B C   1 
ATOM   1153 O O   . SER B 2 6   ? 4.001   11.578  -1.458  1.00 19.53 ? 400  SER B O   1 
ATOM   1154 C CB  . SER B 2 6   ? 3.630   11.439  -4.661  1.00 20.99 ? 400  SER B CB  1 
ATOM   1155 O OG  . SER B 2 6   ? 4.829   10.736  -4.949  1.00 29.12 ? 400  SER B OG  1 
ATOM   1156 N N   . SER B 2 7   ? 4.626   9.572   -2.266  1.00 18.79 ? 401  SER B N   1 
ATOM   1157 C CA  . SER B 2 7   ? 5.600   9.330   -1.205  1.00 20.07 ? 401  SER B CA  1 
ATOM   1158 C C   . SER B 2 7   ? 6.757   10.313  -1.318  1.00 22.19 ? 401  SER B C   1 
ATOM   1159 O O   . SER B 2 7   ? 7.342   10.650  -0.266  1.00 22.82 ? 401  SER B O   1 
ATOM   1160 C CB  . SER B 2 7   ? 6.136   7.895   -1.271  1.00 19.03 ? 401  SER B CB  1 
ATOM   1161 O OG  . SER B 2 7   ? 6.960   7.697   -2.407  1.00 19.07 ? 401  SER B OG  1 
HETATM 1162 O O   . HOH C 3 .   ? 9.254   -7.567  -1.286  1.00 10.82 ? 1001 HOH A O   1 
HETATM 1163 O O   . HOH C 3 .   ? 6.858   -2.001  -13.548 1.00 12.40 ? 1002 HOH A O   1 
HETATM 1164 O O   . HOH C 3 .   ? 8.764   -5.856  -5.025  1.00 12.59 ? 1003 HOH A O   1 
HETATM 1165 O O   . HOH C 3 .   ? -6.927  9.965   -2.975  1.00 13.25 ? 1004 HOH A O   1 
HETATM 1166 O O   . HOH C 3 .   ? 7.089   -2.323  -10.563 1.00 12.23 ? 1005 HOH A O   1 
HETATM 1167 O O   . HOH C 3 .   ? -0.713  -11.411 -8.724  1.00 13.95 ? 1006 HOH A O   1 
HETATM 1168 O O   . HOH C 3 .   ? -1.294  -6.190  11.706  1.00 14.70 ? 1007 HOH A O   1 
HETATM 1169 O O   . HOH C 3 .   ? 7.128   4.828   -5.781  1.00 13.30 ? 1008 HOH A O   1 
HETATM 1170 O O   . HOH C 3 .   ? -7.050  3.934   -16.582 1.00 12.59 ? 1009 HOH A O   1 
HETATM 1171 O O   . HOH C 3 .   ? 3.574   7.242   -17.431 1.00 12.45 ? 1010 HOH A O   1 
HETATM 1172 O O   . HOH C 3 .   ? 7.098   3.454   -14.462 1.00 17.11 ? 1011 HOH A O   1 
HETATM 1173 O O   . HOH C 3 .   ? 5.298   -1.182  -8.722  1.00 10.65 ? 1012 HOH A O   1 
HETATM 1174 O O   . HOH C 3 .   ? 6.370   8.658   -9.363  1.00 18.44 ? 1013 HOH A O   1 
HETATM 1175 O O   . HOH C 3 .   ? -0.748  -2.649  17.964  1.00 13.77 ? 1014 HOH A O   1 
HETATM 1176 O O   . HOH C 3 .   ? 8.790   -1.325  -7.652  1.00 11.78 ? 1015 HOH A O   1 
HETATM 1177 O O   . HOH C 3 .   ? 2.728   -9.198  -0.445  1.00 17.15 ? 1016 HOH A O   1 
HETATM 1178 O O   . HOH C 3 .   ? -5.478  11.543  -10.060 1.00 15.83 ? 1017 HOH A O   1 
HETATM 1179 O O   . HOH C 3 .   ? -2.338  11.857  -11.476 1.00 14.65 ? 1018 HOH A O   1 
HETATM 1180 O O   . HOH C 3 .   ? -1.717  -11.396 -0.398  1.00 22.15 ? 1019 HOH A O   1 
HETATM 1181 O O   . HOH C 3 .   ? 9.333   -9.673  13.503  1.00 15.92 ? 1020 HOH A O   1 
HETATM 1182 O O   . HOH C 3 .   ? 8.406   -4.774  -10.323 1.00 14.31 ? 1021 HOH A O   1 
HETATM 1183 O O   . HOH C 3 .   ? 7.756   5.474   -22.934 1.00 20.99 ? 1022 HOH A O   1 
HETATM 1184 O O   . HOH C 3 .   ? 3.522   8.185   17.191  1.00 18.62 ? 1023 HOH A O   1 
HETATM 1185 O O   . HOH C 3 .   ? -12.094 -2.021  -11.284 1.00 21.48 ? 1024 HOH A O   1 
HETATM 1186 O O   . HOH C 3 .   ? -11.499 -9.663  19.892  1.00 19.51 ? 1025 HOH A O   1 
HETATM 1187 O O   . HOH C 3 .   ? -5.486  6.083   -17.699 1.00 15.98 ? 1026 HOH A O   1 
HETATM 1188 O O   . HOH C 3 .   ? 3.839   -10.886 3.551   1.00 17.50 ? 1027 HOH A O   1 
HETATM 1189 O O   . HOH C 3 .   ? 4.852   -0.235  -18.776 1.00 18.34 ? 1028 HOH A O   1 
HETATM 1190 O O   . HOH C 3 .   ? -4.461  12.148  -7.683  1.00 24.65 ? 1029 HOH A O   1 
HETATM 1191 O O   . HOH C 3 .   ? 1.062   -11.071 4.604   1.00 28.27 ? 1030 HOH A O   1 
HETATM 1192 O O   . HOH C 3 .   ? -0.955  11.505  5.650   1.00 23.18 ? 1031 HOH A O   1 
HETATM 1193 O O   . HOH C 3 .   ? 5.310   -7.102  19.092  1.00 21.78 ? 1032 HOH A O   1 
HETATM 1194 O O   . HOH C 3 .   ? 12.230  -7.228  16.479  1.00 22.39 ? 1033 HOH A O   1 
HETATM 1195 O O   . HOH C 3 .   ? 11.453  -3.564  -6.390  1.00 16.56 ? 1034 HOH A O   1 
HETATM 1196 O O   . HOH C 3 .   ? -1.045  -5.805  19.720  1.00 25.06 ? 1035 HOH A O   1 
HETATM 1197 O O   . HOH C 3 .   ? -8.329  -3.210  2.211   1.00 21.30 ? 1036 HOH A O   1 
HETATM 1198 O O   . HOH C 3 .   ? -8.191  -10.869 -4.515  1.00 25.60 ? 1037 HOH A O   1 
HETATM 1199 O O   . HOH C 3 .   ? -7.574  1.114   -22.457 1.00 25.57 ? 1038 HOH A O   1 
HETATM 1200 O O   . HOH C 3 .   ? 13.154  -3.421  10.796  1.00 19.07 ? 1039 HOH A O   1 
HETATM 1201 O O   . HOH C 3 .   ? -3.323  7.102   14.633  1.00 25.00 ? 1040 HOH A O   1 
HETATM 1202 O O   . HOH C 3 .   ? -15.693 -7.570  16.005  1.00 25.52 ? 1041 HOH A O   1 
HETATM 1203 O O   . HOH C 3 .   ? -11.010 3.910   -10.726 1.00 31.86 ? 1042 HOH A O   1 
HETATM 1204 O O   . HOH C 3 .   ? -15.597 -4.580  17.320  1.00 27.35 ? 1043 HOH A O   1 
HETATM 1205 O O   . HOH C 3 .   ? -11.810 0.578   -17.426 1.00 20.80 ? 1044 HOH A O   1 
HETATM 1206 O O   . HOH C 3 .   ? 1.906   -11.911 -7.595  1.00 22.91 ? 1045 HOH A O   1 
HETATM 1207 O O   . HOH C 3 .   ? 7.774   5.317   -12.635 1.00 22.35 ? 1046 HOH A O   1 
HETATM 1208 O O   . HOH C 3 .   ? 7.077   -4.814  18.658  1.00 24.21 ? 1047 HOH A O   1 
HETATM 1209 O O   . HOH C 3 .   ? 0.982   -9.629  11.431  1.00 35.42 ? 1048 HOH A O   1 
HETATM 1210 O O   . HOH C 3 .   ? 18.652  1.891   8.160   1.00 26.67 ? 1049 HOH A O   1 
HETATM 1211 O O   . HOH C 3 .   ? 2.101   -9.249  -3.056  1.00 21.59 ? 1050 HOH A O   1 
HETATM 1212 O O   . HOH C 3 .   ? 4.104   1.450   -21.233 1.00 20.79 ? 1051 HOH A O   1 
HETATM 1213 O O   . HOH C 3 .   ? -8.271  -9.658  12.016  1.00 30.97 ? 1052 HOH A O   1 
HETATM 1214 O O   . HOH C 3 .   ? -9.097  -15.026 -11.702 1.00 37.15 ? 1053 HOH A O   1 
HETATM 1215 O O   . HOH C 3 .   ? -7.878  3.092   22.934  1.00 27.27 ? 1054 HOH A O   1 
HETATM 1216 O O   . HOH C 3 .   ? -9.559  2.976   -19.265 1.00 22.99 ? 1055 HOH A O   1 
HETATM 1217 O O   . HOH C 3 .   ? 9.509   1.640   17.384  1.00 26.00 ? 1056 HOH A O   1 
HETATM 1218 O O   . HOH C 3 .   ? 11.622  2.500   13.839  1.00 26.72 ? 1057 HOH A O   1 
HETATM 1219 O O   . HOH C 3 .   ? -10.805 2.578   9.700   1.00 24.49 ? 1058 HOH A O   1 
HETATM 1220 O O   . HOH C 3 .   ? -13.404 -4.176  -10.634 1.00 27.79 ? 1059 HOH A O   1 
HETATM 1221 O O   . HOH C 3 .   ? -8.952  10.807  -9.071  1.00 35.45 ? 1060 HOH A O   1 
HETATM 1222 O O   . HOH C 3 .   ? 6.410   -11.209 6.091   1.00 25.21 ? 1061 HOH A O   1 
HETATM 1223 O O   . HOH C 3 .   ? -1.725  -3.668  -18.931 1.00 22.05 ? 1062 HOH A O   1 
HETATM 1224 O O   . HOH C 3 .   ? -8.180  9.430   5.218   1.00 32.52 ? 1063 HOH A O   1 
HETATM 1225 O O   . HOH C 3 .   ? 4.849   -3.258  -16.634 1.00 28.42 ? 1064 HOH A O   1 
HETATM 1226 O O   . HOH C 3 .   ? 9.234   5.569   -16.043 1.00 24.87 ? 1065 HOH A O   1 
HETATM 1227 O O   . HOH C 3 .   ? 10.364  1.856   -5.318  1.00 27.12 ? 1066 HOH A O   1 
HETATM 1228 O O   . HOH C 3 .   ? -5.506  -10.968 0.977   1.00 38.39 ? 1067 HOH A O   1 
HETATM 1229 O O   . HOH C 3 .   ? 0.129   -5.174  -20.080 1.00 35.97 ? 1068 HOH A O   1 
HETATM 1230 O O   . HOH C 3 .   ? 3.430   2.433   21.767  1.00 37.00 ? 1069 HOH A O   1 
HETATM 1231 O O   . HOH C 3 .   ? 4.079   9.926   -22.564 1.00 25.52 ? 1070 HOH A O   1 
HETATM 1232 O O   . HOH C 3 .   ? -9.206  -7.978  5.940   1.00 33.92 ? 1071 HOH A O   1 
HETATM 1233 O O   . HOH C 3 .   ? -10.812 5.013   -22.440 1.00 43.72 ? 1072 HOH A O   1 
HETATM 1234 O O   . HOH C 3 .   ? 9.756   5.284   -8.658  1.00 24.96 ? 1073 HOH A O   1 
HETATM 1235 O O   . HOH C 3 .   ? 5.280   -14.709 14.130  1.00 40.90 ? 1074 HOH A O   1 
HETATM 1236 O O   . HOH C 3 .   ? -3.690  1.970   -24.648 1.00 35.27 ? 1075 HOH A O   1 
HETATM 1237 O O   . HOH C 3 .   ? 13.907  -2.165  2.560   1.00 32.74 ? 1077 HOH A O   1 
HETATM 1238 O O   . HOH C 3 .   ? -1.725  -11.638 22.509  1.00 38.72 ? 1078 HOH A O   1 
HETATM 1239 O O   . HOH C 3 .   ? -5.722  -1.342  -21.474 1.00 34.56 ? 1079 HOH A O   1 
HETATM 1240 O O   . HOH C 3 .   ? -15.959 -5.914  -5.566  1.00 41.33 ? 1080 HOH A O   1 
HETATM 1241 O O   . HOH C 3 .   ? 10.156  -11.991 12.199  1.00 35.20 ? 1081 HOH A O   1 
HETATM 1242 O O   . HOH C 3 .   ? -9.248  8.741   2.841   1.00 35.57 ? 1082 HOH A O   1 
HETATM 1243 O O   . HOH C 3 .   ? -2.475  -14.720 -14.958 1.00 34.20 ? 1083 HOH A O   1 
HETATM 1244 O O   . HOH C 3 .   ? -7.550  9.964   -0.312  1.00 33.70 ? 1084 HOH A O   1 
HETATM 1245 O O   . HOH C 3 .   ? -11.643 4.975   -2.926  1.00 27.61 ? 1085 HOH A O   1 
HETATM 1246 O O   . HOH C 3 .   ? 9.735   13.310  16.016  1.00 47.68 ? 1086 HOH A O   1 
HETATM 1247 O O   . HOH C 3 .   ? -10.327 -10.415 -8.150  1.00 33.10 ? 1087 HOH A O   1 
HETATM 1248 O O   . HOH C 3 .   ? -1.238  -12.277 4.850   1.00 35.84 ? 1088 HOH A O   1 
HETATM 1249 O O   . HOH C 3 .   ? -11.520 -5.624  20.028  1.00 34.54 ? 1089 HOH A O   1 
HETATM 1250 O O   . HOH C 3 .   ? -11.799 3.205   4.459   1.00 32.01 ? 1090 HOH A O   1 
HETATM 1251 O O   . HOH C 3 .   ? 4.153   -9.768  20.526  1.00 36.34 ? 1091 HOH A O   1 
HETATM 1252 O O   . HOH C 3 .   ? 10.828  5.380   -0.521  1.00 39.94 ? 1092 HOH A O   1 
HETATM 1253 O O   . HOH C 3 .   ? -11.291 0.145   -3.628  1.00 31.83 ? 1093 HOH A O   1 
HETATM 1254 O O   . HOH C 3 .   ? -11.147 -7.061  0.102   1.00 27.35 ? 1094 HOH A O   1 
HETATM 1255 O O   . HOH C 3 .   ? -0.244  5.856   21.099  1.00 43.35 ? 1095 HOH A O   1 
HETATM 1256 O O   . HOH C 3 .   ? 20.079  5.050   5.559   1.00 39.51 ? 1096 HOH A O   1 
HETATM 1257 O O   . HOH C 3 .   ? -9.414  -12.674 -14.205 1.00 44.10 ? 1097 HOH A O   1 
HETATM 1258 O O   . HOH C 3 .   ? 14.244  1.348   0.767   1.00 29.92 ? 1098 HOH A O   1 
HETATM 1259 O O   . HOH C 3 .   ? -2.668  -0.015  -22.552 1.00 38.83 ? 1099 HOH A O   1 
HETATM 1260 O O   . HOH C 3 .   ? 13.471  5.779   -0.244  1.00 47.90 ? 1100 HOH A O   1 
HETATM 1261 O O   . HOH C 3 .   ? -3.636  -11.672 -10.762 1.00 37.21 ? 1101 HOH A O   1 
HETATM 1262 O O   . HOH C 3 .   ? 11.412  -9.726  15.584  1.00 27.68 ? 1102 HOH A O   1 
HETATM 1263 O O   . HOH C 3 .   ? 15.921  -4.539  11.377  1.00 33.22 ? 1103 HOH A O   1 
HETATM 1264 O O   . HOH C 3 .   ? 16.204  -0.479  -0.895  1.00 28.27 ? 1104 HOH A O   1 
HETATM 1265 O O   . HOH C 3 .   ? 17.994  -9.172  15.486  1.00 34.27 ? 1105 HOH A O   1 
HETATM 1266 O O   . HOH C 3 .   ? 8.344   -4.024  -14.620 1.00 23.33 ? 1106 HOH A O   1 
HETATM 1267 O O   . HOH C 3 .   ? 6.201   2.911   -24.002 1.00 28.62 ? 1107 HOH A O   1 
HETATM 1268 O O   . HOH D 3 .   ? 2.018   14.189  -4.096  1.00 32.20 ? 1076 HOH B O   1 
# 
loop_
_pdbx_poly_seq_scheme.asym_id 
_pdbx_poly_seq_scheme.entity_id 
_pdbx_poly_seq_scheme.seq_id 
_pdbx_poly_seq_scheme.mon_id 
_pdbx_poly_seq_scheme.ndb_seq_num 
_pdbx_poly_seq_scheme.pdb_seq_num 
_pdbx_poly_seq_scheme.auth_seq_num 
_pdbx_poly_seq_scheme.pdb_mon_id 
_pdbx_poly_seq_scheme.auth_mon_id 
_pdbx_poly_seq_scheme.pdb_strand_id 
_pdbx_poly_seq_scheme.pdb_ins_code 
_pdbx_poly_seq_scheme.hetero 
A 1 1   GLY 1   51  ?   ?   ?   A . n 
A 1 2   SER 2   52  ?   ?   ?   A . n 
A 1 3   HIS 3   53  ?   ?   ?   A . n 
A 1 4   THR 4   54  ?   ?   ?   A . n 
A 1 5   ALA 5   55  ?   ?   ?   A . n 
A 1 6   GLU 6   56  ?   ?   ?   A . n 
A 1 7   GLU 7   57  ?   ?   ?   A . n 
A 1 8   ASP 8   58  ?   ?   ?   A . n 
A 1 9   MET 9   59  ?   ?   ?   A . n 
A 1 10  GLU 10  60  ?   ?   ?   A . n 
A 1 11  ASP 11  61  ?   ?   ?   A . n 
A 1 12  ASP 12  62  ?   ?   ?   A . n 
A 1 13  THR 13  63  63  THR THR A . n 
A 1 14  SER 14  64  64  SER SER A . n 
A 1 15  TRP 15  65  65  TRP TRP A . n 
A 1 16  ARG 16  66  66  ARG ARG A . n 
A 1 17  SER 17  67  67  SER SER A . n 
A 1 18  GLU 18  68  68  GLU GLU A . n 
A 1 19  ALA 19  69  69  ALA ALA A . n 
A 1 20  THR 20  70  70  THR THR A . n 
A 1 21  PHE 21  71  71  PHE PHE A . n 
A 1 22  GLN 22  72  72  GLN GLN A . n 
A 1 23  PHE 23  73  73  PHE PHE A . n 
A 1 24  THR 24  74  74  THR THR A . n 
A 1 25  VAL 25  75  75  VAL VAL A . n 
A 1 26  GLU 26  76  76  GLU GLU A . n 
A 1 27  ARG 27  77  77  ARG ARG A . n 
A 1 28  PHE 28  78  78  PHE PHE A . n 
A 1 29  SER 29  79  79  SER SER A . n 
A 1 30  ARG 30  80  80  ARG ARG A . n 
A 1 31  LEU 31  81  81  LEU LEU A . n 
A 1 32  SER 32  82  82  SER SER A . n 
A 1 33  GLU 33  83  83  GLU GLU A . n 
A 1 34  SER 34  84  84  SER SER A . n 
A 1 35  VAL 35  85  85  VAL VAL A . n 
A 1 36  LEU 36  86  86  LEU LEU A . n 
A 1 37  SER 37  87  87  SER SER A . n 
A 1 38  PRO 38  88  88  PRO PRO A . n 
A 1 39  PRO 39  89  89  PRO PRO A . n 
A 1 40  CYS 40  90  90  CYS CYS A . n 
A 1 41  PHE 41  91  91  PHE PHE A . n 
A 1 42  VAL 42  92  92  VAL VAL A . n 
A 1 43  ARG 43  93  93  ARG ARG A . n 
A 1 44  ASN 44  94  94  ASN ASN A . n 
A 1 45  LEU 45  95  95  LEU LEU A . n 
A 1 46  PRO 46  96  96  PRO PRO A . n 
A 1 47  TRP 47  97  97  TRP TRP A . n 
A 1 48  LYS 48  98  98  LYS LYS A . n 
A 1 49  ILE 49  99  99  ILE ILE A . n 
A 1 50  MET 50  100 100 MET MET A . n 
A 1 51  VAL 51  101 101 VAL VAL A . n 
A 1 52  MET 52  102 102 MET MET A . n 
A 1 53  PRO 53  103 103 PRO PRO A . n 
A 1 54  ARG 54  104 104 ARG ARG A . n 
A 1 55  PHE 55  105 105 PHE PHE A . n 
A 1 56  TYR 56  106 ?   ?   ?   A . n 
A 1 57  PRO 57  107 ?   ?   ?   A . n 
A 1 58  ASP 58  108 ?   ?   ?   A . n 
A 1 59  ARG 59  109 ?   ?   ?   A . n 
A 1 60  PRO 60  110 ?   ?   ?   A . n 
A 1 61  HIS 61  111 ?   ?   ?   A . n 
A 1 62  GLN 62  112 112 GLN GLN A . n 
A 1 63  LYS 63  113 113 LYS LYS A . n 
A 1 64  SER 64  114 114 SER SER A . n 
A 1 65  VAL 65  115 115 VAL VAL A . n 
A 1 66  GLY 66  116 116 GLY GLY A . n 
A 1 67  PHE 67  117 117 PHE PHE A . n 
A 1 68  PHE 68  118 118 PHE PHE A . n 
A 1 69  LEU 69  119 119 LEU LEU A . n 
A 1 70  GLN 70  120 120 GLN GLN A . n 
A 1 71  CYS 71  121 121 CYS CYS A . n 
A 1 72  ASN 72  122 122 ASN ASN A . n 
A 1 73  ALA 73  123 123 ALA ALA A . n 
A 1 74  GLU 74  124 124 GLU GLU A . n 
A 1 75  SER 75  125 125 SER SER A . n 
A 1 76  ASP 76  126 126 ASP ASP A . n 
A 1 77  SER 77  127 127 SER SER A . n 
A 1 78  THR 78  128 128 THR THR A . n 
A 1 79  SER 79  129 129 SER SER A . n 
A 1 80  TRP 80  130 130 TRP TRP A . n 
A 1 81  SER 81  131 131 SER SER A . n 
A 1 82  CYS 82  132 132 CYS CYS A . n 
A 1 83  HIS 83  133 133 HIS HIS A . n 
A 1 84  ALA 84  134 134 ALA ALA A . n 
A 1 85  GLN 85  135 135 GLN GLN A . n 
A 1 86  ALA 86  136 136 ALA ALA A . n 
A 1 87  VAL 87  137 137 VAL VAL A . n 
A 1 88  LEU 88  138 138 LEU LEU A . n 
A 1 89  LYS 89  139 139 LYS LYS A . n 
A 1 90  ILE 90  140 140 ILE ILE A . n 
A 1 91  ILE 91  141 141 ILE ILE A . n 
A 1 92  ASN 92  142 142 ASN ASN A . n 
A 1 93  TYR 93  143 143 TYR TYR A . n 
A 1 94  ARG 94  144 144 ARG ARG A . n 
A 1 95  ASP 95  145 145 ASP ASP A . n 
A 1 96  ASP 96  146 146 ASP ASP A . n 
A 1 97  GLU 97  147 147 GLU GLU A . n 
A 1 98  LYS 98  148 148 LYS LYS A . n 
A 1 99  SER 99  149 149 SER SER A . n 
A 1 100 PHE 100 150 150 PHE PHE A . n 
A 1 101 SER 101 151 151 SER SER A . n 
A 1 102 ARG 102 152 152 ARG ARG A . n 
A 1 103 ARG 103 153 153 ARG ARG A . n 
A 1 104 ILE 104 154 154 ILE ILE A . n 
A 1 105 SER 105 155 155 SER SER A . n 
A 1 106 HIS 106 156 156 HIS HIS A . n 
A 1 107 LEU 107 157 157 LEU LEU A . n 
A 1 108 PHE 108 158 158 PHE PHE A . n 
A 1 109 PHE 109 159 159 PHE PHE A . n 
A 1 110 HIS 110 160 160 HIS HIS A . n 
A 1 111 LYS 111 161 161 LYS LYS A . n 
A 1 112 GLU 112 162 162 GLU GLU A . n 
A 1 113 ASN 113 163 163 ASN ASN A . n 
A 1 114 ASP 114 164 164 ASP ASP A . n 
A 1 115 TRP 115 165 165 TRP TRP A . n 
A 1 116 GLY 116 166 166 GLY GLY A . n 
A 1 117 PHE 117 167 167 PHE PHE A . n 
A 1 118 SER 118 168 168 SER SER A . n 
A 1 119 ASN 119 169 169 ASN ASN A . n 
A 1 120 PHE 120 170 170 PHE PHE A . n 
A 1 121 MET 121 171 171 MET MET A . n 
A 1 122 ALA 122 172 172 ALA ALA A . n 
A 1 123 TRP 123 173 173 TRP TRP A . n 
A 1 124 SER 124 174 174 SER SER A . n 
A 1 125 GLU 125 175 175 GLU GLU A . n 
A 1 126 VAL 126 176 176 VAL VAL A . n 
A 1 127 THR 127 177 177 THR THR A . n 
A 1 128 ASP 128 178 178 ASP ASP A . n 
A 1 129 PRO 129 179 179 PRO PRO A . n 
A 1 130 GLU 130 180 180 GLU GLU A . n 
A 1 131 LYS 131 181 181 LYS LYS A . n 
A 1 132 GLY 132 182 182 GLY GLY A . n 
A 1 133 PHE 133 183 183 PHE PHE A . n 
A 1 134 ILE 134 184 184 ILE ILE A . n 
A 1 135 ASP 135 185 185 ASP ASP A . n 
A 1 136 ASP 136 186 186 ASP ASP A . n 
A 1 137 ASP 137 187 187 ASP ASP A . n 
A 1 138 LYS 138 188 188 LYS LYS A . n 
A 1 139 VAL 139 189 189 VAL VAL A . n 
A 1 140 THR 140 190 190 THR THR A . n 
A 1 141 PHE 141 191 191 PHE PHE A . n 
A 1 142 GLU 142 192 192 GLU GLU A . n 
A 1 143 VAL 143 193 193 VAL VAL A . n 
A 1 144 PHE 144 194 194 PHE PHE A . n 
A 1 145 VAL 145 195 195 VAL VAL A . n 
A 1 146 GLN 146 196 196 GLN GLN A . n 
A 1 147 ALA 147 197 197 ALA ALA A . n 
A 1 148 ASP 148 198 198 ASP ASP A . n 
A 1 149 ALA 149 199 199 ALA ALA A . n 
A 1 150 PRO 150 200 200 PRO PRO A . n 
A 1 151 HIS 151 201 201 HIS HIS A . n 
A 1 152 GLY 152 202 202 GLY GLY A . n 
A 1 153 VAL 153 203 203 VAL VAL A . n 
A 1 154 ALA 154 204 204 ALA ALA A . n 
A 1 155 TRP 155 205 205 TRP TRP A . n 
B 2 1   LEU 1   395 ?   ?   ?   B . n 
B 2 2   ASP 2   396 ?   ?   ?   B . n 
B 2 3   LEU 3   397 ?   ?   ?   B . n 
B 2 4   ALA 4   398 398 ALA ALA B . n 
B 2 5   HIS 5   399 399 HIS HIS B . n 
B 2 6   SER 6   400 400 SER SER B . n 
B 2 7   SER 7   401 401 SER SER B . n 
B 2 8   GLU 8   402 ?   ?   ?   B . n 
B 2 9   SER 9   403 ?   ?   ?   B . n 
B 2 10  GLN 10  404 ?   ?   ?   B . n 
# 
loop_
_pdbx_nonpoly_scheme.asym_id 
_pdbx_nonpoly_scheme.entity_id 
_pdbx_nonpoly_scheme.mon_id 
_pdbx_nonpoly_scheme.ndb_seq_num 
_pdbx_nonpoly_scheme.pdb_seq_num 
_pdbx_nonpoly_scheme.auth_seq_num 
_pdbx_nonpoly_scheme.pdb_mon_id 
_pdbx_nonpoly_scheme.auth_mon_id 
_pdbx_nonpoly_scheme.pdb_strand_id 
_pdbx_nonpoly_scheme.pdb_ins_code 
C 3 HOH 1   1001 1001 HOH TIP A . 
C 3 HOH 2   1002 1002 HOH TIP A . 
C 3 HOH 3   1003 1003 HOH TIP A . 
C 3 HOH 4   1004 1004 HOH TIP A . 
C 3 HOH 5   1005 1005 HOH TIP A . 
C 3 HOH 6   1006 1006 HOH TIP A . 
C 3 HOH 7   1007 1007 HOH TIP A . 
C 3 HOH 8   1008 1008 HOH TIP A . 
C 3 HOH 9   1009 1009 HOH TIP A . 
C 3 HOH 10  1010 1010 HOH TIP A . 
C 3 HOH 11  1011 1011 HOH TIP A . 
C 3 HOH 12  1012 1012 HOH TIP A . 
C 3 HOH 13  1013 1013 HOH TIP A . 
C 3 HOH 14  1014 1014 HOH TIP A . 
C 3 HOH 15  1015 1015 HOH TIP A . 
C 3 HOH 16  1016 1016 HOH TIP A . 
C 3 HOH 17  1017 1017 HOH TIP A . 
C 3 HOH 18  1018 1018 HOH TIP A . 
C 3 HOH 19  1019 1019 HOH TIP A . 
C 3 HOH 20  1020 1020 HOH TIP A . 
C 3 HOH 21  1021 1021 HOH TIP A . 
C 3 HOH 22  1022 1022 HOH TIP A . 
C 3 HOH 23  1023 1023 HOH TIP A . 
C 3 HOH 24  1024 1024 HOH TIP A . 
C 3 HOH 25  1025 1025 HOH TIP A . 
C 3 HOH 26  1026 1026 HOH TIP A . 
C 3 HOH 27  1027 1027 HOH TIP A . 
C 3 HOH 28  1028 1028 HOH TIP A . 
C 3 HOH 29  1029 1029 HOH TIP A . 
C 3 HOH 30  1030 1030 HOH TIP A . 
C 3 HOH 31  1031 1031 HOH TIP A . 
C 3 HOH 32  1032 1032 HOH TIP A . 
C 3 HOH 33  1033 1033 HOH TIP A . 
C 3 HOH 34  1034 1034 HOH TIP A . 
C 3 HOH 35  1035 1035 HOH TIP A . 
C 3 HOH 36  1036 1036 HOH TIP A . 
C 3 HOH 37  1037 1037 HOH TIP A . 
C 3 HOH 38  1038 1038 HOH TIP A . 
C 3 HOH 39  1039 1039 HOH TIP A . 
C 3 HOH 40  1040 1040 HOH TIP A . 
C 3 HOH 41  1041 1041 HOH TIP A . 
C 3 HOH 42  1042 1042 HOH TIP A . 
C 3 HOH 43  1043 1043 HOH TIP A . 
C 3 HOH 44  1044 1044 HOH TIP A . 
C 3 HOH 45  1045 1045 HOH TIP A . 
C 3 HOH 46  1046 1046 HOH TIP A . 
C 3 HOH 47  1047 1047 HOH TIP A . 
C 3 HOH 48  1048 1048 HOH TIP A . 
C 3 HOH 49  1049 1049 HOH TIP A . 
C 3 HOH 50  1050 1050 HOH TIP A . 
C 3 HOH 51  1051 1051 HOH TIP A . 
C 3 HOH 52  1052 1052 HOH TIP A . 
C 3 HOH 53  1053 1053 HOH TIP A . 
C 3 HOH 54  1054 1054 HOH TIP A . 
C 3 HOH 55  1055 1055 HOH TIP A . 
C 3 HOH 56  1056 1056 HOH TIP A . 
C 3 HOH 57  1057 1057 HOH TIP A . 
C 3 HOH 58  1058 1058 HOH TIP A . 
C 3 HOH 59  1059 1059 HOH TIP A . 
C 3 HOH 60  1060 1060 HOH TIP A . 
C 3 HOH 61  1061 1061 HOH TIP A . 
C 3 HOH 62  1062 1062 HOH TIP A . 
C 3 HOH 63  1063 1063 HOH TIP A . 
C 3 HOH 64  1064 1064 HOH TIP A . 
C 3 HOH 65  1065 1065 HOH TIP A . 
C 3 HOH 66  1066 1066 HOH TIP A . 
C 3 HOH 67  1067 1067 HOH TIP A . 
C 3 HOH 68  1068 1068 HOH TIP A . 
C 3 HOH 69  1069 1069 HOH TIP A . 
C 3 HOH 70  1070 1070 HOH TIP A . 
C 3 HOH 71  1071 1071 HOH TIP A . 
C 3 HOH 72  1072 1072 HOH TIP A . 
C 3 HOH 73  1073 1073 HOH TIP A . 
C 3 HOH 74  1074 1074 HOH TIP A . 
C 3 HOH 75  1075 1075 HOH TIP A . 
C 3 HOH 76  1077 1077 HOH TIP A . 
C 3 HOH 77  1078 1078 HOH TIP A . 
C 3 HOH 78  1079 1079 HOH TIP A . 
C 3 HOH 79  1080 1080 HOH TIP A . 
C 3 HOH 80  1081 1081 HOH TIP A . 
C 3 HOH 81  1082 1082 HOH TIP A . 
C 3 HOH 82  1083 1083 HOH TIP A . 
C 3 HOH 83  1084 1084 HOH TIP A . 
C 3 HOH 84  1085 1085 HOH TIP A . 
C 3 HOH 85  1086 1086 HOH TIP A . 
C 3 HOH 86  1087 1087 HOH TIP A . 
C 3 HOH 87  1088 1088 HOH TIP A . 
C 3 HOH 88  1089 1089 HOH TIP A . 
C 3 HOH 89  1090 1090 HOH TIP A . 
C 3 HOH 90  1091 1091 HOH TIP A . 
C 3 HOH 91  1092 1092 HOH TIP A . 
C 3 HOH 92  1093 1093 HOH TIP A . 
C 3 HOH 93  1094 1094 HOH TIP A . 
C 3 HOH 94  1095 1095 HOH TIP A . 
C 3 HOH 95  1096 1096 HOH TIP A . 
C 3 HOH 96  1097 1097 HOH TIP A . 
C 3 HOH 97  1098 1098 HOH TIP A . 
C 3 HOH 98  1099 1099 HOH TIP A . 
C 3 HOH 99  1100 1100 HOH TIP A . 
C 3 HOH 100 1101 1101 HOH TIP A . 
C 3 HOH 101 1102 1102 HOH TIP A . 
C 3 HOH 102 1103 1103 HOH TIP A . 
C 3 HOH 103 1104 1104 HOH TIP A . 
C 3 HOH 104 1105 1105 HOH TIP A . 
C 3 HOH 105 1106 1106 HOH TIP A . 
C 3 HOH 106 1107 1107 HOH TIP A . 
D 3 HOH 1   1076 1076 HOH TIP B . 
# 
_pdbx_struct_assembly.id                   1 
_pdbx_struct_assembly.details              author_and_software_defined_assembly 
_pdbx_struct_assembly.method_details       PISA 
_pdbx_struct_assembly.oligomeric_details   dimeric 
_pdbx_struct_assembly.oligomeric_count     2 
# 
_pdbx_struct_assembly_gen.assembly_id       1 
_pdbx_struct_assembly_gen.oper_expression   1 
_pdbx_struct_assembly_gen.asym_id_list      A,B,C,D 
# 
loop_
_pdbx_struct_assembly_prop.biol_id 
_pdbx_struct_assembly_prop.type 
_pdbx_struct_assembly_prop.value 
_pdbx_struct_assembly_prop.details 
1 'ABSA (A^2)' 580  ? 
1 MORE         -2   ? 
1 'SSA (A^2)'  7670 ? 
# 
_pdbx_struct_oper_list.id                   1 
_pdbx_struct_oper_list.type                 'identity operation' 
_pdbx_struct_oper_list.name                 1_555 
_pdbx_struct_oper_list.symmetry_operation   x,y,z 
_pdbx_struct_oper_list.matrix[1][1]         1.0000000000 
_pdbx_struct_oper_list.matrix[1][2]         0.0000000000 
_pdbx_struct_oper_list.matrix[1][3]         0.0000000000 
_pdbx_struct_oper_list.vector[1]            0.0000000000 
_pdbx_struct_oper_list.matrix[2][1]         0.0000000000 
_pdbx_struct_oper_list.matrix[2][2]         1.0000000000 
_pdbx_struct_oper_list.matrix[2][3]         0.0000000000 
_pdbx_struct_oper_list.vector[2]            0.0000000000 
_pdbx_struct_oper_list.matrix[3][1]         0.0000000000 
_pdbx_struct_oper_list.matrix[3][2]         0.0000000000 
_pdbx_struct_oper_list.matrix[3][3]         1.0000000000 
_pdbx_struct_oper_list.vector[3]            0.0000000000 
# 
loop_
_pdbx_audit_revision_history.ordinal 
_pdbx_audit_revision_history.data_content_type 
_pdbx_audit_revision_history.major_revision 
_pdbx_audit_revision_history.minor_revision 
_pdbx_audit_revision_history.revision_date 
1 'Structure model' 1 0 2010-08-25 
2 'Structure model' 1 1 2011-07-13 
3 'Structure model' 1 2 2023-09-06 
# 
_pdbx_audit_revision_details.ordinal             1 
_pdbx_audit_revision_details.revision_ordinal    1 
_pdbx_audit_revision_details.data_content_type   'Structure model' 
_pdbx_audit_revision_details.provider            repository 
_pdbx_audit_revision_details.type                'Initial release' 
_pdbx_audit_revision_details.description         ? 
_pdbx_audit_revision_details.details             ? 
# 
loop_
_pdbx_audit_revision_group.ordinal 
_pdbx_audit_revision_group.revision_ordinal 
_pdbx_audit_revision_group.data_content_type 
_pdbx_audit_revision_group.group 
1 2 'Structure model' 'Version format compliance' 
2 3 'Structure model' 'Data collection'           
3 3 'Structure model' 'Database references'       
4 3 'Structure model' 'Refinement description'    
# 
loop_
_pdbx_audit_revision_category.ordinal 
_pdbx_audit_revision_category.revision_ordinal 
_pdbx_audit_revision_category.data_content_type 
_pdbx_audit_revision_category.category 
1 3 'Structure model' chem_comp_atom                
2 3 'Structure model' chem_comp_bond                
3 3 'Structure model' database_2                    
4 3 'Structure model' pdbx_initial_refinement_model 
5 3 'Structure model' struct_ref_seq_dif            
# 
loop_
_pdbx_audit_revision_item.ordinal 
_pdbx_audit_revision_item.revision_ordinal 
_pdbx_audit_revision_item.data_content_type 
_pdbx_audit_revision_item.item 
1 3 'Structure model' '_database_2.pdbx_DOI'                
2 3 'Structure model' '_database_2.pdbx_database_accession' 
3 3 'Structure model' '_struct_ref_seq_dif.details'         
# 
loop_
_software.name 
_software.classification 
_software.version 
_software.citation_id 
_software.pdbx_ordinal 
CNS      refinement       . ? 1 
HKL-2000 'data reduction' . ? 2 
HKL-2000 'data scaling'   . ? 3 
CNS      phasing          . ? 4 
# 
loop_
_pdbx_validate_torsion.id 
_pdbx_validate_torsion.PDB_model_num 
_pdbx_validate_torsion.auth_comp_id 
_pdbx_validate_torsion.auth_asym_id 
_pdbx_validate_torsion.auth_seq_id 
_pdbx_validate_torsion.PDB_ins_code 
_pdbx_validate_torsion.label_alt_id 
_pdbx_validate_torsion.phi 
_pdbx_validate_torsion.psi 
1 1 LYS A 113 ? ? 57.08   -77.84 
2 1 VAL A 203 ? ? -122.77 -91.38 
# 
loop_
_pdbx_unobs_or_zero_occ_residues.id 
_pdbx_unobs_or_zero_occ_residues.PDB_model_num 
_pdbx_unobs_or_zero_occ_residues.polymer_flag 
_pdbx_unobs_or_zero_occ_residues.occupancy_flag 
_pdbx_unobs_or_zero_occ_residues.auth_asym_id 
_pdbx_unobs_or_zero_occ_residues.auth_comp_id 
_pdbx_unobs_or_zero_occ_residues.auth_seq_id 
_pdbx_unobs_or_zero_occ_residues.PDB_ins_code 
_pdbx_unobs_or_zero_occ_residues.label_asym_id 
_pdbx_unobs_or_zero_occ_residues.label_comp_id 
_pdbx_unobs_or_zero_occ_residues.label_seq_id 
1  1 Y 1 A GLY 51  ? A GLY 1  
2  1 Y 1 A SER 52  ? A SER 2  
3  1 Y 1 A HIS 53  ? A HIS 3  
4  1 Y 1 A THR 54  ? A THR 4  
5  1 Y 1 A ALA 55  ? A ALA 5  
6  1 Y 1 A GLU 56  ? A GLU 6  
7  1 Y 1 A GLU 57  ? A GLU 7  
8  1 Y 1 A ASP 58  ? A ASP 8  
9  1 Y 1 A MET 59  ? A MET 9  
10 1 Y 1 A GLU 60  ? A GLU 10 
11 1 Y 1 A ASP 61  ? A ASP 11 
12 1 Y 1 A ASP 62  ? A ASP 12 
13 1 Y 1 A TYR 106 ? A TYR 56 
14 1 Y 1 A PRO 107 ? A PRO 57 
15 1 Y 1 A ASP 108 ? A ASP 58 
16 1 Y 1 A ARG 109 ? A ARG 59 
17 1 Y 1 A PRO 110 ? A PRO 60 
18 1 Y 1 A HIS 111 ? A HIS 61 
19 1 Y 1 B LEU 395 ? B LEU 1  
20 1 Y 1 B ASP 396 ? B ASP 2  
21 1 Y 1 B LEU 397 ? B LEU 3  
22 1 Y 1 B GLU 402 ? B GLU 8  
23 1 Y 1 B SER 403 ? B SER 9  
24 1 Y 1 B GLN 404 ? B GLN 10 
# 
loop_
_chem_comp_atom.comp_id 
_chem_comp_atom.atom_id 
_chem_comp_atom.type_symbol 
_chem_comp_atom.pdbx_aromatic_flag 
_chem_comp_atom.pdbx_stereo_config 
_chem_comp_atom.pdbx_ordinal 
ALA N    N N N 1   
ALA CA   C N S 2   
ALA C    C N N 3   
ALA O    O N N 4   
ALA CB   C N N 5   
ALA OXT  O N N 6   
ALA H    H N N 7   
ALA H2   H N N 8   
ALA HA   H N N 9   
ALA HB1  H N N 10  
ALA HB2  H N N 11  
ALA HB3  H N N 12  
ALA HXT  H N N 13  
ARG N    N N N 14  
ARG CA   C N S 15  
ARG C    C N N 16  
ARG O    O N N 17  
ARG CB   C N N 18  
ARG CG   C N N 19  
ARG CD   C N N 20  
ARG NE   N N N 21  
ARG CZ   C N N 22  
ARG NH1  N N N 23  
ARG NH2  N N N 24  
ARG OXT  O N N 25  
ARG H    H N N 26  
ARG H2   H N N 27  
ARG HA   H N N 28  
ARG HB2  H N N 29  
ARG HB3  H N N 30  
ARG HG2  H N N 31  
ARG HG3  H N N 32  
ARG HD2  H N N 33  
ARG HD3  H N N 34  
ARG HE   H N N 35  
ARG HH11 H N N 36  
ARG HH12 H N N 37  
ARG HH21 H N N 38  
ARG HH22 H N N 39  
ARG HXT  H N N 40  
ASN N    N N N 41  
ASN CA   C N S 42  
ASN C    C N N 43  
ASN O    O N N 44  
ASN CB   C N N 45  
ASN CG   C N N 46  
ASN OD1  O N N 47  
ASN ND2  N N N 48  
ASN OXT  O N N 49  
ASN H    H N N 50  
ASN H2   H N N 51  
ASN HA   H N N 52  
ASN HB2  H N N 53  
ASN HB3  H N N 54  
ASN HD21 H N N 55  
ASN HD22 H N N 56  
ASN HXT  H N N 57  
ASP N    N N N 58  
ASP CA   C N S 59  
ASP C    C N N 60  
ASP O    O N N 61  
ASP CB   C N N 62  
ASP CG   C N N 63  
ASP OD1  O N N 64  
ASP OD2  O N N 65  
ASP OXT  O N N 66  
ASP H    H N N 67  
ASP H2   H N N 68  
ASP HA   H N N 69  
ASP HB2  H N N 70  
ASP HB3  H N N 71  
ASP HD2  H N N 72  
ASP HXT  H N N 73  
CYS N    N N N 74  
CYS CA   C N R 75  
CYS C    C N N 76  
CYS O    O N N 77  
CYS CB   C N N 78  
CYS SG   S N N 79  
CYS OXT  O N N 80  
CYS H    H N N 81  
CYS H2   H N N 82  
CYS HA   H N N 83  
CYS HB2  H N N 84  
CYS HB3  H N N 85  
CYS HG   H N N 86  
CYS HXT  H N N 87  
GLN N    N N N 88  
GLN CA   C N S 89  
GLN C    C N N 90  
GLN O    O N N 91  
GLN CB   C N N 92  
GLN CG   C N N 93  
GLN CD   C N N 94  
GLN OE1  O N N 95  
GLN NE2  N N N 96  
GLN OXT  O N N 97  
GLN H    H N N 98  
GLN H2   H N N 99  
GLN HA   H N N 100 
GLN HB2  H N N 101 
GLN HB3  H N N 102 
GLN HG2  H N N 103 
GLN HG3  H N N 104 
GLN HE21 H N N 105 
GLN HE22 H N N 106 
GLN HXT  H N N 107 
GLU N    N N N 108 
GLU CA   C N S 109 
GLU C    C N N 110 
GLU O    O N N 111 
GLU CB   C N N 112 
GLU CG   C N N 113 
GLU CD   C N N 114 
GLU OE1  O N N 115 
GLU OE2  O N N 116 
GLU OXT  O N N 117 
GLU H    H N N 118 
GLU H2   H N N 119 
GLU HA   H N N 120 
GLU HB2  H N N 121 
GLU HB3  H N N 122 
GLU HG2  H N N 123 
GLU HG3  H N N 124 
GLU HE2  H N N 125 
GLU HXT  H N N 126 
GLY N    N N N 127 
GLY CA   C N N 128 
GLY C    C N N 129 
GLY O    O N N 130 
GLY OXT  O N N 131 
GLY H    H N N 132 
GLY H2   H N N 133 
GLY HA2  H N N 134 
GLY HA3  H N N 135 
GLY HXT  H N N 136 
HIS N    N N N 137 
HIS CA   C N S 138 
HIS C    C N N 139 
HIS O    O N N 140 
HIS CB   C N N 141 
HIS CG   C Y N 142 
HIS ND1  N Y N 143 
HIS CD2  C Y N 144 
HIS CE1  C Y N 145 
HIS NE2  N Y N 146 
HIS OXT  O N N 147 
HIS H    H N N 148 
HIS H2   H N N 149 
HIS HA   H N N 150 
HIS HB2  H N N 151 
HIS HB3  H N N 152 
HIS HD1  H N N 153 
HIS HD2  H N N 154 
HIS HE1  H N N 155 
HIS HE2  H N N 156 
HIS HXT  H N N 157 
HOH O    O N N 158 
HOH H1   H N N 159 
HOH H2   H N N 160 
ILE N    N N N 161 
ILE CA   C N S 162 
ILE C    C N N 163 
ILE O    O N N 164 
ILE CB   C N S 165 
ILE CG1  C N N 166 
ILE CG2  C N N 167 
ILE CD1  C N N 168 
ILE OXT  O N N 169 
ILE H    H N N 170 
ILE H2   H N N 171 
ILE HA   H N N 172 
ILE HB   H N N 173 
ILE HG12 H N N 174 
ILE HG13 H N N 175 
ILE HG21 H N N 176 
ILE HG22 H N N 177 
ILE HG23 H N N 178 
ILE HD11 H N N 179 
ILE HD12 H N N 180 
ILE HD13 H N N 181 
ILE HXT  H N N 182 
LEU N    N N N 183 
LEU CA   C N S 184 
LEU C    C N N 185 
LEU O    O N N 186 
LEU CB   C N N 187 
LEU CG   C N N 188 
LEU CD1  C N N 189 
LEU CD2  C N N 190 
LEU OXT  O N N 191 
LEU H    H N N 192 
LEU H2   H N N 193 
LEU HA   H N N 194 
LEU HB2  H N N 195 
LEU HB3  H N N 196 
LEU HG   H N N 197 
LEU HD11 H N N 198 
LEU HD12 H N N 199 
LEU HD13 H N N 200 
LEU HD21 H N N 201 
LEU HD22 H N N 202 
LEU HD23 H N N 203 
LEU HXT  H N N 204 
LYS N    N N N 205 
LYS CA   C N S 206 
LYS C    C N N 207 
LYS O    O N N 208 
LYS CB   C N N 209 
LYS CG   C N N 210 
LYS CD   C N N 211 
LYS CE   C N N 212 
LYS NZ   N N N 213 
LYS OXT  O N N 214 
LYS H    H N N 215 
LYS H2   H N N 216 
LYS HA   H N N 217 
LYS HB2  H N N 218 
LYS HB3  H N N 219 
LYS HG2  H N N 220 
LYS HG3  H N N 221 
LYS HD2  H N N 222 
LYS HD3  H N N 223 
LYS HE2  H N N 224 
LYS HE3  H N N 225 
LYS HZ1  H N N 226 
LYS HZ2  H N N 227 
LYS HZ3  H N N 228 
LYS HXT  H N N 229 
MET N    N N N 230 
MET CA   C N S 231 
MET C    C N N 232 
MET O    O N N 233 
MET CB   C N N 234 
MET CG   C N N 235 
MET SD   S N N 236 
MET CE   C N N 237 
MET OXT  O N N 238 
MET H    H N N 239 
MET H2   H N N 240 
MET HA   H N N 241 
MET HB2  H N N 242 
MET HB3  H N N 243 
MET HG2  H N N 244 
MET HG3  H N N 245 
MET HE1  H N N 246 
MET HE2  H N N 247 
MET HE3  H N N 248 
MET HXT  H N N 249 
PHE N    N N N 250 
PHE CA   C N S 251 
PHE C    C N N 252 
PHE O    O N N 253 
PHE CB   C N N 254 
PHE CG   C Y N 255 
PHE CD1  C Y N 256 
PHE CD2  C Y N 257 
PHE CE1  C Y N 258 
PHE CE2  C Y N 259 
PHE CZ   C Y N 260 
PHE OXT  O N N 261 
PHE H    H N N 262 
PHE H2   H N N 263 
PHE HA   H N N 264 
PHE HB2  H N N 265 
PHE HB3  H N N 266 
PHE HD1  H N N 267 
PHE HD2  H N N 268 
PHE HE1  H N N 269 
PHE HE2  H N N 270 
PHE HZ   H N N 271 
PHE HXT  H N N 272 
PRO N    N N N 273 
PRO CA   C N S 274 
PRO C    C N N 275 
PRO O    O N N 276 
PRO CB   C N N 277 
PRO CG   C N N 278 
PRO CD   C N N 279 
PRO OXT  O N N 280 
PRO H    H N N 281 
PRO HA   H N N 282 
PRO HB2  H N N 283 
PRO HB3  H N N 284 
PRO HG2  H N N 285 
PRO HG3  H N N 286 
PRO HD2  H N N 287 
PRO HD3  H N N 288 
PRO HXT  H N N 289 
SER N    N N N 290 
SER CA   C N S 291 
SER C    C N N 292 
SER O    O N N 293 
SER CB   C N N 294 
SER OG   O N N 295 
SER OXT  O N N 296 
SER H    H N N 297 
SER H2   H N N 298 
SER HA   H N N 299 
SER HB2  H N N 300 
SER HB3  H N N 301 
SER HG   H N N 302 
SER HXT  H N N 303 
THR N    N N N 304 
THR CA   C N S 305 
THR C    C N N 306 
THR O    O N N 307 
THR CB   C N R 308 
THR OG1  O N N 309 
THR CG2  C N N 310 
THR OXT  O N N 311 
THR H    H N N 312 
THR H2   H N N 313 
THR HA   H N N 314 
THR HB   H N N 315 
THR HG1  H N N 316 
THR HG21 H N N 317 
THR HG22 H N N 318 
THR HG23 H N N 319 
THR HXT  H N N 320 
TRP N    N N N 321 
TRP CA   C N S 322 
TRP C    C N N 323 
TRP O    O N N 324 
TRP CB   C N N 325 
TRP CG   C Y N 326 
TRP CD1  C Y N 327 
TRP CD2  C Y N 328 
TRP NE1  N Y N 329 
TRP CE2  C Y N 330 
TRP CE3  C Y N 331 
TRP CZ2  C Y N 332 
TRP CZ3  C Y N 333 
TRP CH2  C Y N 334 
TRP OXT  O N N 335 
TRP H    H N N 336 
TRP H2   H N N 337 
TRP HA   H N N 338 
TRP HB2  H N N 339 
TRP HB3  H N N 340 
TRP HD1  H N N 341 
TRP HE1  H N N 342 
TRP HE3  H N N 343 
TRP HZ2  H N N 344 
TRP HZ3  H N N 345 
TRP HH2  H N N 346 
TRP HXT  H N N 347 
TYR N    N N N 348 
TYR CA   C N S 349 
TYR C    C N N 350 
TYR O    O N N 351 
TYR CB   C N N 352 
TYR CG   C Y N 353 
TYR CD1  C Y N 354 
TYR CD2  C Y N 355 
TYR CE1  C Y N 356 
TYR CE2  C Y N 357 
TYR CZ   C Y N 358 
TYR OH   O N N 359 
TYR OXT  O N N 360 
TYR H    H N N 361 
TYR H2   H N N 362 
TYR HA   H N N 363 
TYR HB2  H N N 364 
TYR HB3  H N N 365 
TYR HD1  H N N 366 
TYR HD2  H N N 367 
TYR HE1  H N N 368 
TYR HE2  H N N 369 
TYR HH   H N N 370 
TYR HXT  H N N 371 
VAL N    N N N 372 
VAL CA   C N S 373 
VAL C    C N N 374 
VAL O    O N N 375 
VAL CB   C N N 376 
VAL CG1  C N N 377 
VAL CG2  C N N 378 
VAL OXT  O N N 379 
VAL H    H N N 380 
VAL H2   H N N 381 
VAL HA   H N N 382 
VAL HB   H N N 383 
VAL HG11 H N N 384 
VAL HG12 H N N 385 
VAL HG13 H N N 386 
VAL HG21 H N N 387 
VAL HG22 H N N 388 
VAL HG23 H N N 389 
VAL HXT  H N N 390 
# 
loop_
_chem_comp_bond.comp_id 
_chem_comp_bond.atom_id_1 
_chem_comp_bond.atom_id_2 
_chem_comp_bond.value_order 
_chem_comp_bond.pdbx_aromatic_flag 
_chem_comp_bond.pdbx_stereo_config 
_chem_comp_bond.pdbx_ordinal 
ALA N   CA   sing N N 1   
ALA N   H    sing N N 2   
ALA N   H2   sing N N 3   
ALA CA  C    sing N N 4   
ALA CA  CB   sing N N 5   
ALA CA  HA   sing N N 6   
ALA C   O    doub N N 7   
ALA C   OXT  sing N N 8   
ALA CB  HB1  sing N N 9   
ALA CB  HB2  sing N N 10  
ALA CB  HB3  sing N N 11  
ALA OXT HXT  sing N N 12  
ARG N   CA   sing N N 13  
ARG N   H    sing N N 14  
ARG N   H2   sing N N 15  
ARG CA  C    sing N N 16  
ARG CA  CB   sing N N 17  
ARG CA  HA   sing N N 18  
ARG C   O    doub N N 19  
ARG C   OXT  sing N N 20  
ARG CB  CG   sing N N 21  
ARG CB  HB2  sing N N 22  
ARG CB  HB3  sing N N 23  
ARG CG  CD   sing N N 24  
ARG CG  HG2  sing N N 25  
ARG CG  HG3  sing N N 26  
ARG CD  NE   sing N N 27  
ARG CD  HD2  sing N N 28  
ARG CD  HD3  sing N N 29  
ARG NE  CZ   sing N N 30  
ARG NE  HE   sing N N 31  
ARG CZ  NH1  sing N N 32  
ARG CZ  NH2  doub N N 33  
ARG NH1 HH11 sing N N 34  
ARG NH1 HH12 sing N N 35  
ARG NH2 HH21 sing N N 36  
ARG NH2 HH22 sing N N 37  
ARG OXT HXT  sing N N 38  
ASN N   CA   sing N N 39  
ASN N   H    sing N N 40  
ASN N   H2   sing N N 41  
ASN CA  C    sing N N 42  
ASN CA  CB   sing N N 43  
ASN CA  HA   sing N N 44  
ASN C   O    doub N N 45  
ASN C   OXT  sing N N 46  
ASN CB  CG   sing N N 47  
ASN CB  HB2  sing N N 48  
ASN CB  HB3  sing N N 49  
ASN CG  OD1  doub N N 50  
ASN CG  ND2  sing N N 51  
ASN ND2 HD21 sing N N 52  
ASN ND2 HD22 sing N N 53  
ASN OXT HXT  sing N N 54  
ASP N   CA   sing N N 55  
ASP N   H    sing N N 56  
ASP N   H2   sing N N 57  
ASP CA  C    sing N N 58  
ASP CA  CB   sing N N 59  
ASP CA  HA   sing N N 60  
ASP C   O    doub N N 61  
ASP C   OXT  sing N N 62  
ASP CB  CG   sing N N 63  
ASP CB  HB2  sing N N 64  
ASP CB  HB3  sing N N 65  
ASP CG  OD1  doub N N 66  
ASP CG  OD2  sing N N 67  
ASP OD2 HD2  sing N N 68  
ASP OXT HXT  sing N N 69  
CYS N   CA   sing N N 70  
CYS N   H    sing N N 71  
CYS N   H2   sing N N 72  
CYS CA  C    sing N N 73  
CYS CA  CB   sing N N 74  
CYS CA  HA   sing N N 75  
CYS C   O    doub N N 76  
CYS C   OXT  sing N N 77  
CYS CB  SG   sing N N 78  
CYS CB  HB2  sing N N 79  
CYS CB  HB3  sing N N 80  
CYS SG  HG   sing N N 81  
CYS OXT HXT  sing N N 82  
GLN N   CA   sing N N 83  
GLN N   H    sing N N 84  
GLN N   H2   sing N N 85  
GLN CA  C    sing N N 86  
GLN CA  CB   sing N N 87  
GLN CA  HA   sing N N 88  
GLN C   O    doub N N 89  
GLN C   OXT  sing N N 90  
GLN CB  CG   sing N N 91  
GLN CB  HB2  sing N N 92  
GLN CB  HB3  sing N N 93  
GLN CG  CD   sing N N 94  
GLN CG  HG2  sing N N 95  
GLN CG  HG3  sing N N 96  
GLN CD  OE1  doub N N 97  
GLN CD  NE2  sing N N 98  
GLN NE2 HE21 sing N N 99  
GLN NE2 HE22 sing N N 100 
GLN OXT HXT  sing N N 101 
GLU N   CA   sing N N 102 
GLU N   H    sing N N 103 
GLU N   H2   sing N N 104 
GLU CA  C    sing N N 105 
GLU CA  CB   sing N N 106 
GLU CA  HA   sing N N 107 
GLU C   O    doub N N 108 
GLU C   OXT  sing N N 109 
GLU CB  CG   sing N N 110 
GLU CB  HB2  sing N N 111 
GLU CB  HB3  sing N N 112 
GLU CG  CD   sing N N 113 
GLU CG  HG2  sing N N 114 
GLU CG  HG3  sing N N 115 
GLU CD  OE1  doub N N 116 
GLU CD  OE2  sing N N 117 
GLU OE2 HE2  sing N N 118 
GLU OXT HXT  sing N N 119 
GLY N   CA   sing N N 120 
GLY N   H    sing N N 121 
GLY N   H2   sing N N 122 
GLY CA  C    sing N N 123 
GLY CA  HA2  sing N N 124 
GLY CA  HA3  sing N N 125 
GLY C   O    doub N N 126 
GLY C   OXT  sing N N 127 
GLY OXT HXT  sing N N 128 
HIS N   CA   sing N N 129 
HIS N   H    sing N N 130 
HIS N   H2   sing N N 131 
HIS CA  C    sing N N 132 
HIS CA  CB   sing N N 133 
HIS CA  HA   sing N N 134 
HIS C   O    doub N N 135 
HIS C   OXT  sing N N 136 
HIS CB  CG   sing N N 137 
HIS CB  HB2  sing N N 138 
HIS CB  HB3  sing N N 139 
HIS CG  ND1  sing Y N 140 
HIS CG  CD2  doub Y N 141 
HIS ND1 CE1  doub Y N 142 
HIS ND1 HD1  sing N N 143 
HIS CD2 NE2  sing Y N 144 
HIS CD2 HD2  sing N N 145 
HIS CE1 NE2  sing Y N 146 
HIS CE1 HE1  sing N N 147 
HIS NE2 HE2  sing N N 148 
HIS OXT HXT  sing N N 149 
HOH O   H1   sing N N 150 
HOH O   H2   sing N N 151 
ILE N   CA   sing N N 152 
ILE N   H    sing N N 153 
ILE N   H2   sing N N 154 
ILE CA  C    sing N N 155 
ILE CA  CB   sing N N 156 
ILE CA  HA   sing N N 157 
ILE C   O    doub N N 158 
ILE C   OXT  sing N N 159 
ILE CB  CG1  sing N N 160 
ILE CB  CG2  sing N N 161 
ILE CB  HB   sing N N 162 
ILE CG1 CD1  sing N N 163 
ILE CG1 HG12 sing N N 164 
ILE CG1 HG13 sing N N 165 
ILE CG2 HG21 sing N N 166 
ILE CG2 HG22 sing N N 167 
ILE CG2 HG23 sing N N 168 
ILE CD1 HD11 sing N N 169 
ILE CD1 HD12 sing N N 170 
ILE CD1 HD13 sing N N 171 
ILE OXT HXT  sing N N 172 
LEU N   CA   sing N N 173 
LEU N   H    sing N N 174 
LEU N   H2   sing N N 175 
LEU CA  C    sing N N 176 
LEU CA  CB   sing N N 177 
LEU CA  HA   sing N N 178 
LEU C   O    doub N N 179 
LEU C   OXT  sing N N 180 
LEU CB  CG   sing N N 181 
LEU CB  HB2  sing N N 182 
LEU CB  HB3  sing N N 183 
LEU CG  CD1  sing N N 184 
LEU CG  CD2  sing N N 185 
LEU CG  HG   sing N N 186 
LEU CD1 HD11 sing N N 187 
LEU CD1 HD12 sing N N 188 
LEU CD1 HD13 sing N N 189 
LEU CD2 HD21 sing N N 190 
LEU CD2 HD22 sing N N 191 
LEU CD2 HD23 sing N N 192 
LEU OXT HXT  sing N N 193 
LYS N   CA   sing N N 194 
LYS N   H    sing N N 195 
LYS N   H2   sing N N 196 
LYS CA  C    sing N N 197 
LYS CA  CB   sing N N 198 
LYS CA  HA   sing N N 199 
LYS C   O    doub N N 200 
LYS C   OXT  sing N N 201 
LYS CB  CG   sing N N 202 
LYS CB  HB2  sing N N 203 
LYS CB  HB3  sing N N 204 
LYS CG  CD   sing N N 205 
LYS CG  HG2  sing N N 206 
LYS CG  HG3  sing N N 207 
LYS CD  CE   sing N N 208 
LYS CD  HD2  sing N N 209 
LYS CD  HD3  sing N N 210 
LYS CE  NZ   sing N N 211 
LYS CE  HE2  sing N N 212 
LYS CE  HE3  sing N N 213 
LYS NZ  HZ1  sing N N 214 
LYS NZ  HZ2  sing N N 215 
LYS NZ  HZ3  sing N N 216 
LYS OXT HXT  sing N N 217 
MET N   CA   sing N N 218 
MET N   H    sing N N 219 
MET N   H2   sing N N 220 
MET CA  C    sing N N 221 
MET CA  CB   sing N N 222 
MET CA  HA   sing N N 223 
MET C   O    doub N N 224 
MET C   OXT  sing N N 225 
MET CB  CG   sing N N 226 
MET CB  HB2  sing N N 227 
MET CB  HB3  sing N N 228 
MET CG  SD   sing N N 229 
MET CG  HG2  sing N N 230 
MET CG  HG3  sing N N 231 
MET SD  CE   sing N N 232 
MET CE  HE1  sing N N 233 
MET CE  HE2  sing N N 234 
MET CE  HE3  sing N N 235 
MET OXT HXT  sing N N 236 
PHE N   CA   sing N N 237 
PHE N   H    sing N N 238 
PHE N   H2   sing N N 239 
PHE CA  C    sing N N 240 
PHE CA  CB   sing N N 241 
PHE CA  HA   sing N N 242 
PHE C   O    doub N N 243 
PHE C   OXT  sing N N 244 
PHE CB  CG   sing N N 245 
PHE CB  HB2  sing N N 246 
PHE CB  HB3  sing N N 247 
PHE CG  CD1  doub Y N 248 
PHE CG  CD2  sing Y N 249 
PHE CD1 CE1  sing Y N 250 
PHE CD1 HD1  sing N N 251 
PHE CD2 CE2  doub Y N 252 
PHE CD2 HD2  sing N N 253 
PHE CE1 CZ   doub Y N 254 
PHE CE1 HE1  sing N N 255 
PHE CE2 CZ   sing Y N 256 
PHE CE2 HE2  sing N N 257 
PHE CZ  HZ   sing N N 258 
PHE OXT HXT  sing N N 259 
PRO N   CA   sing N N 260 
PRO N   CD   sing N N 261 
PRO N   H    sing N N 262 
PRO CA  C    sing N N 263 
PRO CA  CB   sing N N 264 
PRO CA  HA   sing N N 265 
PRO C   O    doub N N 266 
PRO C   OXT  sing N N 267 
PRO CB  CG   sing N N 268 
PRO CB  HB2  sing N N 269 
PRO CB  HB3  sing N N 270 
PRO CG  CD   sing N N 271 
PRO CG  HG2  sing N N 272 
PRO CG  HG3  sing N N 273 
PRO CD  HD2  sing N N 274 
PRO CD  HD3  sing N N 275 
PRO OXT HXT  sing N N 276 
SER N   CA   sing N N 277 
SER N   H    sing N N 278 
SER N   H2   sing N N 279 
SER CA  C    sing N N 280 
SER CA  CB   sing N N 281 
SER CA  HA   sing N N 282 
SER C   O    doub N N 283 
SER C   OXT  sing N N 284 
SER CB  OG   sing N N 285 
SER CB  HB2  sing N N 286 
SER CB  HB3  sing N N 287 
SER OG  HG   sing N N 288 
SER OXT HXT  sing N N 289 
THR N   CA   sing N N 290 
THR N   H    sing N N 291 
THR N   H2   sing N N 292 
THR CA  C    sing N N 293 
THR CA  CB   sing N N 294 
THR CA  HA   sing N N 295 
THR C   O    doub N N 296 
THR C   OXT  sing N N 297 
THR CB  OG1  sing N N 298 
THR CB  CG2  sing N N 299 
THR CB  HB   sing N N 300 
THR OG1 HG1  sing N N 301 
THR CG2 HG21 sing N N 302 
THR CG2 HG22 sing N N 303 
THR CG2 HG23 sing N N 304 
THR OXT HXT  sing N N 305 
TRP N   CA   sing N N 306 
TRP N   H    sing N N 307 
TRP N   H2   sing N N 308 
TRP CA  C    sing N N 309 
TRP CA  CB   sing N N 310 
TRP CA  HA   sing N N 311 
TRP C   O    doub N N 312 
TRP C   OXT  sing N N 313 
TRP CB  CG   sing N N 314 
TRP CB  HB2  sing N N 315 
TRP CB  HB3  sing N N 316 
TRP CG  CD1  doub Y N 317 
TRP CG  CD2  sing Y N 318 
TRP CD1 NE1  sing Y N 319 
TRP CD1 HD1  sing N N 320 
TRP CD2 CE2  doub Y N 321 
TRP CD2 CE3  sing Y N 322 
TRP NE1 CE2  sing Y N 323 
TRP NE1 HE1  sing N N 324 
TRP CE2 CZ2  sing Y N 325 
TRP CE3 CZ3  doub Y N 326 
TRP CE3 HE3  sing N N 327 
TRP CZ2 CH2  doub Y N 328 
TRP CZ2 HZ2  sing N N 329 
TRP CZ3 CH2  sing Y N 330 
TRP CZ3 HZ3  sing N N 331 
TRP CH2 HH2  sing N N 332 
TRP OXT HXT  sing N N 333 
TYR N   CA   sing N N 334 
TYR N   H    sing N N 335 
TYR N   H2   sing N N 336 
TYR CA  C    sing N N 337 
TYR CA  CB   sing N N 338 
TYR CA  HA   sing N N 339 
TYR C   O    doub N N 340 
TYR C   OXT  sing N N 341 
TYR CB  CG   sing N N 342 
TYR CB  HB2  sing N N 343 
TYR CB  HB3  sing N N 344 
TYR CG  CD1  doub Y N 345 
TYR CG  CD2  sing Y N 346 
TYR CD1 CE1  sing Y N 347 
TYR CD1 HD1  sing N N 348 
TYR CD2 CE2  doub Y N 349 
TYR CD2 HD2  sing N N 350 
TYR CE1 CZ   doub Y N 351 
TYR CE1 HE1  sing N N 352 
TYR CE2 CZ   sing Y N 353 
TYR CE2 HE2  sing N N 354 
TYR CZ  OH   sing N N 355 
TYR OH  HH   sing N N 356 
TYR OXT HXT  sing N N 357 
VAL N   CA   sing N N 358 
VAL N   H    sing N N 359 
VAL N   H2   sing N N 360 
VAL CA  C    sing N N 361 
VAL CA  CB   sing N N 362 
VAL CA  HA   sing N N 363 
VAL C   O    doub N N 364 
VAL C   OXT  sing N N 365 
VAL CB  CG1  sing N N 366 
VAL CB  CG2  sing N N 367 
VAL CB  HB   sing N N 368 
VAL CG1 HG11 sing N N 369 
VAL CG1 HG12 sing N N 370 
VAL CG1 HG13 sing N N 371 
VAL CG2 HG21 sing N N 372 
VAL CG2 HG22 sing N N 373 
VAL CG2 HG23 sing N N 374 
VAL OXT HXT  sing N N 375 
# 
_pdbx_entity_nonpoly.entity_id   3 
_pdbx_entity_nonpoly.name        water 
_pdbx_entity_nonpoly.comp_id     HOH 
# 
_pdbx_initial_refinement_model.id               1 
_pdbx_initial_refinement_model.entity_id_list   ? 
_pdbx_initial_refinement_model.type             'experimental model' 
_pdbx_initial_refinement_model.source_name      PDB 
_pdbx_initial_refinement_model.accession_code   1YY6 
_pdbx_initial_refinement_model.details          'PDB entry 1YY6' 
# 
